data_7F27
#
_entry.id   7F27
#
_cell.length_a   62.576
_cell.length_b   109.525
_cell.length_c   122.902
_cell.angle_alpha   90.000
_cell.angle_beta   97.400
_cell.angle_gamma   90.000
#
_symmetry.space_group_name_H-M   'P 1 21 1'
#
loop_
_entity.id
_entity.type
_entity.pdbx_description
1 polymer '3-oxoacyl-(Acyl-carrier-protein) synthase'
2 water water
#
_entity_poly.entity_id   1
_entity_poly.type   'polypeptide(L)'
_entity_poly.pdbx_seq_one_letter_code
;MKRVVVTGMAGITSLGETADDIFARFEAGKSGIRYMPEWEQYVDLRTKLAGPVETFHIPKHFNRKVTRGMGRVALMSVVC
AETALQNAGLLGHEILSSGEAGVAFGSSAGSVDAVGEFASMLLHQSMSKINATTYIRMMAHTSAVNMTVYFGLKGLTLPT
SSACTSGSMAIGQAYEAIKYGKQQVMIAGGAEELSAAGAAVFDVLFATSGMNDQPEKTPRPFDAKRDGLVIGEGAGCLIL
EEYEHAKARGAHIYAEVIGYGSNTDGQHVTRPESEMMGRCMELALKDASVEAKDIAYVNAHGTSTDQGDVAESQATAKVL
GYKPISSLKSYFGHTLGACGAIEAWLSIEMMNRGRFIPTLNLDEIDSLCGELDYIVQQPRNLDADIIMSNNFAFGGINTS
LIFKRVKQ
;
_entity_poly.pdbx_strand_id   A,B,C,D
#
# COMPACT_ATOMS: atom_id res chain seq x y z
N MET A 1 -16.79 21.95 32.30
CA MET A 1 -17.92 21.62 31.41
C MET A 1 -18.02 22.56 30.24
N LYS A 2 -18.18 22.05 29.02
CA LYS A 2 -18.17 22.90 27.83
C LYS A 2 -19.57 23.09 27.27
N ARG A 3 -19.78 24.22 26.59
CA ARG A 3 -20.97 24.42 25.79
C ARG A 3 -20.74 23.88 24.38
N VAL A 4 -21.83 23.49 23.73
CA VAL A 4 -21.81 22.72 22.49
C VAL A 4 -22.78 23.37 21.51
N VAL A 5 -22.29 23.69 20.29
CA VAL A 5 -23.09 24.37 19.31
C VAL A 5 -23.10 23.58 18.00
N VAL A 6 -24.10 23.88 17.18
CA VAL A 6 -24.28 23.24 15.89
C VAL A 6 -23.76 24.23 14.86
N THR A 7 -22.71 23.86 14.12
CA THR A 7 -22.16 24.76 13.11
C THR A 7 -22.36 24.28 11.68
N GLY A 8 -22.89 23.08 11.49
CA GLY A 8 -23.16 22.57 10.16
C GLY A 8 -24.31 21.60 10.22
N MET A 9 -25.10 21.57 9.16
CA MET A 9 -26.31 20.73 9.10
C MET A 9 -26.58 20.33 7.66
N ALA A 10 -27.05 19.08 7.48
CA ALA A 10 -27.37 18.59 6.15
C ALA A 10 -28.25 17.36 6.25
N GLY A 11 -28.98 17.09 5.17
CA GLY A 11 -29.79 15.88 5.12
C GLY A 11 -30.14 15.51 3.69
N ILE A 12 -30.60 14.27 3.54
CA ILE A 12 -31.07 13.75 2.27
C ILE A 12 -32.43 13.13 2.53
N THR A 13 -33.48 13.67 1.92
CA THR A 13 -34.86 13.27 2.21
C THR A 13 -35.65 13.12 0.92
N SER A 14 -36.83 12.50 1.06
CA SER A 14 -37.79 12.40 -0.02
C SER A 14 -38.37 13.74 -0.46
N LEU A 15 -38.11 14.81 0.29
CA LEU A 15 -38.55 16.15 -0.11
C LEU A 15 -37.42 17.03 -0.63
N GLY A 16 -36.19 16.52 -0.71
CA GLY A 16 -35.06 17.26 -1.24
C GLY A 16 -33.85 17.17 -0.33
N GLU A 17 -32.78 17.85 -0.75
CA GLU A 17 -31.50 17.79 -0.03
C GLU A 17 -31.03 19.14 0.47
N THR A 18 -31.86 20.18 0.41
CA THR A 18 -31.54 21.44 1.06
C THR A 18 -32.74 21.83 1.91
N ALA A 19 -32.48 22.58 2.98
CA ALA A 19 -33.58 23.06 3.80
C ALA A 19 -34.56 23.91 2.98
N ASP A 20 -34.05 24.74 2.05
CA ASP A 20 -34.94 25.60 1.28
C ASP A 20 -35.89 24.78 0.41
N ASP A 21 -35.37 23.74 -0.28
CA ASP A 21 -36.21 22.88 -1.10
C ASP A 21 -37.23 22.13 -0.25
N ILE A 22 -36.79 21.61 0.91
CA ILE A 22 -37.70 20.84 1.75
C ILE A 22 -38.83 21.74 2.26
N PHE A 23 -38.48 22.93 2.75
CA PHE A 23 -39.49 23.84 3.28
C PHE A 23 -40.45 24.34 2.20
N ALA A 24 -39.98 24.47 0.96
CA ALA A 24 -40.91 24.77 -0.13
C ALA A 24 -41.93 23.65 -0.28
N ARG A 25 -41.51 22.39 -0.12
CA ARG A 25 -42.47 21.30 -0.21
C ARG A 25 -43.38 21.26 1.02
N PHE A 26 -42.84 21.55 2.21
CA PHE A 26 -43.70 21.71 3.38
C PHE A 26 -44.84 22.70 3.09
N GLU A 27 -44.49 23.89 2.57
CA GLU A 27 -45.49 24.94 2.36
C GLU A 27 -46.56 24.49 1.39
N ALA A 28 -46.18 23.69 0.39
CA ALA A 28 -47.12 23.16 -0.60
C ALA A 28 -47.93 21.98 -0.10
N GLY A 29 -47.59 21.42 1.07
CA GLY A 29 -48.37 20.35 1.64
C GLY A 29 -48.22 19.01 0.95
N LYS A 30 -47.04 18.71 0.42
CA LYS A 30 -46.80 17.53 -0.38
C LYS A 30 -45.86 16.59 0.37
N SER A 31 -46.31 15.37 0.61
CA SER A 31 -45.46 14.39 1.30
C SER A 31 -44.57 13.68 0.28
N GLY A 32 -43.63 12.90 0.80
CA GLY A 32 -42.83 12.01 -0.03
C GLY A 32 -43.37 10.60 -0.13
N ILE A 33 -44.61 10.35 0.35
CA ILE A 33 -45.19 9.01 0.38
C ILE A 33 -45.73 8.66 -1.01
N ARG A 34 -45.47 7.43 -1.45
CA ARG A 34 -46.03 6.99 -2.72
C ARG A 34 -46.37 5.52 -2.66
N TYR A 35 -47.23 5.11 -3.59
CA TYR A 35 -47.51 3.70 -3.79
C TYR A 35 -46.29 3.01 -4.37
N MET A 36 -46.07 1.76 -3.98
CA MET A 36 -44.89 0.99 -4.34
C MET A 36 -45.31 -0.19 -5.21
N PRO A 37 -45.44 0.00 -6.52
CA PRO A 37 -45.70 -1.15 -7.40
C PRO A 37 -44.61 -2.20 -7.32
N GLU A 38 -43.36 -1.81 -7.08
CA GLU A 38 -42.28 -2.78 -6.97
C GLU A 38 -42.41 -3.68 -5.74
N TRP A 39 -43.34 -3.39 -4.82
CA TRP A 39 -43.58 -4.28 -3.69
C TRP A 39 -44.76 -5.20 -3.91
N GLU A 40 -45.44 -5.11 -5.05
CA GLU A 40 -46.51 -6.05 -5.34
C GLU A 40 -46.00 -7.48 -5.37
N GLN A 41 -44.73 -7.68 -5.76
CA GLN A 41 -44.14 -9.00 -5.85
C GLN A 41 -44.08 -9.73 -4.50
N TYR A 42 -44.24 -9.02 -3.38
CA TYR A 42 -44.25 -9.64 -2.05
C TYR A 42 -45.72 -9.81 -1.62
N VAL A 43 -46.28 -10.99 -1.87
CA VAL A 43 -47.74 -11.14 -1.79
C VAL A 43 -48.22 -11.03 -0.35
N ASP A 44 -47.44 -11.56 0.61
CA ASP A 44 -47.87 -11.53 2.00
C ASP A 44 -47.74 -10.14 2.64
N LEU A 45 -47.06 -9.20 1.98
CA LEU A 45 -46.86 -7.85 2.51
C LEU A 45 -48.10 -7.02 2.26
N ARG A 46 -48.76 -6.60 3.34
CA ARG A 46 -50.01 -5.87 3.20
C ARG A 46 -49.77 -4.41 2.81
N THR A 47 -48.84 -3.72 3.48
CA THR A 47 -48.58 -2.33 3.11
C THR A 47 -47.84 -2.27 1.77
N LYS A 48 -48.26 -1.33 0.93
CA LYS A 48 -47.59 -1.05 -0.32
C LYS A 48 -47.22 0.43 -0.40
N LEU A 49 -46.83 1.02 0.73
CA LEU A 49 -46.52 2.44 0.85
C LEU A 49 -45.10 2.64 1.36
N ALA A 50 -44.45 3.70 0.87
CA ALA A 50 -43.12 4.04 1.36
C ALA A 50 -42.80 5.50 1.01
N GLY A 51 -41.73 6.01 1.63
CA GLY A 51 -41.18 7.29 1.28
C GLY A 51 -39.74 7.21 0.80
N PRO A 52 -39.52 6.70 -0.41
CA PRO A 52 -38.15 6.56 -0.90
C PRO A 52 -37.56 7.89 -1.32
N VAL A 53 -36.23 7.94 -1.28
CA VAL A 53 -35.49 9.04 -1.88
C VAL A 53 -35.21 8.63 -3.33
N GLU A 54 -35.81 9.33 -4.28
CA GLU A 54 -35.62 8.91 -5.66
C GLU A 54 -34.25 9.30 -6.18
N THR A 55 -33.72 10.44 -5.76
CA THR A 55 -32.40 10.83 -6.22
C THR A 55 -31.75 11.74 -5.18
N PHE A 56 -30.43 11.64 -5.10
CA PHE A 56 -29.63 12.63 -4.38
C PHE A 56 -28.32 12.80 -5.13
N HIS A 57 -27.72 13.97 -4.97
CA HIS A 57 -26.49 14.27 -5.68
C HIS A 57 -25.31 13.52 -5.04
N ILE A 58 -24.49 12.90 -5.88
CA ILE A 58 -23.28 12.20 -5.45
C ILE A 58 -22.08 12.85 -6.12
N PRO A 59 -21.22 13.54 -5.40
CA PRO A 59 -20.06 14.17 -6.04
C PRO A 59 -19.15 13.16 -6.74
N LYS A 60 -18.43 13.69 -7.73
CA LYS A 60 -17.61 12.88 -8.64
C LYS A 60 -16.58 12.05 -7.89
N HIS A 61 -15.98 12.61 -6.85
CA HIS A 61 -14.90 11.92 -6.16
C HIS A 61 -15.37 10.69 -5.38
N PHE A 62 -16.68 10.46 -5.27
CA PHE A 62 -17.19 9.22 -4.69
C PHE A 62 -17.22 8.15 -5.79
N ASN A 63 -16.02 7.72 -6.17
CA ASN A 63 -15.86 6.72 -7.22
C ASN A 63 -15.96 5.31 -6.62
N ARG A 64 -15.73 4.31 -7.47
CA ARG A 64 -15.96 2.93 -7.06
C ARG A 64 -14.93 2.48 -6.03
N LYS A 65 -13.69 2.98 -6.14
CA LYS A 65 -12.68 2.69 -5.12
C LYS A 65 -13.07 3.31 -3.78
N VAL A 66 -13.57 4.55 -3.80
CA VAL A 66 -13.92 5.23 -2.56
C VAL A 66 -15.13 4.58 -1.91
N THR A 67 -16.09 4.09 -2.70
CA THR A 67 -17.35 3.59 -2.17
C THR A 67 -17.42 2.06 -2.08
N ARG A 68 -16.29 1.36 -2.21
CA ARG A 68 -16.37 -0.10 -2.26
C ARG A 68 -16.81 -0.72 -0.93
N GLY A 69 -16.60 -0.03 0.18
CA GLY A 69 -17.14 -0.46 1.46
C GLY A 69 -18.46 0.15 1.86
N MET A 70 -19.14 0.85 0.95
CA MET A 70 -20.42 1.50 1.25
C MET A 70 -21.55 0.86 0.47
N GLY A 71 -22.59 0.42 1.18
CA GLY A 71 -23.89 0.24 0.58
C GLY A 71 -24.61 1.57 0.53
N ARG A 72 -25.89 1.51 0.12
CA ARG A 72 -26.68 2.74 -0.03
C ARG A 72 -26.74 3.55 1.25
N VAL A 73 -26.99 2.87 2.39
CA VAL A 73 -27.12 3.60 3.65
C VAL A 73 -25.82 4.34 3.99
N ALA A 74 -24.68 3.69 3.77
CA ALA A 74 -23.40 4.32 4.12
C ALA A 74 -23.05 5.45 3.15
N LEU A 75 -23.36 5.28 1.87
CA LEU A 75 -23.08 6.33 0.91
C LEU A 75 -23.89 7.60 1.21
N MET A 76 -25.19 7.45 1.45
CA MET A 76 -26.02 8.58 1.87
C MET A 76 -25.46 9.26 3.11
N SER A 77 -25.01 8.47 4.08
CA SER A 77 -24.42 9.02 5.30
C SER A 77 -23.17 9.86 5.00
N VAL A 78 -22.22 9.30 4.23
CA VAL A 78 -20.96 9.99 4.01
C VAL A 78 -21.19 11.23 3.15
N VAL A 79 -22.07 11.13 2.15
CA VAL A 79 -22.34 12.29 1.29
C VAL A 79 -22.98 13.39 2.12
N CYS A 80 -23.97 13.03 2.92
CA CYS A 80 -24.63 13.97 3.81
C CYS A 80 -23.63 14.64 4.75
N ALA A 81 -22.75 13.84 5.36
CA ALA A 81 -21.79 14.39 6.32
C ALA A 81 -20.81 15.34 5.63
N GLU A 82 -20.38 15.03 4.40
CA GLU A 82 -19.49 15.95 3.70
C GLU A 82 -20.16 17.30 3.49
N THR A 83 -21.43 17.28 3.09
CA THR A 83 -22.19 18.51 2.91
C THR A 83 -22.27 19.29 4.23
N ALA A 84 -22.53 18.60 5.34
CA ALA A 84 -22.58 19.27 6.63
C ALA A 84 -21.23 19.87 7.01
N LEU A 85 -20.14 19.13 6.79
CA LEU A 85 -18.81 19.68 7.09
C LEU A 85 -18.49 20.86 6.20
N GLN A 86 -18.87 20.78 4.92
CA GLN A 86 -18.71 21.94 4.04
C GLN A 86 -19.46 23.15 4.59
N ASN A 87 -20.70 22.93 5.03
CA ASN A 87 -21.53 24.00 5.58
C ASN A 87 -20.86 24.66 6.78
N ALA A 88 -20.25 23.85 7.65
CA ALA A 88 -19.54 24.33 8.85
C ALA A 88 -18.21 25.00 8.54
N GLY A 89 -17.68 24.84 7.33
CA GLY A 89 -16.36 25.35 7.00
C GLY A 89 -15.22 24.45 7.45
N LEU A 90 -15.50 23.18 7.72
CA LEU A 90 -14.50 22.28 8.29
C LEU A 90 -14.05 21.18 7.32
N LEU A 91 -14.58 21.15 6.10
CA LEU A 91 -14.18 20.11 5.17
C LEU A 91 -12.70 20.26 4.84
N GLY A 92 -11.96 19.16 4.97
CA GLY A 92 -10.52 19.20 4.80
C GLY A 92 -9.75 19.95 5.86
N HIS A 93 -10.40 20.31 6.96
CA HIS A 93 -9.75 21.11 8.00
C HIS A 93 -8.78 20.24 8.79
N GLU A 94 -7.70 20.86 9.27
CA GLU A 94 -6.68 20.15 10.04
C GLU A 94 -7.26 19.46 11.28
N ILE A 95 -8.32 20.04 11.88
CA ILE A 95 -8.84 19.46 13.11
C ILE A 95 -9.38 18.05 12.87
N LEU A 96 -9.84 17.76 11.65
CA LEU A 96 -10.50 16.48 11.40
C LEU A 96 -9.58 15.29 11.65
N SER A 97 -8.28 15.43 11.37
CA SER A 97 -7.32 14.35 11.57
C SER A 97 -6.46 14.54 12.82
N SER A 98 -6.85 15.47 13.71
CA SER A 98 -6.06 15.84 14.86
C SER A 98 -6.23 14.87 16.03
N GLY A 99 -7.27 14.03 16.03
CA GLY A 99 -7.66 13.28 17.21
C GLY A 99 -8.74 13.95 18.05
N GLU A 100 -9.02 15.23 17.82
CA GLU A 100 -10.03 15.97 18.55
C GLU A 100 -11.38 15.99 17.84
N ALA A 101 -11.50 15.33 16.70
CA ALA A 101 -12.74 15.26 15.95
C ALA A 101 -13.15 13.80 15.83
N GLY A 102 -14.44 13.54 16.04
CA GLY A 102 -14.94 12.17 15.94
C GLY A 102 -16.30 12.08 15.30
N VAL A 103 -16.96 10.92 15.45
CA VAL A 103 -18.23 10.66 14.79
C VAL A 103 -19.13 9.88 15.73
N ALA A 104 -20.40 10.24 15.76
CA ALA A 104 -21.45 9.41 16.36
C ALA A 104 -22.49 9.18 15.27
N PHE A 105 -22.77 7.92 14.96
CA PHE A 105 -23.69 7.66 13.86
C PHE A 105 -24.30 6.29 14.05
N GLY A 106 -25.51 6.12 13.50
CA GLY A 106 -26.14 4.82 13.55
C GLY A 106 -27.22 4.67 12.52
N SER A 107 -27.65 3.41 12.36
CA SER A 107 -28.77 3.03 11.49
C SER A 107 -29.39 1.76 12.07
N SER A 108 -30.63 1.48 11.67
CA SER A 108 -31.28 0.25 12.14
C SER A 108 -30.57 -0.99 11.62
N ALA A 109 -29.99 -0.90 10.42
CA ALA A 109 -29.32 -2.02 9.79
C ALA A 109 -28.33 -1.47 8.78
N GLY A 110 -27.38 -2.31 8.39
CA GLY A 110 -26.49 -1.98 7.29
C GLY A 110 -27.18 -2.16 5.95
N SER A 111 -26.37 -2.36 4.91
CA SER A 111 -26.92 -2.50 3.56
C SER A 111 -27.58 -3.86 3.37
N VAL A 112 -28.80 -3.86 2.83
CA VAL A 112 -29.54 -5.11 2.70
C VAL A 112 -28.92 -6.02 1.64
N ASP A 113 -28.27 -5.45 0.63
CA ASP A 113 -27.55 -6.29 -0.34
C ASP A 113 -26.46 -7.09 0.35
N ALA A 114 -25.70 -6.43 1.22
CA ALA A 114 -24.65 -7.13 1.96
C ALA A 114 -25.24 -8.17 2.91
N VAL A 115 -26.37 -7.87 3.54
CA VAL A 115 -27.03 -8.87 4.39
C VAL A 115 -27.42 -10.09 3.57
N GLY A 116 -27.82 -9.87 2.31
CA GLY A 116 -28.14 -10.99 1.44
C GLY A 116 -26.94 -11.85 1.11
N GLU A 117 -25.79 -11.22 0.81
CA GLU A 117 -24.56 -11.97 0.59
C GLU A 117 -24.20 -12.83 1.80
N PHE A 118 -24.27 -12.24 2.99
CA PHE A 118 -23.96 -12.96 4.23
C PHE A 118 -24.87 -14.16 4.41
N ALA A 119 -26.14 -14.02 4.04
CA ALA A 119 -27.11 -15.11 4.17
C ALA A 119 -27.05 -16.12 3.03
N SER A 120 -26.28 -15.87 1.98
CA SER A 120 -26.10 -16.86 0.94
C SER A 120 -25.44 -18.13 1.49
N MET A 121 -24.53 -17.97 2.46
CA MET A 121 -23.95 -19.14 3.11
C MET A 121 -24.95 -19.82 4.02
N LEU A 122 -25.72 -19.01 4.76
CA LEU A 122 -26.73 -19.55 5.67
C LEU A 122 -27.75 -20.40 4.93
N LEU A 123 -28.08 -20.04 3.69
CA LEU A 123 -29.20 -20.63 2.97
C LEU A 123 -28.76 -21.58 1.88
N HIS A 124 -27.98 -21.12 0.90
CA HIS A 124 -27.61 -21.92 -0.25
C HIS A 124 -26.21 -22.51 -0.15
N GLN A 125 -25.53 -22.37 1.00
CA GLN A 125 -24.17 -22.88 1.22
C GLN A 125 -23.13 -22.28 0.27
N SER A 126 -23.59 -21.66 -0.82
CA SER A 126 -22.70 -21.10 -1.83
C SER A 126 -22.02 -19.85 -1.31
N MET A 127 -20.70 -19.89 -1.22
CA MET A 127 -19.89 -18.79 -0.69
C MET A 127 -19.44 -17.80 -1.78
N SER A 128 -19.84 -18.00 -3.04
CA SER A 128 -19.42 -17.07 -4.09
C SER A 128 -20.00 -15.67 -3.91
N LYS A 129 -20.72 -15.40 -2.82
CA LYS A 129 -21.35 -14.10 -2.61
C LYS A 129 -20.71 -13.28 -1.49
N ILE A 130 -20.06 -13.91 -0.51
CA ILE A 130 -19.32 -13.16 0.49
C ILE A 130 -18.01 -12.69 -0.13
N ASN A 131 -17.67 -11.42 0.11
CA ASN A 131 -16.42 -10.85 -0.38
C ASN A 131 -15.79 -10.04 0.76
N ALA A 132 -14.67 -9.38 0.45
CA ALA A 132 -13.89 -8.69 1.47
C ALA A 132 -14.58 -7.45 2.03
N THR A 133 -15.67 -6.99 1.44
CA THR A 133 -16.41 -5.86 1.98
C THR A 133 -17.81 -6.23 2.43
N THR A 134 -18.14 -7.53 2.50
CA THR A 134 -19.50 -7.92 2.89
C THR A 134 -19.81 -7.48 4.31
N TYR A 135 -18.91 -7.75 5.26
CA TYR A 135 -19.20 -7.34 6.63
C TYR A 135 -19.15 -5.82 6.77
N ILE A 136 -18.18 -5.15 6.13
CA ILE A 136 -18.12 -3.69 6.23
C ILE A 136 -19.41 -3.05 5.73
N ARG A 137 -20.03 -3.64 4.70
CA ARG A 137 -21.25 -3.06 4.15
C ARG A 137 -22.50 -3.47 4.93
N MET A 138 -22.50 -4.66 5.52
CA MET A 138 -23.70 -5.16 6.19
C MET A 138 -23.81 -4.67 7.64
N MET A 139 -22.69 -4.37 8.30
CA MET A 139 -22.68 -4.16 9.73
C MET A 139 -23.46 -2.90 10.10
N ALA A 140 -24.04 -2.89 11.29
CA ALA A 140 -24.92 -1.79 11.67
C ALA A 140 -24.16 -0.49 11.89
N HIS A 141 -22.85 -0.54 12.13
CA HIS A 141 -22.03 0.67 12.23
C HIS A 141 -21.26 0.96 10.94
N THR A 142 -21.83 0.56 9.80
CA THR A 142 -21.19 0.81 8.51
C THR A 142 -21.04 2.30 8.22
N SER A 143 -22.02 3.13 8.61
CA SER A 143 -21.92 4.56 8.34
C SER A 143 -20.77 5.18 9.11
N ALA A 144 -20.67 4.89 10.41
CA ALA A 144 -19.64 5.51 11.24
C ALA A 144 -18.23 5.13 10.80
N VAL A 145 -18.02 3.85 10.50
CA VAL A 145 -16.69 3.38 10.10
C VAL A 145 -16.30 3.96 8.75
N ASN A 146 -17.23 3.96 7.79
CA ASN A 146 -16.94 4.55 6.49
C ASN A 146 -16.60 6.03 6.63
N MET A 147 -17.20 6.73 7.60
CA MET A 147 -16.91 8.14 7.76
C MET A 147 -15.52 8.37 8.37
N THR A 148 -15.12 7.58 9.36
CA THR A 148 -13.78 7.79 9.91
C THR A 148 -12.71 7.50 8.87
N VAL A 149 -12.94 6.50 8.03
CA VAL A 149 -11.95 6.17 7.01
C VAL A 149 -11.94 7.25 5.93
N TYR A 150 -13.11 7.65 5.44
CA TYR A 150 -13.18 8.63 4.36
C TYR A 150 -12.63 9.99 4.78
N PHE A 151 -12.98 10.47 5.97
CA PHE A 151 -12.58 11.80 6.41
C PHE A 151 -11.28 11.78 7.21
N GLY A 152 -10.75 10.62 7.54
CA GLY A 152 -9.51 10.54 8.30
C GLY A 152 -9.66 10.90 9.75
N LEU A 153 -10.79 10.59 10.36
CA LEU A 153 -11.05 10.94 11.76
C LEU A 153 -10.25 10.06 12.69
N LYS A 154 -9.64 10.66 13.71
CA LYS A 154 -8.80 9.90 14.63
C LYS A 154 -9.29 10.00 16.06
N GLY A 155 -10.46 10.61 16.27
CA GLY A 155 -11.03 10.74 17.60
C GLY A 155 -11.94 9.58 17.93
N LEU A 156 -13.07 9.89 18.56
CA LEU A 156 -13.99 8.85 19.01
C LEU A 156 -14.84 8.34 17.86
N THR A 157 -15.00 7.01 17.78
CA THR A 157 -16.07 6.41 16.99
C THR A 157 -17.15 5.94 17.96
N LEU A 158 -18.35 6.54 17.88
CA LEU A 158 -19.46 6.19 18.77
C LEU A 158 -20.58 5.59 17.95
N PRO A 159 -20.68 4.26 17.88
CA PRO A 159 -21.76 3.62 17.12
C PRO A 159 -23.04 3.68 17.94
N THR A 160 -24.06 4.33 17.40
CA THR A 160 -25.30 4.52 18.12
C THR A 160 -26.46 3.88 17.37
N SER A 161 -26.20 2.72 16.76
CA SER A 161 -27.26 1.98 16.07
C SER A 161 -28.25 1.43 17.09
N SER A 162 -29.44 2.02 17.15
CA SER A 162 -30.45 1.70 18.15
C SER A 162 -31.84 1.81 17.53
N ALA A 163 -31.97 1.33 16.29
CA ALA A 163 -33.22 1.39 15.51
C ALA A 163 -33.66 2.86 15.41
N CYS A 164 -34.90 3.19 15.81
CA CYS A 164 -35.47 4.52 15.56
C CYS A 164 -34.79 5.63 16.34
N THR A 165 -33.96 5.32 17.33
CA THR A 165 -33.26 6.37 18.05
C THR A 165 -31.82 6.57 17.59
N SER A 166 -31.42 5.94 16.48
CA SER A 166 -30.00 5.95 16.11
C SER A 166 -29.47 7.37 15.95
N GLY A 167 -30.21 8.21 15.24
CA GLY A 167 -29.72 9.55 14.92
C GLY A 167 -29.81 10.50 16.09
N SER A 168 -30.84 10.36 16.94
CA SER A 168 -30.95 11.23 18.10
C SER A 168 -29.96 10.82 19.17
N MET A 169 -29.79 9.51 19.40
CA MET A 169 -28.75 9.03 20.29
C MET A 169 -27.37 9.46 19.80
N ALA A 170 -27.16 9.53 18.47
CA ALA A 170 -25.87 10.02 17.99
C ALA A 170 -25.64 11.48 18.38
N ILE A 171 -26.66 12.33 18.19
CA ILE A 171 -26.54 13.74 18.56
C ILE A 171 -26.29 13.87 20.06
N GLY A 172 -27.03 13.12 20.88
CA GLY A 172 -26.84 13.24 22.31
C GLY A 172 -25.47 12.79 22.77
N GLN A 173 -24.99 11.66 22.23
CA GLN A 173 -23.69 11.16 22.67
C GLN A 173 -22.55 12.03 22.16
N ALA A 174 -22.69 12.54 20.94
CA ALA A 174 -21.72 13.50 20.43
C ALA A 174 -21.68 14.77 21.27
N TYR A 175 -22.86 15.27 21.64
CA TYR A 175 -22.97 16.41 22.54
C TYR A 175 -22.27 16.14 23.87
N GLU A 176 -22.48 14.96 24.46
CA GLU A 176 -21.82 14.70 25.74
C GLU A 176 -20.31 14.61 25.57
N ALA A 177 -19.83 13.98 24.49
CA ALA A 177 -18.39 13.91 24.25
C ALA A 177 -17.74 15.29 24.20
N ILE A 178 -18.42 16.28 23.64
CA ILE A 178 -17.86 17.63 23.63
C ILE A 178 -18.06 18.32 24.98
N LYS A 179 -19.26 18.19 25.55
CA LYS A 179 -19.55 18.81 26.84
C LYS A 179 -18.53 18.38 27.91
N TYR A 180 -18.12 17.12 27.90
CA TYR A 180 -17.20 16.61 28.90
C TYR A 180 -15.74 16.70 28.47
N GLY A 181 -15.45 17.45 27.41
CA GLY A 181 -14.07 17.72 27.04
C GLY A 181 -13.32 16.59 26.36
N LYS A 182 -14.00 15.56 25.87
CA LYS A 182 -13.29 14.49 25.19
C LYS A 182 -12.97 14.82 23.74
N GLN A 183 -13.78 15.65 23.09
CA GLN A 183 -13.65 15.99 21.68
C GLN A 183 -14.03 17.46 21.49
N GLN A 184 -13.50 18.06 20.42
CA GLN A 184 -13.90 19.44 20.10
C GLN A 184 -14.88 19.53 18.94
N VAL A 185 -14.88 18.56 18.04
CA VAL A 185 -15.82 18.53 16.94
C VAL A 185 -16.35 17.11 16.82
N MET A 186 -17.63 16.99 16.46
CA MET A 186 -18.21 15.69 16.20
C MET A 186 -19.16 15.76 15.02
N ILE A 187 -19.03 14.83 14.11
CA ILE A 187 -20.08 14.54 13.13
C ILE A 187 -21.12 13.65 13.78
N ALA A 188 -22.39 14.04 13.72
CA ALA A 188 -23.45 13.29 14.42
C ALA A 188 -24.70 13.14 13.57
N GLY A 189 -25.21 11.92 13.45
CA GLY A 189 -26.50 11.75 12.82
C GLY A 189 -26.89 10.30 12.62
N GLY A 190 -27.77 10.09 11.64
CA GLY A 190 -28.31 8.76 11.41
C GLY A 190 -28.77 8.62 9.98
N ALA A 191 -29.01 7.37 9.58
CA ALA A 191 -29.40 7.13 8.20
C ALA A 191 -30.10 5.79 8.12
N GLU A 192 -30.85 5.60 7.02
CA GLU A 192 -31.47 4.32 6.72
C GLU A 192 -31.69 4.21 5.22
N GLU A 193 -31.47 3.03 4.66
CA GLU A 193 -31.87 2.77 3.30
C GLU A 193 -33.19 2.02 3.30
N LEU A 194 -33.98 2.22 2.25
CA LEU A 194 -35.29 1.60 2.17
C LEU A 194 -35.18 0.15 1.69
N SER A 195 -35.97 -0.73 2.31
CA SER A 195 -36.07 -2.10 1.84
C SER A 195 -37.45 -2.64 2.17
N ALA A 196 -37.93 -3.55 1.32
CA ALA A 196 -39.22 -4.19 1.59
C ALA A 196 -39.16 -5.01 2.87
N ALA A 197 -38.02 -5.64 3.14
CA ALA A 197 -37.87 -6.40 4.38
C ALA A 197 -38.02 -5.49 5.59
N GLY A 198 -37.56 -4.24 5.49
CA GLY A 198 -37.76 -3.29 6.58
C GLY A 198 -39.23 -2.98 6.82
N ALA A 199 -40.00 -2.84 5.75
CA ALA A 199 -41.43 -2.65 5.91
C ALA A 199 -42.08 -3.89 6.49
N ALA A 200 -41.64 -5.07 6.06
CA ALA A 200 -42.22 -6.32 6.56
C ALA A 200 -42.04 -6.48 8.06
N VAL A 201 -40.95 -5.95 8.61
CA VAL A 201 -40.73 -6.07 10.05
C VAL A 201 -41.87 -5.39 10.82
N PHE A 202 -42.36 -4.27 10.31
CA PHE A 202 -43.49 -3.57 10.92
C PHE A 202 -44.83 -4.13 10.47
N ASP A 203 -44.91 -4.62 9.23
CA ASP A 203 -46.14 -5.20 8.73
C ASP A 203 -46.57 -6.39 9.59
N VAL A 204 -45.63 -7.25 9.96
CA VAL A 204 -45.97 -8.45 10.73
C VAL A 204 -46.36 -8.10 12.16
N LEU A 205 -46.09 -6.87 12.59
CA LEU A 205 -46.56 -6.38 13.88
C LEU A 205 -47.92 -5.67 13.78
N PHE A 206 -48.52 -5.65 12.58
CA PHE A 206 -49.76 -4.93 12.31
C PHE A 206 -49.62 -3.47 12.73
N ALA A 207 -48.50 -2.88 12.34
CA ALA A 207 -48.18 -1.49 12.67
C ALA A 207 -48.19 -0.59 11.44
N THR A 208 -48.35 -1.15 10.24
CA THR A 208 -48.23 -0.39 8.99
C THR A 208 -49.60 0.06 8.49
N SER A 209 -49.61 1.19 7.79
CA SER A 209 -50.83 1.68 7.18
C SER A 209 -51.24 0.79 6.01
N GLY A 210 -52.54 0.61 5.85
CA GLY A 210 -53.04 -0.14 4.71
C GLY A 210 -53.78 0.72 3.71
N MET A 211 -53.58 2.04 3.77
CA MET A 211 -54.27 2.97 2.85
C MET A 211 -53.52 3.08 1.52
N ASN A 212 -53.32 1.92 0.88
CA ASN A 212 -52.47 1.82 -0.31
C ASN A 212 -53.01 2.60 -1.49
N ASP A 213 -54.31 2.82 -1.55
CA ASP A 213 -54.91 3.58 -2.64
C ASP A 213 -54.95 5.08 -2.38
N GLN A 214 -54.52 5.53 -1.19
CA GLN A 214 -54.49 6.95 -0.84
C GLN A 214 -53.15 7.36 -0.25
N PRO A 215 -52.06 7.24 -1.01
CA PRO A 215 -50.74 7.59 -0.44
C PRO A 215 -50.65 9.04 0.02
N GLU A 216 -51.41 9.93 -0.59
CA GLU A 216 -51.37 11.34 -0.22
C GLU A 216 -52.12 11.66 1.07
N LYS A 217 -52.75 10.66 1.69
CA LYS A 217 -53.52 10.87 2.92
C LYS A 217 -52.95 10.10 4.11
N THR A 218 -51.78 9.49 3.98
CA THR A 218 -51.23 8.62 5.02
C THR A 218 -49.70 8.77 5.04
N PRO A 219 -49.05 8.69 6.21
CA PRO A 219 -49.58 8.46 7.56
C PRO A 219 -50.25 9.71 8.15
N ARG A 220 -50.87 9.55 9.31
CA ARG A 220 -51.73 10.58 9.90
C ARG A 220 -51.46 10.66 11.40
N PRO A 221 -50.29 11.15 11.81
CA PRO A 221 -49.95 11.14 13.24
C PRO A 221 -50.97 11.92 14.05
N PHE A 222 -51.41 11.32 15.16
CA PHE A 222 -52.36 11.87 16.13
C PHE A 222 -53.78 12.01 15.58
N ASP A 223 -54.06 11.50 14.38
CA ASP A 223 -55.36 11.67 13.74
C ASP A 223 -56.31 10.54 14.13
N ALA A 224 -57.60 10.89 14.23
CA ALA A 224 -58.60 9.93 14.70
C ALA A 224 -58.74 8.75 13.77
N LYS A 225 -58.30 8.87 12.51
CA LYS A 225 -58.45 7.81 11.54
C LYS A 225 -57.10 7.26 11.06
N ARG A 226 -56.04 7.48 11.84
CA ARG A 226 -54.76 6.88 11.50
C ARG A 226 -54.88 5.36 11.55
N ASP A 227 -54.00 4.68 10.81
CA ASP A 227 -54.02 3.22 10.83
C ASP A 227 -52.62 2.62 10.71
N GLY A 228 -51.61 3.31 11.20
CA GLY A 228 -50.27 2.76 11.21
C GLY A 228 -49.27 3.64 10.45
N LEU A 229 -48.01 3.25 10.55
CA LEU A 229 -46.90 4.02 10.03
C LEU A 229 -46.66 3.68 8.55
N VAL A 230 -45.82 4.49 7.91
CA VAL A 230 -45.25 4.22 6.60
C VAL A 230 -43.75 4.49 6.72
N ILE A 231 -42.91 3.60 6.18
CA ILE A 231 -41.48 3.79 6.37
C ILE A 231 -40.91 4.57 5.20
N GLY A 232 -39.79 5.24 5.46
CA GLY A 232 -39.10 6.04 4.48
C GLY A 232 -37.61 5.81 4.65
N GLU A 233 -36.79 6.54 3.90
CA GLU A 233 -35.34 6.41 4.01
C GLU A 233 -34.73 7.79 3.95
N GLY A 234 -33.44 7.88 4.23
CA GLY A 234 -32.71 9.13 4.09
C GLY A 234 -31.58 9.20 5.10
N ALA A 235 -31.10 10.43 5.33
CA ALA A 235 -29.97 10.66 6.24
C ALA A 235 -30.05 12.07 6.77
N GLY A 236 -29.57 12.25 8.00
CA GLY A 236 -29.41 13.58 8.56
C GLY A 236 -28.12 13.66 9.33
N CYS A 237 -27.55 14.87 9.39
CA CYS A 237 -26.26 15.05 10.04
C CYS A 237 -26.13 16.46 10.59
N LEU A 238 -25.67 16.57 11.83
CA LEU A 238 -25.27 17.84 12.42
C LEU A 238 -23.77 17.81 12.69
N ILE A 239 -23.11 18.95 12.54
CA ILE A 239 -21.74 19.13 12.98
C ILE A 239 -21.81 19.83 14.33
N LEU A 240 -21.38 19.15 15.39
CA LEU A 240 -21.33 19.75 16.71
C LEU A 240 -19.90 20.20 17.00
N GLU A 241 -19.78 21.28 17.76
CA GLU A 241 -18.49 21.92 17.95
C GLU A 241 -18.47 22.57 19.32
N GLU A 242 -17.32 22.51 19.98
CA GLU A 242 -17.19 23.21 21.26
C GLU A 242 -17.35 24.71 21.04
N TYR A 243 -18.03 25.37 21.98
CA TYR A 243 -18.53 26.72 21.77
C TYR A 243 -17.40 27.74 21.57
N GLU A 244 -16.37 27.70 22.43
CA GLU A 244 -15.28 28.67 22.29
C GLU A 244 -14.52 28.46 20.98
N HIS A 245 -14.34 27.20 20.58
CA HIS A 245 -13.70 26.89 19.30
C HIS A 245 -14.49 27.49 18.14
N ALA A 246 -15.82 27.36 18.17
CA ALA A 246 -16.65 27.96 17.12
C ALA A 246 -16.57 29.47 17.13
N LYS A 247 -16.72 30.08 18.30
CA LYS A 247 -16.68 31.54 18.38
C LYS A 247 -15.32 32.07 17.96
N ALA A 248 -14.24 31.38 18.32
CA ALA A 248 -12.90 31.87 17.99
C ALA A 248 -12.66 31.97 16.49
N ARG A 249 -13.33 31.14 15.68
CA ARG A 249 -13.17 31.20 14.23
C ARG A 249 -14.34 31.92 13.53
N GLY A 250 -15.24 32.54 14.27
CA GLY A 250 -16.32 33.30 13.68
C GLY A 250 -17.40 32.49 13.00
N ALA A 251 -17.58 31.24 13.40
CA ALA A 251 -18.49 30.32 12.73
C ALA A 251 -19.95 30.73 12.91
N HIS A 252 -20.75 30.49 11.88
CA HIS A 252 -22.18 30.62 12.04
C HIS A 252 -22.69 29.51 12.97
N ILE A 253 -23.55 29.87 13.92
CA ILE A 253 -24.09 28.91 14.90
C ILE A 253 -25.59 28.76 14.69
N TYR A 254 -26.02 27.57 14.30
CA TYR A 254 -27.43 27.31 14.05
C TYR A 254 -28.21 27.09 15.35
N ALA A 255 -27.56 26.60 16.39
CA ALA A 255 -28.23 26.25 17.65
C ALA A 255 -27.17 25.87 18.67
N GLU A 256 -27.56 25.93 19.95
CA GLU A 256 -26.79 25.33 21.03
C GLU A 256 -27.52 24.07 21.49
N VAL A 257 -26.78 22.97 21.65
CA VAL A 257 -27.37 21.79 22.28
C VAL A 257 -27.26 21.99 23.78
N ILE A 258 -28.39 22.09 24.47
CA ILE A 258 -28.34 22.33 25.91
C ILE A 258 -28.84 21.15 26.75
N GLY A 259 -29.51 20.17 26.16
CA GLY A 259 -29.93 19.04 26.99
C GLY A 259 -30.13 17.75 26.23
N TYR A 260 -29.79 16.63 26.87
CA TYR A 260 -29.98 15.30 26.33
C TYR A 260 -30.46 14.41 27.46
N GLY A 261 -31.60 13.77 27.27
CA GLY A 261 -32.07 12.72 28.18
C GLY A 261 -32.26 11.42 27.43
N SER A 262 -31.88 10.32 28.06
CA SER A 262 -32.20 9.02 27.48
C SER A 262 -32.53 8.05 28.62
N ASN A 263 -33.54 7.22 28.41
CA ASN A 263 -33.84 6.17 29.40
C ASN A 263 -34.51 5.01 28.66
N THR A 264 -35.08 4.08 29.41
CA THR A 264 -35.57 2.85 28.81
C THR A 264 -36.88 2.43 29.49
N ASP A 265 -37.81 1.90 28.70
CA ASP A 265 -39.11 1.53 29.27
C ASP A 265 -38.97 0.35 30.22
N GLY A 266 -38.15 -0.64 29.86
CA GLY A 266 -37.97 -1.79 30.72
C GLY A 266 -39.18 -2.67 30.87
N GLN A 267 -40.11 -2.62 29.94
CA GLN A 267 -41.32 -3.43 30.08
C GLN A 267 -41.70 -4.15 28.81
N HIS A 268 -41.65 -3.49 27.65
CA HIS A 268 -42.09 -4.13 26.42
C HIS A 268 -41.08 -3.85 25.31
N VAL A 269 -40.96 -4.81 24.40
CA VAL A 269 -39.98 -4.71 23.34
C VAL A 269 -40.48 -3.92 22.13
N THR A 270 -41.81 -3.77 21.97
CA THR A 270 -42.36 -2.97 20.87
C THR A 270 -43.38 -1.93 21.27
N ARG A 271 -44.00 -2.02 22.43
CA ARG A 271 -45.09 -1.10 22.75
C ARG A 271 -44.64 -0.13 23.83
N PRO A 272 -44.47 1.14 23.50
CA PRO A 272 -43.86 2.09 24.45
C PRO A 272 -44.78 2.39 25.62
N GLU A 273 -44.17 2.62 26.79
CA GLU A 273 -44.86 3.02 28.00
C GLU A 273 -44.81 4.53 28.19
N SER A 274 -45.98 5.15 28.38
CA SER A 274 -46.05 6.61 28.51
C SER A 274 -45.23 7.15 29.69
N GLU A 275 -45.27 6.47 30.85
CA GLU A 275 -44.61 7.05 32.02
C GLU A 275 -43.11 7.21 31.80
N MET A 276 -42.46 6.21 31.18
CA MET A 276 -41.01 6.33 30.98
C MET A 276 -40.67 7.32 29.87
N MET A 277 -41.55 7.46 28.87
CA MET A 277 -41.33 8.51 27.86
C MET A 277 -41.32 9.88 28.50
N GLY A 278 -42.24 10.12 29.44
CA GLY A 278 -42.25 11.39 30.14
C GLY A 278 -41.02 11.62 31.00
N ARG A 279 -40.56 10.56 31.70
CA ARG A 279 -39.35 10.66 32.50
C ARG A 279 -38.14 11.03 31.64
N CYS A 280 -38.08 10.52 30.40
CA CYS A 280 -36.99 10.87 29.51
C CYS A 280 -37.01 12.36 29.18
N MET A 281 -38.18 12.95 28.96
CA MET A 281 -38.24 14.39 28.75
C MET A 281 -37.79 15.15 29.98
N GLU A 282 -38.12 14.61 31.17
CA GLU A 282 -37.71 15.25 32.42
C GLU A 282 -36.20 15.19 32.60
N LEU A 283 -35.58 14.09 32.19
CA LEU A 283 -34.12 13.98 32.21
C LEU A 283 -33.48 15.06 31.34
N ALA A 284 -34.07 15.32 30.18
CA ALA A 284 -33.52 16.34 29.27
C ALA A 284 -33.67 17.74 29.85
N LEU A 285 -34.85 18.04 30.41
CA LEU A 285 -35.07 19.33 31.07
C LEU A 285 -34.07 19.55 32.19
N LYS A 286 -33.84 18.52 33.01
CA LYS A 286 -32.89 18.64 34.11
C LYS A 286 -31.48 18.85 33.59
N ASP A 287 -31.08 18.11 32.55
CA ASP A 287 -29.76 18.30 31.96
C ASP A 287 -29.60 19.73 31.46
N ALA A 288 -30.65 20.30 30.90
CA ALA A 288 -30.61 21.65 30.33
C ALA A 288 -30.84 22.73 31.38
N SER A 289 -31.21 22.36 32.61
CA SER A 289 -31.58 23.31 33.65
C SER A 289 -32.64 24.29 33.16
N VAL A 290 -33.63 23.78 32.42
CA VAL A 290 -34.78 24.57 32.00
C VAL A 290 -36.04 23.88 32.51
N GLU A 291 -37.13 24.62 32.50
CA GLU A 291 -38.41 24.11 32.95
C GLU A 291 -39.34 23.89 31.77
N ALA A 292 -40.41 23.12 32.01
CA ALA A 292 -41.42 22.88 30.98
C ALA A 292 -41.88 24.18 30.33
N LYS A 293 -42.08 25.23 31.14
CA LYS A 293 -42.56 26.51 30.62
C LYS A 293 -41.65 27.08 29.54
N ASP A 294 -40.37 26.72 29.56
CA ASP A 294 -39.40 27.29 28.64
C ASP A 294 -39.39 26.63 27.26
N ILE A 295 -40.02 25.46 27.10
CA ILE A 295 -40.05 24.77 25.80
C ILE A 295 -41.13 25.44 24.93
N ALA A 296 -40.71 26.01 23.79
CA ALA A 296 -41.64 26.68 22.92
C ALA A 296 -42.35 25.75 21.95
N TYR A 297 -41.73 24.61 21.61
CA TYR A 297 -42.23 23.73 20.55
C TYR A 297 -41.60 22.35 20.77
N VAL A 298 -42.40 21.31 20.52
CA VAL A 298 -41.95 19.92 20.57
C VAL A 298 -42.07 19.32 19.19
N ASN A 299 -40.99 18.73 18.69
CA ASN A 299 -41.06 17.93 17.49
C ASN A 299 -41.29 16.49 17.93
N ALA A 300 -42.49 15.98 17.68
CA ALA A 300 -42.91 14.68 18.14
C ALA A 300 -42.21 13.58 17.37
N HIS A 301 -42.09 12.42 18.00
CA HIS A 301 -41.79 11.21 17.25
C HIS A 301 -42.92 10.93 16.27
N GLY A 302 -44.13 10.73 16.81
CA GLY A 302 -45.33 10.75 16.00
C GLY A 302 -45.36 9.80 14.81
N THR A 303 -45.25 8.50 15.08
CA THR A 303 -45.14 7.50 14.02
C THR A 303 -46.46 7.21 13.31
N SER A 304 -47.60 7.52 13.93
CA SER A 304 -48.96 7.29 13.43
C SER A 304 -49.46 5.88 13.72
N THR A 305 -48.89 5.20 14.70
CA THR A 305 -49.48 3.97 15.19
C THR A 305 -50.57 4.27 16.22
N ASP A 306 -51.41 3.26 16.49
CA ASP A 306 -52.51 3.45 17.43
C ASP A 306 -52.00 3.76 18.82
N GLN A 307 -51.27 2.84 19.40
CA GLN A 307 -50.86 2.98 20.79
C GLN A 307 -49.68 3.94 20.94
N GLY A 308 -48.80 4.02 19.93
CA GLY A 308 -47.61 4.86 20.04
C GLY A 308 -47.94 6.34 20.16
N ASP A 309 -48.85 6.82 19.30
CA ASP A 309 -49.21 8.24 19.33
C ASP A 309 -49.92 8.62 20.63
N VAL A 310 -50.71 7.72 21.21
CA VAL A 310 -51.39 8.00 22.47
C VAL A 310 -50.38 8.07 23.60
N ALA A 311 -49.52 7.06 23.72
CA ALA A 311 -48.51 7.06 24.79
C ALA A 311 -47.62 8.29 24.72
N GLU A 312 -47.15 8.64 23.52
CA GLU A 312 -46.25 9.78 23.37
C GLU A 312 -46.95 11.08 23.70
N SER A 313 -48.15 11.29 23.14
CA SER A 313 -48.82 12.57 23.35
C SER A 313 -49.31 12.70 24.78
N GLN A 314 -49.72 11.60 25.43
CA GLN A 314 -50.08 11.69 26.84
C GLN A 314 -48.88 12.02 27.70
N ALA A 315 -47.72 11.41 27.40
CA ALA A 315 -46.50 11.73 28.15
C ALA A 315 -46.13 13.19 27.99
N THR A 316 -46.15 13.68 26.75
CA THR A 316 -45.78 15.06 26.50
C THR A 316 -46.69 16.01 27.25
N ALA A 317 -48.00 15.77 27.22
CA ALA A 317 -48.94 16.61 27.94
C ALA A 317 -48.70 16.58 29.44
N LYS A 318 -48.41 15.39 29.99
CA LYS A 318 -48.23 15.29 31.43
C LYS A 318 -46.98 16.04 31.89
N VAL A 319 -45.88 15.92 31.16
CA VAL A 319 -44.63 16.49 31.64
C VAL A 319 -44.43 17.93 31.18
N LEU A 320 -44.88 18.28 29.98
CA LEU A 320 -44.66 19.61 29.46
C LEU A 320 -45.89 20.51 29.49
N GLY A 321 -47.07 19.92 29.64
CA GLY A 321 -48.29 20.69 29.53
C GLY A 321 -48.64 20.97 28.07
N TYR A 322 -49.42 22.04 27.89
CA TYR A 322 -49.99 22.38 26.59
C TYR A 322 -48.92 23.08 25.75
N LYS A 323 -48.38 22.38 24.76
CA LYS A 323 -47.27 22.86 23.94
C LYS A 323 -47.58 22.68 22.47
N PRO A 324 -47.12 23.60 21.62
CA PRO A 324 -47.15 23.35 20.17
C PRO A 324 -46.35 22.11 19.82
N ILE A 325 -46.90 21.31 18.91
CA ILE A 325 -46.30 20.02 18.57
C ILE A 325 -46.72 19.64 17.16
N SER A 326 -45.80 19.01 16.43
CA SER A 326 -46.12 18.45 15.14
C SER A 326 -45.17 17.30 14.86
N SER A 327 -45.56 16.44 13.92
CA SER A 327 -44.73 15.31 13.51
C SER A 327 -44.36 15.42 12.05
N LEU A 328 -43.04 15.40 11.76
CA LEU A 328 -42.55 15.40 10.38
C LEU A 328 -42.65 14.03 9.71
N LYS A 329 -42.92 12.96 10.46
CA LYS A 329 -43.20 11.69 9.80
C LYS A 329 -44.45 11.75 8.93
N SER A 330 -45.28 12.78 9.09
CA SER A 330 -46.41 13.00 8.18
C SER A 330 -45.94 13.39 6.78
N TYR A 331 -44.69 13.82 6.62
CA TYR A 331 -44.13 14.16 5.31
C TYR A 331 -43.17 13.10 4.79
N PHE A 332 -42.32 12.54 5.65
CA PHE A 332 -41.30 11.60 5.21
C PHE A 332 -41.65 10.15 5.49
N GLY A 333 -42.74 9.89 6.20
CA GLY A 333 -42.86 8.59 6.83
C GLY A 333 -41.86 8.46 7.98
N HIS A 334 -41.78 7.23 8.49
CA HIS A 334 -40.85 6.89 9.56
C HIS A 334 -39.52 6.51 8.92
N THR A 335 -38.54 7.38 9.00
CA THR A 335 -37.26 7.13 8.35
C THR A 335 -36.29 6.34 9.23
N LEU A 336 -36.78 5.75 10.31
CA LEU A 336 -36.04 4.74 11.09
C LEU A 336 -34.75 5.34 11.63
N GLY A 337 -33.58 4.79 11.29
CA GLY A 337 -32.33 5.29 11.84
C GLY A 337 -32.10 6.77 11.55
N ALA A 338 -32.62 7.25 10.43
CA ALA A 338 -32.42 8.65 10.05
C ALA A 338 -33.29 9.62 10.84
N CYS A 339 -34.38 9.15 11.47
CA CYS A 339 -35.45 10.09 11.79
C CYS A 339 -35.03 11.11 12.83
N GLY A 340 -34.27 10.68 13.85
CA GLY A 340 -33.88 11.61 14.90
C GLY A 340 -32.98 12.72 14.39
N ALA A 341 -32.15 12.42 13.39
CA ALA A 341 -31.24 13.43 12.84
C ALA A 341 -31.95 14.34 11.87
N ILE A 342 -32.78 13.77 10.98
CA ILE A 342 -33.54 14.61 10.06
C ILE A 342 -34.45 15.54 10.85
N GLU A 343 -35.08 15.02 11.90
CA GLU A 343 -36.02 15.83 12.66
C GLU A 343 -35.30 16.88 13.48
N ALA A 344 -34.12 16.59 14.00
CA ALA A 344 -33.36 17.61 14.71
C ALA A 344 -32.97 18.74 13.76
N TRP A 345 -32.39 18.38 12.61
CA TRP A 345 -32.02 19.35 11.56
C TRP A 345 -33.18 20.28 11.21
N LEU A 346 -34.31 19.72 10.79
CA LEU A 346 -35.39 20.55 10.29
C LEU A 346 -36.07 21.32 11.42
N SER A 347 -36.06 20.79 12.65
CA SER A 347 -36.58 21.54 13.79
C SER A 347 -35.72 22.76 14.09
N ILE A 348 -34.39 22.61 14.01
CA ILE A 348 -33.52 23.77 14.16
C ILE A 348 -33.81 24.80 13.08
N GLU A 349 -34.05 24.34 11.84
CA GLU A 349 -34.43 25.26 10.78
C GLU A 349 -35.74 25.98 11.10
N MET A 350 -36.73 25.25 11.62
CA MET A 350 -37.98 25.90 12.04
C MET A 350 -37.70 27.02 13.04
N MET A 351 -36.88 26.72 14.05
CA MET A 351 -36.50 27.72 15.03
C MET A 351 -35.83 28.93 14.38
N ASN A 352 -34.87 28.67 13.50
CA ASN A 352 -34.17 29.80 12.86
C ASN A 352 -35.09 30.59 11.94
N ARG A 353 -36.09 29.93 11.35
CA ARG A 353 -37.07 30.63 10.51
C ARG A 353 -38.21 31.23 11.30
N GLY A 354 -38.38 30.86 12.57
CA GLY A 354 -39.55 31.26 13.33
C GLY A 354 -40.84 30.69 12.79
N ARG A 355 -40.79 29.54 12.11
CA ARG A 355 -41.93 29.01 11.35
C ARG A 355 -42.02 27.51 11.54
N PHE A 356 -43.10 27.03 12.14
CA PHE A 356 -43.15 25.66 12.62
C PHE A 356 -44.23 24.90 11.84
N ILE A 357 -43.85 23.77 11.27
CA ILE A 357 -44.58 23.04 10.25
C ILE A 357 -45.75 22.24 10.84
N PRO A 358 -46.92 22.26 10.22
CA PRO A 358 -48.05 21.47 10.73
C PRO A 358 -47.86 19.99 10.44
N THR A 359 -48.54 19.15 11.21
CA THR A 359 -48.61 17.72 10.88
C THR A 359 -49.52 17.53 9.68
N LEU A 360 -48.98 17.02 8.57
CA LEU A 360 -49.78 16.81 7.37
C LEU A 360 -50.83 15.73 7.63
N ASN A 361 -52.02 15.92 7.07
CA ASN A 361 -53.09 14.94 7.13
C ASN A 361 -53.62 14.72 8.54
N LEU A 362 -53.40 15.67 9.44
CA LEU A 362 -54.01 15.61 10.77
C LEU A 362 -55.27 16.44 10.69
N ASP A 363 -56.38 15.76 10.40
CA ASP A 363 -57.67 16.40 10.16
C ASP A 363 -58.64 16.34 11.33
N GLU A 364 -58.60 15.27 12.13
CA GLU A 364 -59.42 15.15 13.33
C GLU A 364 -58.50 14.68 14.44
N ILE A 365 -58.23 15.56 15.40
CA ILE A 365 -57.32 15.20 16.48
C ILE A 365 -57.99 14.16 17.36
N ASP A 366 -57.34 13.02 17.51
CA ASP A 366 -57.82 11.93 18.35
C ASP A 366 -58.05 12.41 19.78
N SER A 367 -59.30 12.30 20.26
CA SER A 367 -59.59 12.71 21.62
C SER A 367 -58.88 11.85 22.66
N LEU A 368 -58.37 10.69 22.26
CA LEU A 368 -57.58 9.88 23.17
C LEU A 368 -56.14 10.36 23.28
N CYS A 369 -55.68 11.19 22.35
CA CYS A 369 -54.32 11.71 22.46
C CYS A 369 -54.27 12.88 23.45
N GLY A 370 -53.07 13.21 23.89
CA GLY A 370 -52.92 14.20 24.94
C GLY A 370 -53.37 15.58 24.53
N GLU A 371 -53.65 16.41 25.53
CA GLU A 371 -54.13 17.78 25.29
C GLU A 371 -52.93 18.66 24.96
N LEU A 372 -52.62 18.77 23.67
CA LEU A 372 -51.51 19.57 23.19
C LEU A 372 -52.02 20.59 22.18
N ASP A 373 -51.13 21.51 21.80
CA ASP A 373 -51.42 22.49 20.75
C ASP A 373 -50.92 21.92 19.43
N TYR A 374 -51.73 21.05 18.83
CA TYR A 374 -51.37 20.41 17.57
C TYR A 374 -51.38 21.43 16.44
N ILE A 375 -50.22 21.68 15.84
CA ILE A 375 -50.16 22.57 14.68
C ILE A 375 -50.76 21.83 13.48
N VAL A 376 -51.81 22.41 12.89
CA VAL A 376 -52.51 21.80 11.76
C VAL A 376 -52.80 22.85 10.69
N GLN A 377 -52.95 22.35 9.45
CA GLN A 377 -53.39 23.12 8.28
C GLN A 377 -52.34 24.09 7.73
N GLN A 378 -51.81 24.95 8.57
CA GLN A 378 -50.82 25.94 8.15
C GLN A 378 -49.71 26.01 9.16
N PRO A 379 -48.51 26.41 8.75
CA PRO A 379 -47.42 26.60 9.72
C PRO A 379 -47.78 27.67 10.73
N ARG A 380 -47.20 27.52 11.92
CA ARG A 380 -47.38 28.48 13.00
C ARG A 380 -46.10 29.30 13.13
N ASN A 381 -46.23 30.62 13.05
CA ASN A 381 -45.11 31.50 13.37
C ASN A 381 -44.95 31.60 14.88
N LEU A 382 -43.74 31.33 15.37
CA LEU A 382 -43.42 31.36 16.79
C LEU A 382 -42.07 32.04 16.99
N ASP A 383 -41.99 32.87 18.04
CA ASP A 383 -40.71 33.41 18.51
C ASP A 383 -40.10 32.42 19.50
N ALA A 384 -39.63 31.30 18.96
CA ALA A 384 -39.24 30.16 19.77
C ALA A 384 -37.76 30.27 20.13
N ASP A 385 -37.44 30.25 21.43
CA ASP A 385 -36.05 30.33 21.83
C ASP A 385 -35.46 28.97 22.22
N ILE A 386 -36.30 28.02 22.61
CA ILE A 386 -35.89 26.68 23.02
C ILE A 386 -36.87 25.67 22.45
N ILE A 387 -36.36 24.57 21.88
CA ILE A 387 -37.22 23.54 21.32
C ILE A 387 -36.76 22.18 21.84
N MET A 388 -37.66 21.20 21.73
CA MET A 388 -37.39 19.83 22.16
C MET A 388 -37.73 18.88 21.02
N SER A 389 -36.90 17.86 20.83
CA SER A 389 -37.17 16.84 19.82
C SER A 389 -37.05 15.45 20.43
N ASN A 390 -38.10 14.64 20.28
CA ASN A 390 -38.22 13.37 21.00
C ASN A 390 -38.30 12.21 20.02
N ASN A 391 -37.70 11.09 20.42
CA ASN A 391 -37.71 9.87 19.61
C ASN A 391 -37.79 8.67 20.56
N PHE A 392 -38.51 7.64 20.13
CA PHE A 392 -38.69 6.43 20.93
C PHE A 392 -38.56 5.25 20.00
N ALA A 393 -37.87 4.19 20.44
CA ALA A 393 -37.51 3.10 19.56
C ALA A 393 -37.90 1.76 20.17
N PHE A 394 -37.69 0.69 19.38
CA PHE A 394 -37.83 -0.67 19.88
C PHE A 394 -36.91 -0.90 21.06
N GLY A 395 -37.30 -1.82 21.94
CA GLY A 395 -36.64 -1.95 23.20
C GLY A 395 -37.00 -0.88 24.18
N GLY A 396 -37.96 -0.02 23.84
CA GLY A 396 -38.33 1.05 24.74
C GLY A 396 -37.20 2.02 24.99
N ILE A 397 -36.32 2.23 24.01
CA ILE A 397 -35.25 3.21 24.12
C ILE A 397 -35.81 4.58 23.78
N ASN A 398 -35.63 5.54 24.69
CA ASN A 398 -36.17 6.88 24.57
C ASN A 398 -35.03 7.89 24.52
N THR A 399 -35.18 8.92 23.68
CA THR A 399 -34.27 10.04 23.69
C THR A 399 -35.08 11.33 23.62
N SER A 400 -34.52 12.38 24.22
CA SER A 400 -35.10 13.72 24.21
C SER A 400 -33.96 14.71 24.08
N LEU A 401 -34.03 15.60 23.09
CA LEU A 401 -32.97 16.57 22.81
C LEU A 401 -33.56 17.96 22.94
N ILE A 402 -32.81 18.85 23.58
CA ILE A 402 -33.21 20.24 23.72
C ILE A 402 -32.18 21.15 23.05
N PHE A 403 -32.66 22.03 22.17
CA PHE A 403 -31.82 22.97 21.43
C PHE A 403 -32.25 24.39 21.78
N LYS A 404 -31.28 25.31 21.77
CA LYS A 404 -31.51 26.69 22.14
C LYS A 404 -31.04 27.62 21.02
N ARG A 405 -31.84 28.64 20.73
CA ARG A 405 -31.45 29.64 19.73
C ARG A 405 -30.17 30.36 20.16
N VAL A 406 -29.35 30.74 19.18
CA VAL A 406 -28.14 31.51 19.42
C VAL A 406 -28.23 32.76 18.55
N LYS A 407 -28.19 33.92 19.18
CA LYS A 407 -28.17 35.19 18.47
C LYS A 407 -26.73 35.67 18.44
N GLN A 408 -26.24 35.98 17.24
CA GLN A 408 -24.82 36.27 17.03
C GLN A 408 -24.54 37.73 16.70
N MET B 1 -16.79 13.86 40.15
CA MET B 1 -16.46 12.60 39.50
C MET B 1 -16.57 11.44 40.48
N LYS B 2 -17.27 10.39 40.09
CA LYS B 2 -17.48 9.24 40.96
C LYS B 2 -16.45 8.15 40.63
N ARG B 3 -16.09 7.39 41.65
CA ARG B 3 -15.29 6.20 41.44
C ARG B 3 -16.23 5.02 41.13
N VAL B 4 -15.72 4.05 40.38
CA VAL B 4 -16.52 2.99 39.77
C VAL B 4 -15.83 1.66 40.08
N VAL B 5 -16.61 0.70 40.59
CA VAL B 5 -16.05 -0.59 40.99
C VAL B 5 -16.81 -1.70 40.29
N VAL B 6 -16.20 -2.88 40.29
CA VAL B 6 -16.78 -4.10 39.72
C VAL B 6 -17.26 -4.95 40.88
N THR B 7 -18.57 -5.19 40.97
CA THR B 7 -19.15 -5.98 42.06
C THR B 7 -19.70 -7.34 41.62
N GLY B 8 -19.76 -7.60 40.31
CA GLY B 8 -20.21 -8.89 39.79
C GLY B 8 -19.55 -9.16 38.47
N MET B 9 -19.28 -10.44 38.20
CA MET B 9 -18.60 -10.84 36.97
C MET B 9 -19.05 -12.24 36.58
N ALA B 10 -19.24 -12.46 35.28
CA ALA B 10 -19.62 -13.77 34.79
C ALA B 10 -19.23 -13.89 33.32
N GLY B 11 -19.13 -15.14 32.86
CA GLY B 11 -18.88 -15.36 31.45
C GLY B 11 -19.26 -16.76 31.06
N ILE B 12 -19.44 -16.96 29.76
CA ILE B 12 -19.75 -18.26 29.18
C ILE B 12 -18.74 -18.50 28.08
N THR B 13 -17.90 -19.53 28.24
CA THR B 13 -16.78 -19.74 27.31
C THR B 13 -16.67 -21.22 26.97
N SER B 14 -15.85 -21.48 25.94
CA SER B 14 -15.54 -22.86 25.56
C SER B 14 -14.72 -23.60 26.61
N LEU B 15 -14.20 -22.90 27.62
CA LEU B 15 -13.48 -23.52 28.73
C LEU B 15 -14.30 -23.60 30.01
N GLY B 16 -15.57 -23.19 29.99
CA GLY B 16 -16.42 -23.26 31.17
C GLY B 16 -17.21 -21.99 31.47
N GLU B 17 -18.05 -22.04 32.52
CA GLU B 17 -18.89 -20.92 32.91
C GLU B 17 -18.53 -20.35 34.27
N THR B 18 -17.43 -20.78 34.88
CA THR B 18 -16.96 -20.18 36.13
C THR B 18 -15.46 -19.93 35.98
N ALA B 19 -14.95 -18.95 36.71
CA ALA B 19 -13.52 -18.66 36.64
C ALA B 19 -12.69 -19.82 37.19
N ASP B 20 -13.19 -20.49 38.23
CA ASP B 20 -12.49 -21.65 38.77
C ASP B 20 -12.31 -22.72 37.69
N ASP B 21 -13.40 -23.05 36.98
CA ASP B 21 -13.32 -24.07 35.94
C ASP B 21 -12.38 -23.63 34.81
N ILE B 22 -12.46 -22.36 34.41
CA ILE B 22 -11.66 -21.89 33.30
C ILE B 22 -10.18 -21.88 33.68
N PHE B 23 -9.87 -21.45 34.90
CA PHE B 23 -8.46 -21.43 35.30
C PHE B 23 -7.91 -22.84 35.45
N ALA B 24 -8.76 -23.81 35.79
CA ALA B 24 -8.33 -25.21 35.81
C ALA B 24 -7.97 -25.71 34.41
N ARG B 25 -8.68 -25.23 33.39
CA ARG B 25 -8.30 -25.57 32.02
C ARG B 25 -7.11 -24.76 31.53
N PHE B 26 -6.93 -23.54 32.05
CA PHE B 26 -5.71 -22.78 31.76
C PHE B 26 -4.47 -23.55 32.23
N GLU B 27 -4.50 -24.04 33.46
CA GLU B 27 -3.37 -24.80 33.99
C GLU B 27 -3.13 -26.07 33.20
N ALA B 28 -4.21 -26.74 32.78
CA ALA B 28 -4.07 -27.95 31.97
C ALA B 28 -3.53 -27.64 30.58
N GLY B 29 -3.54 -26.38 30.16
CA GLY B 29 -2.98 -26.01 28.87
C GLY B 29 -3.76 -26.47 27.67
N LYS B 30 -5.07 -26.63 27.79
CA LYS B 30 -5.92 -27.03 26.67
C LYS B 30 -6.79 -25.85 26.23
N SER B 31 -6.88 -25.64 24.92
CA SER B 31 -7.71 -24.60 24.36
C SER B 31 -9.11 -25.13 24.09
N GLY B 32 -10.02 -24.22 23.75
CA GLY B 32 -11.36 -24.61 23.36
C GLY B 32 -11.53 -24.86 21.87
N ILE B 33 -10.43 -24.86 21.12
CA ILE B 33 -10.46 -24.97 19.66
C ILE B 33 -10.68 -26.43 19.25
N ARG B 34 -11.43 -26.63 18.18
CA ARG B 34 -11.56 -27.97 17.62
C ARG B 34 -11.81 -27.87 16.12
N TYR B 35 -11.52 -28.97 15.43
CA TYR B 35 -11.92 -29.12 14.04
C TYR B 35 -13.45 -29.14 13.93
N MET B 36 -13.95 -28.57 12.83
CA MET B 36 -15.38 -28.40 12.60
C MET B 36 -15.82 -29.26 11.43
N PRO B 37 -16.16 -30.54 11.66
CA PRO B 37 -16.72 -31.35 10.55
C PRO B 37 -17.95 -30.73 9.91
N GLU B 38 -18.79 -30.05 10.70
CA GLU B 38 -20.00 -29.42 10.19
C GLU B 38 -19.72 -28.31 9.18
N TRP B 39 -18.46 -27.89 9.01
CA TRP B 39 -18.12 -26.84 8.07
C TRP B 39 -17.48 -27.38 6.79
N GLU B 40 -17.40 -28.71 6.64
CA GLU B 40 -16.87 -29.25 5.39
C GLU B 40 -17.81 -28.96 4.23
N GLN B 41 -19.11 -28.86 4.50
CA GLN B 41 -20.11 -28.57 3.48
C GLN B 41 -19.95 -27.19 2.84
N TYR B 42 -19.05 -26.35 3.35
CA TYR B 42 -18.77 -25.04 2.76
C TYR B 42 -17.44 -25.16 2.03
N VAL B 43 -17.49 -25.28 0.71
CA VAL B 43 -16.32 -25.69 -0.06
C VAL B 43 -15.31 -24.54 -0.16
N ASP B 44 -15.79 -23.31 -0.35
CA ASP B 44 -14.89 -22.17 -0.49
C ASP B 44 -14.25 -21.77 0.82
N LEU B 45 -14.78 -22.24 1.96
CA LEU B 45 -14.25 -21.88 3.27
C LEU B 45 -13.00 -22.71 3.54
N ARG B 46 -11.85 -22.03 3.67
CA ARG B 46 -10.60 -22.75 3.88
C ARG B 46 -10.41 -23.16 5.33
N THR B 47 -10.79 -22.31 6.28
CA THR B 47 -10.63 -22.65 7.69
C THR B 47 -11.72 -23.61 8.14
N LYS B 48 -11.35 -24.55 9.01
CA LYS B 48 -12.30 -25.52 9.56
C LYS B 48 -12.12 -25.65 11.07
N LEU B 49 -11.63 -24.58 11.70
CA LEU B 49 -11.38 -24.52 13.13
C LEU B 49 -12.27 -23.47 13.78
N ALA B 50 -12.73 -23.76 14.98
CA ALA B 50 -13.55 -22.81 15.73
C ALA B 50 -13.47 -23.15 17.21
N GLY B 51 -13.95 -22.21 18.03
CA GLY B 51 -14.05 -22.44 19.45
C GLY B 51 -15.49 -22.33 19.95
N PRO B 52 -16.31 -23.31 19.61
CA PRO B 52 -17.73 -23.25 20.02
C PRO B 52 -17.89 -23.46 21.51
N VAL B 53 -19.01 -22.99 22.02
CA VAL B 53 -19.47 -23.34 23.36
C VAL B 53 -20.39 -24.54 23.18
N GLU B 54 -19.95 -25.72 23.62
CA GLU B 54 -20.74 -26.92 23.37
C GLU B 54 -21.98 -26.95 24.25
N THR B 55 -21.87 -26.46 25.48
CA THR B 55 -23.02 -26.45 26.37
C THR B 55 -22.88 -25.30 27.36
N PHE B 56 -24.02 -24.82 27.85
CA PHE B 56 -24.02 -23.93 29.00
C PHE B 56 -25.34 -24.07 29.72
N HIS B 57 -25.30 -23.89 31.04
CA HIS B 57 -26.50 -24.06 31.84
C HIS B 57 -27.51 -22.96 31.51
N ILE B 58 -28.75 -23.38 31.25
CA ILE B 58 -29.85 -22.45 31.01
C ILE B 58 -30.89 -22.68 32.09
N PRO B 59 -31.06 -21.73 33.02
CA PRO B 59 -32.07 -21.90 34.07
C PRO B 59 -33.47 -22.11 33.49
N LYS B 60 -34.29 -22.83 34.25
CA LYS B 60 -35.58 -23.29 33.78
C LYS B 60 -36.55 -22.13 33.56
N HIS B 61 -36.37 -21.03 34.29
CA HIS B 61 -37.29 -19.90 34.09
C HIS B 61 -37.06 -19.20 32.76
N PHE B 62 -36.01 -19.54 32.01
CA PHE B 62 -35.85 -19.05 30.63
C PHE B 62 -36.71 -19.92 29.71
N ASN B 63 -38.01 -19.73 29.83
CA ASN B 63 -38.96 -20.56 29.13
C ASN B 63 -39.25 -19.99 27.73
N ARG B 64 -40.22 -20.61 27.07
CA ARG B 64 -40.58 -20.29 25.69
C ARG B 64 -41.02 -18.83 25.53
N LYS B 65 -41.82 -18.33 26.47
CA LYS B 65 -42.28 -16.94 26.37
C LYS B 65 -41.13 -15.96 26.64
N VAL B 66 -40.31 -16.24 27.66
CA VAL B 66 -39.23 -15.34 28.05
C VAL B 66 -38.22 -15.20 26.91
N THR B 67 -37.96 -16.27 26.17
CA THR B 67 -36.89 -16.30 25.18
C THR B 67 -37.37 -16.09 23.74
N ARG B 68 -38.61 -15.63 23.54
CA ARG B 68 -39.16 -15.54 22.18
C ARG B 68 -38.39 -14.54 21.31
N GLY B 69 -37.88 -13.47 21.92
CA GLY B 69 -37.14 -12.49 21.16
C GLY B 69 -35.63 -12.67 21.26
N MET B 70 -35.19 -13.85 21.67
CA MET B 70 -33.77 -14.14 21.86
C MET B 70 -33.33 -15.22 20.88
N GLY B 71 -32.33 -14.89 20.06
CA GLY B 71 -31.50 -15.90 19.43
C GLY B 71 -30.40 -16.35 20.38
N ARG B 72 -29.50 -17.19 19.86
CA ARG B 72 -28.43 -17.75 20.69
C ARG B 72 -27.61 -16.65 21.36
N VAL B 73 -27.23 -15.61 20.60
CA VAL B 73 -26.34 -14.60 21.18
C VAL B 73 -27.05 -13.87 22.32
N ALA B 74 -28.35 -13.59 22.18
CA ALA B 74 -29.06 -12.86 23.21
C ALA B 74 -29.33 -13.74 24.43
N LEU B 75 -29.65 -15.02 24.22
CA LEU B 75 -29.86 -15.92 25.36
C LEU B 75 -28.58 -16.09 26.18
N MET B 76 -27.46 -16.34 25.50
CA MET B 76 -26.18 -16.42 26.18
C MET B 76 -25.89 -15.15 26.97
N SER B 77 -26.23 -13.99 26.39
CA SER B 77 -25.99 -12.71 27.04
C SER B 77 -26.81 -12.56 28.31
N VAL B 78 -28.11 -12.80 28.23
CA VAL B 78 -28.99 -12.54 29.37
C VAL B 78 -28.73 -13.53 30.49
N VAL B 79 -28.45 -14.79 30.15
CA VAL B 79 -28.14 -15.80 31.17
C VAL B 79 -26.82 -15.44 31.86
N CYS B 80 -25.82 -15.02 31.08
CA CYS B 80 -24.57 -14.53 31.64
C CYS B 80 -24.80 -13.34 32.56
N ALA B 81 -25.61 -12.37 32.11
CA ALA B 81 -25.85 -11.17 32.93
C ALA B 81 -26.58 -11.51 34.22
N GLU B 82 -27.50 -12.47 34.20
CA GLU B 82 -28.18 -12.87 35.41
C GLU B 82 -27.22 -13.45 36.43
N THR B 83 -26.28 -14.28 35.98
CA THR B 83 -25.26 -14.83 36.86
C THR B 83 -24.39 -13.72 37.45
N ALA B 84 -24.05 -12.70 36.65
CA ALA B 84 -23.26 -11.59 37.17
C ALA B 84 -24.06 -10.76 38.18
N LEU B 85 -25.33 -10.50 37.89
CA LEU B 85 -26.17 -9.80 38.86
C LEU B 85 -26.34 -10.60 40.14
N GLN B 86 -26.52 -11.91 40.02
CA GLN B 86 -26.62 -12.75 41.20
C GLN B 86 -25.35 -12.68 42.03
N ASN B 87 -24.19 -12.73 41.35
CA ASN B 87 -22.88 -12.59 41.99
C ASN B 87 -22.79 -11.28 42.78
N ALA B 88 -23.33 -10.19 42.21
CA ALA B 88 -23.31 -8.88 42.84
C ALA B 88 -24.35 -8.71 43.95
N GLY B 89 -25.22 -9.69 44.18
CA GLY B 89 -26.30 -9.51 45.14
C GLY B 89 -27.42 -8.61 44.66
N LEU B 90 -27.48 -8.31 43.37
CA LEU B 90 -28.46 -7.37 42.84
C LEU B 90 -29.59 -8.04 42.07
N LEU B 91 -29.62 -9.36 41.96
CA LEU B 91 -30.71 -9.99 41.22
C LEU B 91 -32.05 -9.72 41.94
N GLY B 92 -33.03 -9.26 41.19
CA GLY B 92 -34.31 -8.86 41.76
C GLY B 92 -34.27 -7.64 42.67
N HIS B 93 -33.15 -6.92 42.71
CA HIS B 93 -33.03 -5.75 43.56
C HIS B 93 -33.87 -4.58 43.05
N GLU B 94 -34.40 -3.78 43.99
CA GLU B 94 -35.19 -2.61 43.60
C GLU B 94 -34.42 -1.64 42.69
N ILE B 95 -33.09 -1.55 42.86
CA ILE B 95 -32.36 -0.58 42.04
C ILE B 95 -32.49 -0.90 40.55
N LEU B 96 -32.69 -2.17 40.19
CA LEU B 96 -32.73 -2.52 38.77
C LEU B 96 -33.87 -1.82 38.04
N SER B 97 -35.01 -1.61 38.69
CA SER B 97 -36.14 -0.94 38.06
C SER B 97 -36.27 0.53 38.47
N SER B 98 -35.23 1.09 39.11
CA SER B 98 -35.32 2.44 39.66
C SER B 98 -35.07 3.54 38.65
N GLY B 99 -34.53 3.23 37.47
CA GLY B 99 -34.00 4.24 36.58
C GLY B 99 -32.53 4.54 36.77
N GLU B 100 -31.94 4.08 37.87
CA GLU B 100 -30.52 4.29 38.17
C GLU B 100 -29.66 3.13 37.69
N ALA B 101 -30.25 2.10 37.11
CA ALA B 101 -29.50 0.98 36.58
C ALA B 101 -29.73 0.87 35.07
N GLY B 102 -28.64 0.65 34.32
CA GLY B 102 -28.77 0.52 32.88
C GLY B 102 -27.90 -0.58 32.33
N VAL B 103 -27.68 -0.58 31.02
CA VAL B 103 -26.92 -1.64 30.38
C VAL B 103 -26.10 -1.07 29.24
N ALA B 104 -24.86 -1.53 29.13
CA ALA B 104 -24.07 -1.33 27.92
C ALA B 104 -23.70 -2.70 27.39
N PHE B 105 -24.00 -2.96 26.13
CA PHE B 105 -23.74 -4.30 25.61
C PHE B 105 -23.63 -4.22 24.10
N GLY B 106 -22.89 -5.16 23.52
CA GLY B 106 -22.84 -5.19 22.07
C GLY B 106 -22.42 -6.56 21.57
N SER B 107 -22.62 -6.73 20.26
CA SER B 107 -22.17 -7.93 19.55
C SER B 107 -21.83 -7.49 18.13
N SER B 108 -21.08 -8.35 17.42
CA SER B 108 -20.78 -8.03 16.02
C SER B 108 -22.03 -8.08 15.17
N ALA B 109 -22.98 -8.92 15.54
CA ALA B 109 -24.22 -9.10 14.79
C ALA B 109 -25.24 -9.75 15.71
N GLY B 110 -26.49 -9.72 15.28
CA GLY B 110 -27.54 -10.45 15.97
C GLY B 110 -27.49 -11.92 15.64
N SER B 111 -28.64 -12.58 15.83
CA SER B 111 -28.75 -14.00 15.56
C SER B 111 -28.76 -14.27 14.06
N VAL B 112 -27.90 -15.18 13.61
CA VAL B 112 -27.78 -15.46 12.18
C VAL B 112 -29.05 -16.13 11.64
N ASP B 113 -29.73 -16.95 12.44
CA ASP B 113 -31.04 -17.48 12.06
C ASP B 113 -32.00 -16.35 11.68
N ALA B 114 -32.11 -15.34 12.55
CA ALA B 114 -32.99 -14.21 12.25
C ALA B 114 -32.50 -13.40 11.07
N VAL B 115 -31.18 -13.27 10.90
CA VAL B 115 -30.65 -12.62 9.69
C VAL B 115 -31.11 -13.37 8.45
N GLY B 116 -31.14 -14.71 8.52
CA GLY B 116 -31.60 -15.51 7.39
C GLY B 116 -33.07 -15.29 7.07
N GLU B 117 -33.90 -15.13 8.10
CA GLU B 117 -35.31 -14.82 7.88
C GLU B 117 -35.47 -13.50 7.15
N PHE B 118 -34.78 -12.47 7.62
CA PHE B 118 -34.88 -11.13 7.02
C PHE B 118 -34.38 -11.15 5.57
N ALA B 119 -33.33 -11.93 5.28
CA ALA B 119 -32.79 -12.01 3.93
C ALA B 119 -33.62 -12.91 3.01
N SER B 120 -34.41 -13.82 3.57
CA SER B 120 -35.23 -14.70 2.75
C SER B 120 -36.29 -13.95 1.97
N MET B 121 -36.61 -12.72 2.35
CA MET B 121 -37.56 -11.96 1.55
C MET B 121 -36.92 -11.40 0.29
N LEU B 122 -35.71 -10.86 0.40
CA LEU B 122 -35.03 -10.34 -0.79
C LEU B 122 -34.70 -11.46 -1.77
N LEU B 123 -34.51 -12.69 -1.28
CA LEU B 123 -34.26 -13.84 -2.18
C LEU B 123 -35.56 -14.47 -2.64
N HIS B 124 -36.26 -15.17 -1.74
CA HIS B 124 -37.41 -15.98 -2.09
C HIS B 124 -38.69 -15.18 -2.33
N GLN B 125 -38.60 -13.85 -2.39
CA GLN B 125 -39.76 -12.97 -2.66
C GLN B 125 -40.92 -13.24 -1.70
N SER B 126 -40.62 -13.71 -0.50
CA SER B 126 -41.65 -14.18 0.41
C SER B 126 -41.45 -13.60 1.80
N MET B 127 -42.56 -13.18 2.40
CA MET B 127 -42.58 -12.68 3.76
C MET B 127 -42.89 -13.77 4.79
N SER B 128 -43.00 -15.02 4.34
CA SER B 128 -43.48 -16.08 5.23
C SER B 128 -42.49 -16.38 6.34
N LYS B 129 -41.20 -16.17 6.10
CA LYS B 129 -40.21 -16.48 7.14
C LYS B 129 -40.03 -15.34 8.14
N ILE B 130 -40.36 -14.11 7.77
CA ILE B 130 -40.25 -13.00 8.72
C ILE B 130 -41.42 -13.06 9.69
N ASN B 131 -41.14 -12.96 10.99
CA ASN B 131 -42.20 -12.98 11.99
C ASN B 131 -42.06 -11.84 13.00
N ALA B 132 -42.90 -11.83 14.04
CA ALA B 132 -42.96 -10.71 14.97
C ALA B 132 -41.66 -10.50 15.74
N THR B 133 -40.77 -11.48 15.79
CA THR B 133 -39.53 -11.33 16.54
C THR B 133 -38.29 -11.36 15.65
N THR B 134 -38.45 -11.28 14.33
CA THR B 134 -37.29 -11.38 13.45
C THR B 134 -36.32 -10.23 13.69
N TYR B 135 -36.83 -9.00 13.74
CA TYR B 135 -35.93 -7.86 13.92
C TYR B 135 -35.30 -7.87 15.32
N ILE B 136 -36.11 -8.15 16.36
CA ILE B 136 -35.58 -8.20 17.72
C ILE B 136 -34.44 -9.21 17.83
N ARG B 137 -34.59 -10.36 17.17
CA ARG B 137 -33.56 -11.38 17.24
C ARG B 137 -32.37 -11.07 16.33
N MET B 138 -32.58 -10.40 15.19
CA MET B 138 -31.50 -10.17 14.24
C MET B 138 -30.67 -8.93 14.54
N MET B 139 -31.23 -7.94 15.22
CA MET B 139 -30.61 -6.63 15.27
C MET B 139 -29.39 -6.67 16.17
N ALA B 140 -28.38 -5.86 15.84
CA ALA B 140 -27.09 -5.94 16.52
C ALA B 140 -27.16 -5.56 18.00
N HIS B 141 -28.19 -4.84 18.43
CA HIS B 141 -28.39 -4.59 19.86
C HIS B 141 -29.42 -5.53 20.49
N THR B 142 -29.54 -6.75 19.95
CA THR B 142 -30.50 -7.71 20.51
C THR B 142 -30.21 -8.02 21.97
N SER B 143 -28.93 -8.07 22.36
CA SER B 143 -28.59 -8.43 23.73
C SER B 143 -29.02 -7.34 24.71
N ALA B 144 -28.69 -6.09 24.40
CA ALA B 144 -28.99 -5.01 25.33
C ALA B 144 -30.50 -4.87 25.52
N VAL B 145 -31.26 -4.92 24.41
CA VAL B 145 -32.71 -4.76 24.51
C VAL B 145 -33.32 -5.92 25.29
N ASN B 146 -32.90 -7.15 24.99
CA ASN B 146 -33.46 -8.29 25.73
C ASN B 146 -33.15 -8.19 27.21
N MET B 147 -32.00 -7.59 27.56
CA MET B 147 -31.66 -7.43 28.97
C MET B 147 -32.56 -6.42 29.66
N THR B 148 -32.79 -5.26 29.05
CA THR B 148 -33.66 -4.28 29.71
C THR B 148 -35.06 -4.82 29.88
N VAL B 149 -35.56 -5.55 28.89
CA VAL B 149 -36.91 -6.13 29.03
C VAL B 149 -36.91 -7.22 30.10
N TYR B 150 -35.91 -8.10 30.08
CA TYR B 150 -35.93 -9.24 31.01
C TYR B 150 -35.74 -8.80 32.46
N PHE B 151 -34.79 -7.90 32.72
CA PHE B 151 -34.54 -7.45 34.08
C PHE B 151 -35.37 -6.24 34.49
N GLY B 152 -36.08 -5.61 33.55
CA GLY B 152 -36.89 -4.45 33.89
C GLY B 152 -36.08 -3.19 34.10
N LEU B 153 -34.96 -3.03 33.38
CA LEU B 153 -34.09 -1.87 33.57
C LEU B 153 -34.73 -0.64 32.97
N LYS B 154 -34.69 0.48 33.71
CA LYS B 154 -35.30 1.70 33.21
C LYS B 154 -34.28 2.83 33.05
N GLY B 155 -32.99 2.54 33.14
CA GLY B 155 -31.98 3.56 32.97
C GLY B 155 -31.49 3.64 31.53
N LEU B 156 -30.17 3.80 31.37
CA LEU B 156 -29.56 3.97 30.05
C LEU B 156 -29.44 2.63 29.33
N THR B 157 -29.79 2.61 28.05
CA THR B 157 -29.39 1.54 27.14
C THR B 157 -28.29 2.09 26.24
N LEU B 158 -27.09 1.55 26.36
CA LEU B 158 -25.95 1.97 25.55
C LEU B 158 -25.55 0.85 24.61
N PRO B 159 -25.97 0.86 23.35
CA PRO B 159 -25.62 -0.22 22.42
C PRO B 159 -24.21 0.01 21.90
N THR B 160 -23.29 -0.88 22.27
CA THR B 160 -21.89 -0.69 21.89
C THR B 160 -21.47 -1.74 20.86
N SER B 161 -22.39 -2.12 19.99
CA SER B 161 -22.06 -3.03 18.91
C SER B 161 -21.04 -2.38 17.97
N SER B 162 -19.79 -2.83 18.06
CA SER B 162 -18.66 -2.28 17.28
C SER B 162 -17.69 -3.41 16.93
N ALA B 163 -18.22 -4.53 16.48
CA ALA B 163 -17.44 -5.74 16.20
C ALA B 163 -16.53 -6.11 17.37
N CYS B 164 -15.22 -6.20 17.13
CA CYS B 164 -14.31 -6.81 18.11
C CYS B 164 -14.14 -5.98 19.37
N THR B 165 -14.56 -4.70 19.38
CA THR B 165 -14.49 -3.87 20.58
C THR B 165 -15.82 -3.77 21.32
N SER B 166 -16.83 -4.56 20.94
CA SER B 166 -18.17 -4.41 21.51
C SER B 166 -18.14 -4.48 23.03
N GLY B 167 -17.48 -5.49 23.57
CA GLY B 167 -17.52 -5.73 25.02
C GLY B 167 -16.62 -4.79 25.80
N SER B 168 -15.50 -4.36 25.21
CA SER B 168 -14.66 -3.41 25.91
C SER B 168 -15.23 -2.00 25.82
N MET B 169 -15.79 -1.64 24.66
CA MET B 169 -16.51 -0.37 24.55
C MET B 169 -17.67 -0.33 25.53
N ALA B 170 -18.36 -1.47 25.74
CA ALA B 170 -19.46 -1.51 26.71
C ALA B 170 -18.96 -1.20 28.11
N ILE B 171 -17.86 -1.83 28.53
CA ILE B 171 -17.30 -1.57 29.86
C ILE B 171 -16.91 -0.11 29.98
N GLY B 172 -16.27 0.45 28.95
CA GLY B 172 -15.82 1.82 29.05
C GLY B 172 -16.96 2.82 29.14
N GLN B 173 -17.98 2.66 28.29
CA GLN B 173 -19.13 3.56 28.30
C GLN B 173 -19.96 3.41 29.57
N ALA B 174 -20.06 2.18 30.08
CA ALA B 174 -20.72 1.98 31.37
C ALA B 174 -19.95 2.66 32.48
N TYR B 175 -18.62 2.52 32.47
CA TYR B 175 -17.77 3.21 33.43
C TYR B 175 -18.01 4.72 33.39
N GLU B 176 -18.04 5.29 32.19
CA GLU B 176 -18.26 6.73 32.07
C GLU B 176 -19.63 7.13 32.60
N ALA B 177 -20.66 6.34 32.30
CA ALA B 177 -22.00 6.68 32.76
C ALA B 177 -22.04 6.76 34.28
N ILE B 178 -21.29 5.91 34.98
CA ILE B 178 -21.29 5.98 36.43
C ILE B 178 -20.35 7.09 36.92
N LYS B 179 -19.17 7.19 36.30
CA LYS B 179 -18.20 8.22 36.65
C LYS B 179 -18.81 9.62 36.60
N TYR B 180 -19.59 9.91 35.55
CA TYR B 180 -20.20 11.22 35.39
C TYR B 180 -21.56 11.34 36.05
N GLY B 181 -21.94 10.39 36.88
CA GLY B 181 -23.13 10.56 37.70
C GLY B 181 -24.45 10.29 37.01
N LYS B 182 -24.46 9.70 35.82
CA LYS B 182 -25.73 9.43 35.16
C LYS B 182 -26.45 8.19 35.68
N GLN B 183 -25.69 7.19 36.15
CA GLN B 183 -26.24 5.92 36.65
C GLN B 183 -25.44 5.48 37.87
N GLN B 184 -26.06 4.61 38.67
CA GLN B 184 -25.37 4.02 39.82
C GLN B 184 -24.95 2.58 39.59
N VAL B 185 -25.63 1.84 38.71
CA VAL B 185 -25.31 0.46 38.40
C VAL B 185 -25.41 0.29 36.89
N MET B 186 -24.46 -0.46 36.30
CA MET B 186 -24.53 -0.82 34.89
C MET B 186 -24.15 -2.26 34.69
N ILE B 187 -24.98 -2.99 33.94
CA ILE B 187 -24.58 -4.24 33.30
C ILE B 187 -23.74 -3.90 32.08
N ALA B 188 -22.55 -4.48 31.95
CA ALA B 188 -21.65 -4.17 30.84
C ALA B 188 -20.98 -5.43 30.32
N GLY B 189 -20.97 -5.60 28.99
CA GLY B 189 -20.28 -6.74 28.42
C GLY B 189 -20.54 -6.88 26.93
N GLY B 190 -20.19 -8.06 26.43
CA GLY B 190 -20.35 -8.36 25.01
C GLY B 190 -20.57 -9.85 24.83
N ALA B 191 -21.07 -10.21 23.64
CA ALA B 191 -21.29 -11.61 23.35
C ALA B 191 -21.26 -11.81 21.84
N GLU B 192 -21.17 -13.08 21.44
CA GLU B 192 -21.21 -13.45 20.04
C GLU B 192 -21.61 -14.91 19.93
N GLU B 193 -22.47 -15.22 18.96
CA GLU B 193 -22.78 -16.60 18.63
C GLU B 193 -21.92 -17.01 17.44
N LEU B 194 -21.61 -18.30 17.38
CA LEU B 194 -20.73 -18.82 16.33
C LEU B 194 -21.52 -19.11 15.06
N SER B 195 -20.92 -18.79 13.92
CA SER B 195 -21.52 -19.17 12.65
C SER B 195 -20.41 -19.29 11.61
N ALA B 196 -20.63 -20.18 10.63
CA ALA B 196 -19.65 -20.34 9.57
C ALA B 196 -19.57 -19.11 8.69
N ALA B 197 -20.68 -18.39 8.53
CA ALA B 197 -20.64 -17.10 7.83
C ALA B 197 -19.74 -16.11 8.56
N GLY B 198 -19.77 -16.13 9.89
CA GLY B 198 -18.86 -15.30 10.65
C GLY B 198 -17.40 -15.63 10.39
N ALA B 199 -17.09 -16.93 10.29
CA ALA B 199 -15.73 -17.31 9.91
C ALA B 199 -15.41 -16.87 8.49
N ALA B 200 -16.41 -16.90 7.60
CA ALA B 200 -16.18 -16.56 6.20
C ALA B 200 -15.67 -15.12 6.04
N VAL B 201 -16.19 -14.19 6.84
CA VAL B 201 -15.80 -12.80 6.63
C VAL B 201 -14.32 -12.60 6.91
N PHE B 202 -13.74 -13.39 7.82
CA PHE B 202 -12.30 -13.31 8.03
C PHE B 202 -11.53 -14.20 7.06
N ASP B 203 -12.16 -15.29 6.61
CA ASP B 203 -11.53 -16.19 5.65
C ASP B 203 -11.27 -15.50 4.32
N VAL B 204 -12.21 -14.67 3.86
CA VAL B 204 -12.00 -13.96 2.59
C VAL B 204 -10.93 -12.87 2.69
N LEU B 205 -10.51 -12.51 3.90
CA LEU B 205 -9.39 -11.60 4.09
C LEU B 205 -8.07 -12.33 4.25
N PHE B 206 -8.06 -13.65 4.13
CA PHE B 206 -6.87 -14.46 4.36
C PHE B 206 -6.30 -14.20 5.75
N ALA B 207 -7.19 -14.02 6.73
CA ALA B 207 -6.81 -13.80 8.12
C ALA B 207 -7.00 -15.03 9.00
N THR B 208 -7.56 -16.12 8.47
CA THR B 208 -7.79 -17.31 9.27
C THR B 208 -6.61 -18.27 9.21
N SER B 209 -6.51 -19.11 10.24
CA SER B 209 -5.52 -20.16 10.29
C SER B 209 -5.92 -21.31 9.38
N GLY B 210 -4.92 -21.97 8.80
CA GLY B 210 -5.20 -23.08 7.91
C GLY B 210 -4.93 -24.43 8.55
N MET B 211 -4.42 -24.42 9.78
CA MET B 211 -3.96 -25.64 10.45
C MET B 211 -5.12 -26.51 10.90
N ASN B 212 -5.93 -26.97 9.94
CA ASN B 212 -7.15 -27.69 10.29
C ASN B 212 -6.86 -29.06 10.91
N ASP B 213 -5.69 -29.63 10.61
CA ASP B 213 -5.30 -30.93 11.15
C ASP B 213 -4.59 -30.84 12.49
N GLN B 214 -4.33 -29.63 12.98
CA GLN B 214 -3.72 -29.42 14.31
C GLN B 214 -4.50 -28.39 15.11
N PRO B 215 -5.76 -28.67 15.45
CA PRO B 215 -6.52 -27.70 16.27
C PRO B 215 -5.89 -27.41 17.62
N GLU B 216 -5.05 -28.32 18.14
CA GLU B 216 -4.45 -28.15 19.46
C GLU B 216 -3.28 -27.18 19.49
N LYS B 217 -2.77 -26.74 18.34
CA LYS B 217 -1.59 -25.89 18.29
C LYS B 217 -1.83 -24.57 17.54
N THR B 218 -3.09 -24.15 17.39
CA THR B 218 -3.46 -22.89 16.76
C THR B 218 -4.70 -22.36 17.48
N PRO B 219 -4.86 -21.02 17.59
CA PRO B 219 -4.00 -19.92 17.12
C PRO B 219 -2.76 -19.70 17.98
N ARG B 220 -1.82 -18.90 17.48
CA ARG B 220 -0.49 -18.76 18.06
C ARG B 220 -0.11 -17.28 18.13
N PRO B 221 -0.77 -16.51 19.01
CA PRO B 221 -0.50 -15.06 19.08
C PRO B 221 0.98 -14.75 19.28
N PHE B 222 1.50 -13.86 18.45
CA PHE B 222 2.89 -13.37 18.46
C PHE B 222 3.91 -14.47 18.16
N ASP B 223 3.47 -15.65 17.75
CA ASP B 223 4.38 -16.73 17.44
C ASP B 223 4.94 -16.58 16.03
N ALA B 224 6.20 -16.98 15.86
CA ALA B 224 6.86 -16.85 14.56
C ALA B 224 6.20 -17.72 13.48
N LYS B 225 5.46 -18.76 13.88
CA LYS B 225 4.81 -19.66 12.94
C LYS B 225 3.30 -19.54 12.94
N ARG B 226 2.76 -18.45 13.51
CA ARG B 226 1.31 -18.23 13.46
C ARG B 226 0.86 -18.06 12.02
N ASP B 227 -0.37 -18.46 11.73
CA ASP B 227 -0.91 -18.34 10.37
C ASP B 227 -2.35 -17.83 10.36
N GLY B 228 -2.74 -17.04 11.35
CA GLY B 228 -4.04 -16.41 11.36
C GLY B 228 -4.84 -16.78 12.60
N LEU B 229 -6.06 -16.25 12.65
CA LEU B 229 -6.93 -16.39 13.81
C LEU B 229 -7.89 -17.57 13.65
N VAL B 230 -8.58 -17.87 14.75
CA VAL B 230 -9.67 -18.83 14.79
C VAL B 230 -10.80 -18.19 15.59
N ILE B 231 -12.04 -18.23 15.07
CA ILE B 231 -13.11 -17.53 15.77
C ILE B 231 -13.78 -18.45 16.77
N GLY B 232 -14.28 -17.85 17.84
CA GLY B 232 -15.03 -18.57 18.85
C GLY B 232 -16.31 -17.83 19.21
N GLU B 233 -17.00 -18.27 20.25
CA GLU B 233 -18.23 -17.63 20.67
C GLU B 233 -18.25 -17.59 22.20
N GLY B 234 -19.19 -16.84 22.75
CA GLY B 234 -19.37 -16.80 24.19
C GLY B 234 -19.93 -15.47 24.64
N ALA B 235 -19.84 -15.24 25.94
CA ALA B 235 -20.35 -14.00 26.51
C ALA B 235 -19.53 -13.67 27.75
N GLY B 236 -19.40 -12.38 28.02
CA GLY B 236 -18.76 -11.92 29.24
C GLY B 236 -19.52 -10.71 29.77
N CYS B 237 -19.54 -10.60 31.10
CA CYS B 237 -20.33 -9.55 31.71
C CYS B 237 -19.71 -9.08 33.01
N LEU B 238 -19.59 -7.76 33.18
CA LEU B 238 -19.24 -7.14 34.45
C LEU B 238 -20.41 -6.31 34.96
N ILE B 239 -20.60 -6.32 36.28
CA ILE B 239 -21.53 -5.42 36.94
C ILE B 239 -20.71 -4.27 37.51
N LEU B 240 -20.90 -3.07 36.96
CA LEU B 240 -20.22 -1.88 37.45
C LEU B 240 -21.14 -1.12 38.39
N GLU B 241 -20.55 -0.46 39.38
CA GLU B 241 -21.34 0.14 40.45
C GLU B 241 -20.59 1.32 41.02
N GLU B 242 -21.31 2.37 41.36
CA GLU B 242 -20.69 3.52 42.02
C GLU B 242 -20.08 3.11 43.35
N TYR B 243 -18.89 3.66 43.66
CA TYR B 243 -18.10 3.14 44.76
C TYR B 243 -18.81 3.27 46.12
N GLU B 244 -19.32 4.46 46.45
CA GLU B 244 -19.97 4.66 47.75
C GLU B 244 -21.22 3.81 47.90
N HIS B 245 -21.99 3.67 46.82
CA HIS B 245 -23.11 2.75 46.81
C HIS B 245 -22.67 1.33 47.15
N ALA B 246 -21.62 0.84 46.48
CA ALA B 246 -21.16 -0.52 46.77
C ALA B 246 -20.65 -0.63 48.20
N LYS B 247 -19.88 0.34 48.67
CA LYS B 247 -19.35 0.27 50.03
C LYS B 247 -20.48 0.33 51.05
N ALA B 248 -21.51 1.13 50.77
CA ALA B 248 -22.59 1.33 51.73
C ALA B 248 -23.37 0.06 51.99
N ARG B 249 -23.48 -0.83 50.99
CA ARG B 249 -24.20 -2.08 51.19
C ARG B 249 -23.27 -3.23 51.52
N GLY B 250 -21.98 -2.96 51.73
CA GLY B 250 -21.02 -3.98 52.11
C GLY B 250 -20.65 -4.93 51.00
N ALA B 251 -20.72 -4.49 49.75
CA ALA B 251 -20.56 -5.40 48.62
C ALA B 251 -19.11 -5.84 48.47
N HIS B 252 -18.94 -7.07 47.99
CA HIS B 252 -17.62 -7.49 47.58
C HIS B 252 -17.22 -6.74 46.32
N ILE B 253 -15.98 -6.28 46.28
CA ILE B 253 -15.47 -5.49 45.14
C ILE B 253 -14.31 -6.24 44.50
N TYR B 254 -14.45 -6.58 43.22
CA TYR B 254 -13.44 -7.32 42.48
C TYR B 254 -12.32 -6.45 41.93
N ALA B 255 -12.62 -5.21 41.57
CA ALA B 255 -11.62 -4.30 41.02
C ALA B 255 -12.24 -2.91 40.92
N GLU B 256 -11.39 -1.91 40.71
CA GLU B 256 -11.84 -0.56 40.42
C GLU B 256 -11.49 -0.24 38.98
N VAL B 257 -12.44 0.34 38.24
CA VAL B 257 -12.18 0.83 36.88
C VAL B 257 -11.65 2.25 37.03
N ILE B 258 -10.43 2.49 36.56
CA ILE B 258 -9.82 3.81 36.74
C ILE B 258 -9.46 4.49 35.43
N GLY B 259 -9.47 3.78 34.30
CA GLY B 259 -9.22 4.48 33.04
C GLY B 259 -9.87 3.83 31.84
N TYR B 260 -10.32 4.66 30.89
CA TYR B 260 -10.83 4.19 29.62
C TYR B 260 -10.32 5.13 28.55
N GLY B 261 -9.69 4.58 27.52
CA GLY B 261 -9.31 5.33 26.32
C GLY B 261 -9.89 4.71 25.08
N SER B 262 -10.30 5.56 24.13
CA SER B 262 -10.79 5.06 22.85
C SER B 262 -10.44 6.09 21.79
N ASN B 263 -9.98 5.61 20.64
CA ASN B 263 -9.75 6.50 19.49
C ASN B 263 -9.90 5.66 18.23
N THR B 264 -9.49 6.22 17.10
CA THR B 264 -9.80 5.62 15.81
C THR B 264 -8.60 5.80 14.87
N ASP B 265 -8.27 4.76 14.11
CA ASP B 265 -7.10 4.82 13.25
C ASP B 265 -7.26 5.86 12.15
N GLY B 266 -8.45 5.95 11.56
CA GLY B 266 -8.70 6.94 10.52
C GLY B 266 -7.97 6.67 9.22
N GLN B 267 -7.66 5.40 8.93
CA GLN B 267 -6.80 5.06 7.80
C GLN B 267 -7.44 3.99 6.93
N HIS B 268 -7.85 2.88 7.52
CA HIS B 268 -8.21 1.69 6.76
C HIS B 268 -9.25 0.89 7.54
N VAL B 269 -10.10 0.16 6.80
CA VAL B 269 -11.19 -0.58 7.45
C VAL B 269 -10.66 -1.81 8.18
N THR B 270 -9.55 -2.40 7.73
CA THR B 270 -9.09 -3.65 8.35
C THR B 270 -7.64 -3.61 8.84
N ARG B 271 -6.75 -2.86 8.16
CA ARG B 271 -5.33 -2.84 8.51
C ARG B 271 -5.04 -1.87 9.65
N PRO B 272 -4.69 -2.36 10.84
CA PRO B 272 -4.47 -1.47 11.98
C PRO B 272 -3.21 -0.63 11.84
N GLU B 273 -3.22 0.50 12.55
CA GLU B 273 -2.13 1.47 12.55
C GLU B 273 -1.50 1.49 13.92
N SER B 274 -0.23 1.10 14.01
CA SER B 274 0.48 1.03 15.28
C SER B 274 0.40 2.32 16.07
N GLU B 275 0.60 3.46 15.41
CA GLU B 275 0.70 4.73 16.11
C GLU B 275 -0.57 5.07 16.86
N MET B 276 -1.73 4.83 16.25
CA MET B 276 -2.98 5.20 16.90
C MET B 276 -3.35 4.22 18.01
N MET B 277 -3.02 2.93 17.84
CA MET B 277 -3.19 1.98 18.94
C MET B 277 -2.45 2.45 20.17
N GLY B 278 -1.19 2.88 20.00
CA GLY B 278 -0.42 3.36 21.13
C GLY B 278 -0.99 4.64 21.72
N ARG B 279 -1.50 5.52 20.87
CA ARG B 279 -2.15 6.71 21.39
C ARG B 279 -3.36 6.36 22.25
N CYS B 280 -4.08 5.30 21.90
CA CYS B 280 -5.24 4.89 22.69
C CYS B 280 -4.81 4.44 24.08
N MET B 281 -3.67 3.76 24.17
CA MET B 281 -3.15 3.37 25.49
C MET B 281 -2.77 4.60 26.30
N GLU B 282 -2.21 5.61 25.64
CA GLU B 282 -1.87 6.85 26.34
C GLU B 282 -3.11 7.58 26.81
N LEU B 283 -4.21 7.52 26.06
CA LEU B 283 -5.45 8.13 26.52
C LEU B 283 -5.94 7.49 27.81
N ALA B 284 -5.86 6.16 27.88
CA ALA B 284 -6.27 5.44 29.10
C ALA B 284 -5.37 5.78 30.27
N LEU B 285 -4.05 5.80 30.05
CA LEU B 285 -3.13 6.16 31.11
C LEU B 285 -3.44 7.55 31.65
N LYS B 286 -3.72 8.50 30.76
CA LYS B 286 -4.02 9.85 31.19
C LYS B 286 -5.36 9.91 31.95
N ASP B 287 -6.35 9.15 31.48
CA ASP B 287 -7.65 9.13 32.15
C ASP B 287 -7.52 8.56 33.55
N ALA B 288 -6.60 7.62 33.75
CA ALA B 288 -6.35 6.98 35.04
C ALA B 288 -5.35 7.73 35.91
N SER B 289 -4.70 8.77 35.39
CA SER B 289 -3.65 9.48 36.12
C SER B 289 -2.54 8.53 36.57
N VAL B 290 -2.16 7.59 35.70
CA VAL B 290 -1.05 6.70 35.97
C VAL B 290 -0.10 6.74 34.78
N GLU B 291 1.09 6.22 35.00
CA GLU B 291 2.13 6.18 33.98
C GLU B 291 2.46 4.74 33.64
N ALA B 292 3.17 4.56 32.52
CA ALA B 292 3.49 3.23 32.03
C ALA B 292 4.11 2.37 33.13
N LYS B 293 4.97 2.97 33.95
CA LYS B 293 5.63 2.21 35.00
C LYS B 293 4.64 1.57 35.97
N ASP B 294 3.47 2.19 36.15
CA ASP B 294 2.50 1.71 37.13
C ASP B 294 1.69 0.51 36.63
N ILE B 295 1.71 0.26 35.33
CA ILE B 295 1.02 -0.89 34.76
C ILE B 295 1.84 -2.14 35.02
N ALA B 296 1.21 -3.14 35.64
CA ALA B 296 1.94 -4.36 35.98
C ALA B 296 1.82 -5.44 34.92
N TYR B 297 0.70 -5.47 34.19
CA TYR B 297 0.42 -6.52 33.23
C TYR B 297 -0.54 -5.96 32.17
N VAL B 298 -0.36 -6.41 30.93
CA VAL B 298 -1.22 -6.03 29.81
C VAL B 298 -1.87 -7.28 29.25
N ASN B 299 -3.19 -7.28 29.16
CA ASN B 299 -3.90 -8.30 28.42
C ASN B 299 -4.02 -7.80 26.98
N ALA B 300 -3.30 -8.45 26.07
CA ALA B 300 -3.28 -7.99 24.69
C ALA B 300 -4.58 -8.37 23.99
N HIS B 301 -4.85 -7.66 22.88
CA HIS B 301 -5.85 -8.16 21.94
C HIS B 301 -5.37 -9.46 21.32
N GLY B 302 -4.22 -9.43 20.64
CA GLY B 302 -3.50 -10.64 20.27
C GLY B 302 -4.31 -11.68 19.54
N THR B 303 -4.79 -11.33 18.35
CA THR B 303 -5.67 -12.16 17.55
C THR B 303 -4.96 -13.31 16.84
N SER B 304 -3.63 -13.24 16.71
CA SER B 304 -2.76 -14.21 16.02
C SER B 304 -2.72 -13.99 14.51
N THR B 305 -3.23 -12.86 14.00
CA THR B 305 -3.00 -12.51 12.61
C THR B 305 -1.58 -11.96 12.43
N ASP B 306 -1.13 -11.85 11.19
CA ASP B 306 0.24 -11.41 10.98
C ASP B 306 0.43 -9.95 11.37
N GLN B 307 -0.18 -9.04 10.63
CA GLN B 307 0.08 -7.62 10.87
C GLN B 307 -0.67 -7.10 12.09
N GLY B 308 -1.73 -7.77 12.52
CA GLY B 308 -2.39 -7.39 13.76
C GLY B 308 -1.48 -7.54 14.96
N ASP B 309 -0.84 -8.71 15.10
CA ASP B 309 0.05 -8.95 16.23
C ASP B 309 1.25 -7.99 16.20
N VAL B 310 1.76 -7.67 15.01
CA VAL B 310 2.92 -6.78 14.93
C VAL B 310 2.54 -5.37 15.37
N ALA B 311 1.49 -4.82 14.77
CA ALA B 311 1.09 -3.45 15.10
C ALA B 311 0.83 -3.32 16.60
N GLU B 312 0.08 -4.27 17.19
CA GLU B 312 -0.24 -4.17 18.60
C GLU B 312 1.02 -4.21 19.47
N SER B 313 1.87 -5.22 19.24
CA SER B 313 3.03 -5.40 20.12
C SER B 313 4.02 -4.25 20.00
N GLN B 314 4.21 -3.72 18.78
CA GLN B 314 5.09 -2.57 18.61
C GLN B 314 4.56 -1.35 19.37
N ALA B 315 3.24 -1.08 19.26
CA ALA B 315 2.67 0.05 19.97
C ALA B 315 2.74 -0.15 21.49
N THR B 316 2.40 -1.35 21.96
CA THR B 316 2.48 -1.63 23.40
C THR B 316 3.90 -1.43 23.91
N ALA B 317 4.89 -1.95 23.18
CA ALA B 317 6.29 -1.79 23.57
C ALA B 317 6.70 -0.32 23.57
N LYS B 318 6.25 0.44 22.57
CA LYS B 318 6.59 1.86 22.51
C LYS B 318 6.04 2.61 23.71
N VAL B 319 4.80 2.33 24.10
CA VAL B 319 4.13 3.08 25.16
C VAL B 319 4.48 2.54 26.54
N LEU B 320 4.59 1.22 26.70
CA LEU B 320 4.71 0.63 28.01
C LEU B 320 6.07 0.02 28.31
N GLY B 321 6.94 -0.13 27.32
CA GLY B 321 8.22 -0.78 27.55
C GLY B 321 8.11 -2.29 27.66
N TYR B 322 9.01 -2.87 28.47
CA TYR B 322 9.16 -4.33 28.58
C TYR B 322 8.18 -4.84 29.63
N LYS B 323 6.85 -4.97 29.20
CA LYS B 323 5.79 -5.31 30.15
C LYS B 323 5.36 -6.75 29.99
N PRO B 324 4.99 -7.40 31.09
CA PRO B 324 4.36 -8.71 30.97
C PRO B 324 3.06 -8.60 30.18
N ILE B 325 2.85 -9.55 29.26
CA ILE B 325 1.73 -9.50 28.34
C ILE B 325 1.37 -10.92 27.92
N SER B 326 0.08 -11.16 27.68
CA SER B 326 -0.36 -12.42 27.11
C SER B 326 -1.72 -12.22 26.47
N SER B 327 -2.11 -13.20 25.65
CA SER B 327 -3.38 -13.16 24.94
C SER B 327 -4.19 -14.40 25.27
N LEU B 328 -5.42 -14.20 25.73
CA LEU B 328 -6.33 -15.30 25.99
C LEU B 328 -6.99 -15.83 24.73
N LYS B 329 -6.82 -15.16 23.58
CA LYS B 329 -7.35 -15.73 22.36
C LYS B 329 -6.65 -17.02 21.97
N SER B 330 -5.46 -17.28 22.53
CA SER B 330 -4.82 -18.58 22.33
C SER B 330 -5.66 -19.71 22.93
N TYR B 331 -6.50 -19.41 23.93
CA TYR B 331 -7.35 -20.43 24.53
C TYR B 331 -8.76 -20.47 23.95
N PHE B 332 -9.36 -19.31 23.68
CA PHE B 332 -10.75 -19.22 23.25
C PHE B 332 -10.90 -18.99 21.75
N GLY B 333 -9.83 -18.66 21.06
CA GLY B 333 -9.97 -18.10 19.74
C GLY B 333 -10.44 -16.67 19.86
N HIS B 334 -10.76 -16.07 18.71
CA HIS B 334 -11.28 -14.69 18.68
C HIS B 334 -12.79 -14.75 18.85
N THR B 335 -13.27 -14.42 20.06
CA THR B 335 -14.72 -14.44 20.32
C THR B 335 -15.41 -13.13 19.94
N LEU B 336 -14.75 -12.26 19.19
CA LEU B 336 -15.40 -11.15 18.48
C LEU B 336 -16.08 -10.24 19.48
N GLY B 337 -17.41 -10.09 19.44
CA GLY B 337 -18.08 -9.18 20.35
C GLY B 337 -17.85 -9.50 21.81
N ALA B 338 -17.65 -10.78 22.15
CA ALA B 338 -17.47 -11.15 23.54
C ALA B 338 -16.07 -10.84 24.07
N CYS B 339 -15.07 -10.70 23.20
CA CYS B 339 -13.68 -10.85 23.66
C CYS B 339 -13.29 -9.82 24.69
N GLY B 340 -13.65 -8.54 24.49
CA GLY B 340 -13.24 -7.51 25.43
C GLY B 340 -13.80 -7.75 26.83
N ALA B 341 -15.01 -8.31 26.92
CA ALA B 341 -15.61 -8.56 28.22
C ALA B 341 -15.04 -9.82 28.85
N ILE B 342 -14.87 -10.89 28.07
CA ILE B 342 -14.25 -12.10 28.61
C ILE B 342 -12.83 -11.82 29.08
N GLU B 343 -12.08 -11.03 28.31
CA GLU B 343 -10.69 -10.74 28.65
C GLU B 343 -10.59 -9.83 29.88
N ALA B 344 -11.51 -8.88 30.02
CA ALA B 344 -11.49 -8.04 31.22
C ALA B 344 -11.85 -8.86 32.46
N TRP B 345 -12.87 -9.70 32.35
CA TRP B 345 -13.27 -10.57 33.46
C TRP B 345 -12.11 -11.44 33.94
N LEU B 346 -11.48 -12.16 33.02
CA LEU B 346 -10.45 -13.12 33.43
C LEU B 346 -9.14 -12.43 33.78
N SER B 347 -8.89 -11.21 33.27
CA SER B 347 -7.71 -10.46 33.69
C SER B 347 -7.86 -9.95 35.12
N ILE B 348 -9.06 -9.53 35.50
CA ILE B 348 -9.32 -9.15 36.89
C ILE B 348 -9.12 -10.38 37.79
N GLU B 349 -9.55 -11.55 37.32
CA GLU B 349 -9.32 -12.78 38.09
C GLU B 349 -7.83 -13.06 38.25
N MET B 350 -7.03 -12.87 37.19
CA MET B 350 -5.58 -13.05 37.30
C MET B 350 -4.99 -12.13 38.36
N MET B 351 -5.39 -10.85 38.33
CA MET B 351 -4.94 -9.89 39.33
C MET B 351 -5.31 -10.32 40.74
N ASN B 352 -6.54 -10.78 40.93
CA ASN B 352 -6.94 -11.22 42.27
C ASN B 352 -6.31 -12.54 42.68
N ARG B 353 -5.88 -13.36 41.73
CA ARG B 353 -5.15 -14.58 42.05
C ARG B 353 -3.65 -14.34 42.14
N GLY B 354 -3.16 -13.20 41.68
CA GLY B 354 -1.73 -13.00 41.54
C GLY B 354 -1.08 -13.95 40.56
N ARG B 355 -1.84 -14.49 39.61
CA ARG B 355 -1.39 -15.54 38.70
C ARG B 355 -1.81 -15.18 37.29
N PHE B 356 -0.85 -14.95 36.40
CA PHE B 356 -1.13 -14.42 35.08
C PHE B 356 -0.80 -15.46 34.01
N ILE B 357 -1.79 -15.74 33.16
CA ILE B 357 -1.82 -16.88 32.25
C ILE B 357 -0.93 -16.64 31.04
N PRO B 358 -0.15 -17.62 30.60
CA PRO B 358 0.68 -17.42 29.40
C PRO B 358 -0.13 -17.55 28.12
N THR B 359 0.43 -17.04 27.03
CA THR B 359 -0.15 -17.28 25.71
C THR B 359 0.06 -18.74 25.32
N LEU B 360 -1.03 -19.48 25.15
CA LEU B 360 -0.93 -20.87 24.73
C LEU B 360 -0.37 -20.95 23.31
N ASN B 361 0.51 -21.94 23.09
CA ASN B 361 1.10 -22.18 21.77
C ASN B 361 1.95 -21.00 21.29
N LEU B 362 2.54 -20.25 22.23
CA LEU B 362 3.56 -19.26 21.91
C LEU B 362 4.91 -19.91 22.24
N ASP B 363 5.57 -20.44 21.21
CA ASP B 363 6.80 -21.21 21.41
C ASP B 363 8.05 -20.47 20.96
N GLU B 364 7.99 -19.76 19.84
CA GLU B 364 9.08 -18.90 19.40
C GLU B 364 8.52 -17.49 19.18
N ILE B 365 8.97 -16.53 20.01
CA ILE B 365 8.52 -15.16 19.88
C ILE B 365 8.96 -14.63 18.54
N ASP B 366 7.99 -14.15 17.75
CA ASP B 366 8.28 -13.53 16.46
C ASP B 366 9.25 -12.36 16.62
N SER B 367 10.28 -12.34 15.78
CA SER B 367 11.27 -11.28 15.82
C SER B 367 10.70 -9.94 15.39
N LEU B 368 9.65 -9.97 14.56
CA LEU B 368 9.03 -8.74 14.06
C LEU B 368 8.05 -8.12 15.05
N CYS B 369 7.74 -8.80 16.14
CA CYS B 369 6.86 -8.23 17.15
C CYS B 369 7.66 -7.38 18.13
N GLY B 370 6.94 -6.55 18.90
CA GLY B 370 7.63 -5.65 19.81
C GLY B 370 8.32 -6.38 20.94
N GLU B 371 9.35 -5.76 21.50
CA GLU B 371 10.04 -6.28 22.69
C GLU B 371 9.09 -6.19 23.90
N LEU B 372 8.54 -7.31 24.30
CA LEU B 372 7.64 -7.34 25.44
C LEU B 372 8.05 -8.52 26.31
N ASP B 373 7.61 -8.48 27.57
CA ASP B 373 7.82 -9.60 28.50
C ASP B 373 6.68 -10.61 28.31
N TYR B 374 6.77 -11.34 27.19
CA TYR B 374 5.75 -12.32 26.86
C TYR B 374 5.74 -13.44 27.89
N ILE B 375 4.58 -13.66 28.51
CA ILE B 375 4.41 -14.77 29.42
C ILE B 375 4.18 -16.02 28.58
N VAL B 376 5.05 -17.02 28.76
CA VAL B 376 5.08 -18.21 27.93
C VAL B 376 5.19 -19.44 28.82
N GLN B 377 4.64 -20.56 28.33
CA GLN B 377 4.84 -21.89 28.90
C GLN B 377 4.08 -22.09 30.20
N GLN B 378 4.32 -21.24 31.20
CA GLN B 378 3.70 -21.45 32.50
C GLN B 378 3.20 -20.13 33.06
N PRO B 379 2.18 -20.17 33.93
CA PRO B 379 1.67 -18.94 34.54
C PRO B 379 2.75 -18.24 35.36
N ARG B 380 2.65 -16.92 35.42
CA ARG B 380 3.63 -16.07 36.08
C ARG B 380 2.96 -15.45 37.30
N ASN B 381 3.58 -15.65 38.46
CA ASN B 381 3.05 -15.04 39.69
C ASN B 381 3.55 -13.60 39.78
N LEU B 382 2.62 -12.66 39.90
CA LEU B 382 2.94 -11.23 39.93
C LEU B 382 2.12 -10.57 41.02
N ASP B 383 2.74 -9.63 41.73
CA ASP B 383 2.01 -8.82 42.71
C ASP B 383 1.53 -7.56 42.00
N ALA B 384 0.50 -7.74 41.18
CA ALA B 384 0.03 -6.69 40.27
C ALA B 384 -1.06 -5.85 40.93
N ASP B 385 -0.86 -4.55 40.96
CA ASP B 385 -1.86 -3.64 41.50
C ASP B 385 -2.71 -2.97 40.43
N ILE B 386 -2.20 -2.86 39.21
CA ILE B 386 -2.91 -2.19 38.12
C ILE B 386 -2.65 -2.96 36.83
N ILE B 387 -3.71 -3.24 36.07
CA ILE B 387 -3.61 -3.97 34.82
C ILE B 387 -4.30 -3.18 33.73
N MET B 388 -3.97 -3.52 32.48
CA MET B 388 -4.51 -2.87 31.29
C MET B 388 -4.99 -3.95 30.33
N SER B 389 -6.14 -3.71 29.70
CA SER B 389 -6.71 -4.65 28.73
C SER B 389 -7.06 -3.89 27.46
N ASN B 390 -6.53 -4.35 26.33
CA ASN B 390 -6.60 -3.61 25.08
C ASN B 390 -7.36 -4.40 24.02
N ASN B 391 -8.11 -3.70 23.18
CA ASN B 391 -8.81 -4.34 22.08
C ASN B 391 -8.87 -3.39 20.88
N PHE B 392 -8.92 -3.97 19.69
CA PHE B 392 -8.87 -3.21 18.45
C PHE B 392 -9.74 -3.93 17.43
N ALA B 393 -10.52 -3.16 16.66
CA ALA B 393 -11.54 -3.76 15.81
C ALA B 393 -11.49 -3.16 14.40
N PHE B 394 -12.34 -3.71 13.51
CA PHE B 394 -12.53 -3.16 12.19
C PHE B 394 -12.88 -1.68 12.24
N GLY B 395 -12.48 -0.97 11.21
CA GLY B 395 -12.67 0.46 11.22
C GLY B 395 -11.67 1.19 12.05
N GLY B 396 -10.65 0.48 12.55
CA GLY B 396 -9.61 1.08 13.37
C GLY B 396 -10.10 1.55 14.72
N ILE B 397 -11.13 0.92 15.28
CA ILE B 397 -11.63 1.34 16.59
C ILE B 397 -10.78 0.69 17.68
N ASN B 398 -10.23 1.53 18.55
CA ASN B 398 -9.33 1.09 19.60
C ASN B 398 -9.95 1.35 20.96
N THR B 399 -9.77 0.42 21.90
CA THR B 399 -10.12 0.67 23.28
C THR B 399 -9.00 0.21 24.20
N SER B 400 -8.85 0.90 25.32
CA SER B 400 -7.91 0.53 26.37
C SER B 400 -8.58 0.73 27.72
N LEU B 401 -8.54 -0.30 28.56
CA LEU B 401 -9.17 -0.25 29.87
C LEU B 401 -8.12 -0.51 30.93
N ILE B 402 -8.20 0.23 32.04
CA ILE B 402 -7.26 0.10 33.15
C ILE B 402 -8.05 -0.22 34.41
N PHE B 403 -7.70 -1.33 35.06
CA PHE B 403 -8.33 -1.77 36.30
C PHE B 403 -7.30 -1.77 37.43
N LYS B 404 -7.78 -1.53 38.65
CA LYS B 404 -6.92 -1.40 39.82
C LYS B 404 -7.43 -2.33 40.92
N ARG B 405 -6.49 -2.94 41.63
CA ARG B 405 -6.84 -3.82 42.75
C ARG B 405 -7.55 -3.02 43.85
N VAL B 406 -8.45 -3.69 44.55
CA VAL B 406 -9.16 -3.11 45.69
C VAL B 406 -8.96 -4.05 46.88
N LYS B 407 -8.44 -3.50 47.97
CA LYS B 407 -8.31 -4.23 49.24
C LYS B 407 -9.47 -3.81 50.13
N GLN B 408 -10.13 -4.79 50.75
CA GLN B 408 -11.33 -4.49 51.51
C GLN B 408 -11.18 -4.82 52.99
N MET C 1 42.76 14.37 -8.47
CA MET C 1 41.48 14.48 -9.19
C MET C 1 41.58 15.52 -10.32
N LYS C 2 41.01 15.22 -11.47
CA LYS C 2 41.00 16.14 -12.60
C LYS C 2 39.68 16.91 -12.63
N ARG C 3 39.73 18.14 -13.15
CA ARG C 3 38.50 18.87 -13.45
C ARG C 3 38.02 18.50 -14.84
N VAL C 4 36.71 18.62 -15.04
CA VAL C 4 36.03 18.08 -16.22
C VAL C 4 35.13 19.17 -16.79
N VAL C 5 35.24 19.42 -18.10
CA VAL C 5 34.45 20.49 -18.69
C VAL C 5 33.68 19.96 -19.89
N VAL C 6 32.69 20.74 -20.31
CA VAL C 6 31.85 20.42 -21.46
C VAL C 6 32.35 21.26 -22.63
N THR C 7 32.84 20.61 -23.69
CA THR C 7 33.38 21.35 -24.84
C THR C 7 32.56 21.20 -26.11
N GLY C 8 31.55 20.33 -26.10
CA GLY C 8 30.65 20.21 -27.24
C GLY C 8 29.30 19.73 -26.75
N MET C 9 28.24 20.16 -27.44
CA MET C 9 26.90 19.76 -27.06
C MET C 9 26.02 19.71 -28.31
N ALA C 10 25.11 18.76 -28.33
CA ALA C 10 24.20 18.62 -29.45
C ALA C 10 22.98 17.84 -28.99
N GLY C 11 21.89 18.03 -29.71
CA GLY C 11 20.69 17.25 -29.44
C GLY C 11 19.76 17.24 -30.62
N ILE C 12 18.88 16.24 -30.63
CA ILE C 12 17.87 16.07 -31.67
C ILE C 12 16.55 15.96 -30.94
N THR C 13 15.67 16.95 -31.13
CA THR C 13 14.43 17.03 -30.37
C THR C 13 13.27 17.39 -31.28
N SER C 14 12.06 17.25 -30.73
CA SER C 14 10.84 17.63 -31.42
C SER C 14 10.70 19.14 -31.61
N LEU C 15 11.51 19.95 -30.92
CA LEU C 15 11.52 21.39 -31.09
C LEU C 15 12.68 21.87 -31.95
N GLY C 16 13.47 20.95 -32.48
CA GLY C 16 14.58 21.29 -33.35
C GLY C 16 15.85 20.59 -32.94
N GLU C 17 16.91 20.89 -33.69
CA GLU C 17 18.20 20.24 -33.47
C GLU C 17 19.32 21.27 -33.28
N THR C 18 18.99 22.51 -32.94
CA THR C 18 19.98 23.48 -32.46
C THR C 18 19.38 24.21 -31.28
N ALA C 19 20.26 24.67 -30.38
CA ALA C 19 19.79 25.37 -29.19
C ALA C 19 19.07 26.66 -29.57
N ASP C 20 19.59 27.40 -30.56
CA ASP C 20 18.92 28.62 -30.99
C ASP C 20 17.50 28.32 -31.44
N ASP C 21 17.33 27.27 -32.24
CA ASP C 21 16.00 26.90 -32.74
C ASP C 21 15.09 26.46 -31.61
N ILE C 22 15.62 25.66 -30.67
CA ILE C 22 14.78 25.15 -29.59
C ILE C 22 14.34 26.30 -28.69
N PHE C 23 15.23 27.25 -28.40
CA PHE C 23 14.86 28.35 -27.52
C PHE C 23 13.84 29.29 -28.20
N ALA C 24 13.89 29.40 -29.53
CA ALA C 24 12.85 30.16 -30.23
C ALA C 24 11.49 29.53 -30.00
N ARG C 25 11.41 28.19 -30.01
CA ARG C 25 10.16 27.53 -29.69
C ARG C 25 9.81 27.64 -28.22
N PHE C 26 10.81 27.65 -27.34
CA PHE C 26 10.55 27.91 -25.92
C PHE C 26 9.86 29.27 -25.75
N GLU C 27 10.45 30.31 -26.32
CA GLU C 27 9.89 31.66 -26.16
C GLU C 27 8.48 31.73 -26.71
N ALA C 28 8.21 31.05 -27.83
CA ALA C 28 6.87 31.06 -28.42
C ALA C 28 5.88 30.20 -27.64
N GLY C 29 6.35 29.36 -26.73
CA GLY C 29 5.45 28.60 -25.89
C GLY C 29 4.76 27.42 -26.54
N LYS C 30 5.38 26.81 -27.55
CA LYS C 30 4.81 25.65 -28.23
C LYS C 30 5.60 24.39 -27.89
N SER C 31 4.90 23.30 -27.59
CA SER C 31 5.54 22.03 -27.32
C SER C 31 5.68 21.21 -28.60
N GLY C 32 6.36 20.08 -28.47
CA GLY C 32 6.46 19.09 -29.53
C GLY C 32 5.38 18.04 -29.51
N ILE C 33 4.39 18.16 -28.62
CA ILE C 33 3.36 17.14 -28.43
C ILE C 33 2.30 17.27 -29.51
N ARG C 34 1.88 16.13 -30.06
CA ARG C 34 0.82 16.12 -31.06
C ARG C 34 -0.04 14.89 -30.86
N TYR C 35 -1.25 14.98 -31.36
CA TYR C 35 -2.14 13.85 -31.44
C TYR C 35 -1.55 12.78 -32.36
N MET C 36 -1.74 11.52 -32.01
CA MET C 36 -1.12 10.43 -32.74
C MET C 36 -2.15 9.59 -33.49
N PRO C 37 -2.59 10.02 -34.68
CA PRO C 37 -3.59 9.21 -35.40
C PRO C 37 -3.09 7.82 -35.72
N GLU C 38 -1.77 7.64 -35.89
CA GLU C 38 -1.24 6.32 -36.20
C GLU C 38 -1.32 5.36 -35.01
N TRP C 39 -1.75 5.81 -33.84
CA TRP C 39 -1.87 4.92 -32.69
C TRP C 39 -3.31 4.49 -32.43
N GLU C 40 -4.28 5.03 -33.17
CA GLU C 40 -5.66 4.61 -33.00
C GLU C 40 -5.82 3.12 -33.28
N GLN C 41 -4.97 2.57 -34.15
CA GLN C 41 -5.01 1.16 -34.50
C GLN C 41 -4.76 0.23 -33.31
N TYR C 42 -4.21 0.73 -32.20
CA TYR C 42 -4.00 -0.09 -31.01
C TYR C 42 -5.19 0.11 -30.09
N VAL C 43 -6.11 -0.87 -30.10
CA VAL C 43 -7.45 -0.64 -29.56
C VAL C 43 -7.42 -0.38 -28.06
N ASP C 44 -6.50 -1.03 -27.34
CA ASP C 44 -6.48 -0.91 -25.89
C ASP C 44 -5.54 0.17 -25.37
N LEU C 45 -4.82 0.85 -26.26
CA LEU C 45 -3.98 1.96 -25.87
C LEU C 45 -4.84 3.19 -25.63
N ARG C 46 -4.85 3.69 -24.40
CA ARG C 46 -5.68 4.86 -24.09
C ARG C 46 -5.04 6.17 -24.57
N THR C 47 -3.75 6.34 -24.32
CA THR C 47 -3.12 7.59 -24.73
C THR C 47 -2.91 7.62 -26.24
N LYS C 48 -3.18 8.77 -26.84
CA LYS C 48 -2.94 9.00 -28.26
C LYS C 48 -2.08 10.25 -28.45
N LEU C 49 -1.12 10.45 -27.55
CA LEU C 49 -0.29 11.64 -27.53
C LEU C 49 1.18 11.22 -27.51
N ALA C 50 2.02 11.97 -28.23
CA ALA C 50 3.46 11.73 -28.21
C ALA C 50 4.19 12.98 -28.65
N GLY C 51 5.50 12.98 -28.41
CA GLY C 51 6.36 14.00 -28.97
C GLY C 51 7.38 13.42 -29.93
N PRO C 52 6.93 13.07 -31.14
CA PRO C 52 7.87 12.51 -32.12
C PRO C 52 8.82 13.56 -32.66
N VAL C 53 9.98 13.09 -33.08
CA VAL C 53 10.89 13.89 -33.90
C VAL C 53 10.46 13.68 -35.35
N GLU C 54 9.94 14.73 -35.99
CA GLU C 54 9.42 14.52 -37.32
C GLU C 54 10.54 14.43 -38.35
N THR C 55 11.61 15.20 -38.16
CA THR C 55 12.70 15.17 -39.11
C THR C 55 13.98 15.61 -38.41
N PHE C 56 15.10 15.08 -38.88
CA PHE C 56 16.40 15.60 -38.49
C PHE C 56 17.36 15.40 -39.65
N HIS C 57 18.35 16.27 -39.74
CA HIS C 57 19.32 16.19 -40.84
C HIS C 57 20.21 14.97 -40.67
N ILE C 58 20.30 14.17 -41.73
CA ILE C 58 21.19 13.01 -41.79
C ILE C 58 22.23 13.30 -42.88
N PRO C 59 23.49 13.54 -42.53
CA PRO C 59 24.51 13.78 -43.56
C PRO C 59 24.58 12.63 -44.56
N LYS C 60 25.00 12.97 -45.78
CA LYS C 60 25.05 11.99 -46.86
C LYS C 60 25.94 10.80 -46.51
N HIS C 61 27.06 11.04 -45.83
CA HIS C 61 28.00 9.96 -45.56
C HIS C 61 27.42 8.87 -44.66
N PHE C 62 26.25 9.07 -44.05
CA PHE C 62 25.54 7.99 -43.35
C PHE C 62 24.76 7.17 -44.37
N ASN C 63 25.50 6.42 -45.18
CA ASN C 63 24.92 5.59 -46.24
C ASN C 63 24.45 4.27 -45.67
N ARG C 64 24.05 3.33 -46.55
CA ARG C 64 23.44 2.09 -46.08
C ARG C 64 24.48 1.18 -45.44
N LYS C 65 25.70 1.13 -45.98
CA LYS C 65 26.78 0.37 -45.37
C LYS C 65 27.07 0.87 -43.97
N VAL C 66 27.23 2.19 -43.83
CA VAL C 66 27.58 2.80 -42.54
C VAL C 66 26.50 2.51 -41.50
N THR C 67 25.23 2.49 -41.91
CA THR C 67 24.11 2.44 -40.96
C THR C 67 23.50 1.05 -40.81
N ARG C 68 24.12 0.01 -41.37
CA ARG C 68 23.51 -1.31 -41.40
C ARG C 68 23.20 -1.83 -40.00
N GLY C 69 24.01 -1.47 -39.00
CA GLY C 69 23.77 -1.93 -37.64
C GLY C 69 23.06 -0.91 -36.78
N MET C 70 22.45 0.09 -37.40
CA MET C 70 21.76 1.15 -36.67
C MET C 70 20.26 1.08 -36.97
N GLY C 71 19.48 0.90 -35.92
CA GLY C 71 18.07 1.28 -35.94
C GLY C 71 17.96 2.78 -35.72
N ARG C 72 16.72 3.24 -35.55
CA ARG C 72 16.48 4.66 -35.43
C ARG C 72 17.21 5.26 -34.23
N VAL C 73 17.15 4.59 -33.07
CA VAL C 73 17.74 5.17 -31.87
C VAL C 73 19.26 5.30 -32.04
N ALA C 74 19.91 4.29 -32.63
CA ALA C 74 21.35 4.36 -32.83
C ALA C 74 21.71 5.40 -33.89
N LEU C 75 20.89 5.54 -34.92
CA LEU C 75 21.18 6.52 -35.96
C LEU C 75 21.11 7.94 -35.42
N MET C 76 20.01 8.27 -34.71
CA MET C 76 19.92 9.57 -34.04
C MET C 76 21.08 9.81 -33.10
N SER C 77 21.45 8.78 -32.33
CA SER C 77 22.58 8.88 -31.41
C SER C 77 23.86 9.24 -32.13
N VAL C 78 24.21 8.47 -33.17
CA VAL C 78 25.50 8.69 -33.82
C VAL C 78 25.53 10.04 -34.54
N VAL C 79 24.41 10.40 -35.18
CA VAL C 79 24.36 11.70 -35.87
C VAL C 79 24.48 12.83 -34.85
N CYS C 80 23.80 12.69 -33.70
CA CYS C 80 23.88 13.71 -32.66
C CYS C 80 25.28 13.82 -32.09
N ALA C 81 25.93 12.70 -31.84
CA ALA C 81 27.29 12.72 -31.32
C ALA C 81 28.27 13.34 -32.32
N GLU C 82 28.09 13.08 -33.62
CA GLU C 82 28.97 13.69 -34.62
C GLU C 82 28.88 15.21 -34.56
N THR C 83 27.66 15.74 -34.45
CA THR C 83 27.46 17.19 -34.31
C THR C 83 28.13 17.72 -33.05
N ALA C 84 28.02 16.99 -31.93
CA ALA C 84 28.67 17.41 -30.70
C ALA C 84 30.19 17.41 -30.85
N LEU C 85 30.75 16.34 -31.43
CA LEU C 85 32.18 16.29 -31.66
C LEU C 85 32.63 17.41 -32.59
N GLN C 86 31.88 17.64 -33.66
CA GLN C 86 32.18 18.76 -34.55
C GLN C 86 32.17 20.08 -33.79
N ASN C 87 31.17 20.28 -32.93
CA ASN C 87 31.09 21.47 -32.07
C ASN C 87 32.34 21.61 -31.21
N ALA C 88 32.85 20.50 -30.64
CA ALA C 88 34.04 20.51 -29.82
C ALA C 88 35.33 20.68 -30.61
N GLY C 89 35.28 20.60 -31.94
CA GLY C 89 36.50 20.62 -32.72
C GLY C 89 37.25 19.31 -32.75
N LEU C 90 36.59 18.22 -32.38
CA LEU C 90 37.24 16.93 -32.23
C LEU C 90 36.85 15.94 -33.32
N LEU C 91 36.01 16.34 -34.27
CA LEU C 91 35.65 15.41 -35.34
C LEU C 91 36.89 15.03 -36.14
N GLY C 92 37.09 13.71 -36.31
CA GLY C 92 38.28 13.20 -36.98
C GLY C 92 39.59 13.47 -36.28
N HIS C 93 39.55 13.92 -35.03
CA HIS C 93 40.77 14.24 -34.29
C HIS C 93 41.53 12.97 -33.92
N GLU C 94 42.85 13.10 -33.82
CA GLU C 94 43.70 11.95 -33.49
C GLU C 94 43.35 11.33 -32.15
N ILE C 95 42.92 12.15 -31.17
CA ILE C 95 42.64 11.62 -29.83
C ILE C 95 41.50 10.61 -29.85
N LEU C 96 40.60 10.67 -30.83
CA LEU C 96 39.44 9.78 -30.84
C LEU C 96 39.85 8.31 -30.90
N SER C 97 40.92 8.00 -31.64
CA SER C 97 41.40 6.63 -31.79
C SER C 97 42.63 6.35 -30.94
N SER C 98 42.94 7.22 -29.98
CA SER C 98 44.16 7.09 -29.20
C SER C 98 44.02 6.12 -28.04
N GLY C 99 42.79 5.74 -27.66
CA GLY C 99 42.58 5.03 -26.42
C GLY C 99 42.24 5.91 -25.24
N GLU C 100 42.41 7.23 -25.36
CA GLU C 100 42.09 8.19 -24.31
C GLU C 100 40.70 8.80 -24.47
N ALA C 101 39.95 8.40 -25.50
CA ALA C 101 38.59 8.87 -25.71
C ALA C 101 37.64 7.68 -25.69
N GLY C 102 36.55 7.83 -24.94
CA GLY C 102 35.55 6.77 -24.88
C GLY C 102 34.13 7.28 -24.98
N VAL C 103 33.16 6.44 -24.64
CA VAL C 103 31.74 6.80 -24.76
C VAL C 103 30.99 6.24 -23.55
N ALA C 104 30.06 7.04 -23.04
CA ALA C 104 29.02 6.57 -22.13
C ALA C 104 27.69 6.90 -22.78
N PHE C 105 26.82 5.90 -22.93
CA PHE C 105 25.56 6.15 -23.62
C PHE C 105 24.56 5.07 -23.22
N GLY C 106 23.29 5.42 -23.27
CA GLY C 106 22.27 4.43 -22.96
C GLY C 106 20.93 4.81 -23.55
N SER C 107 20.03 3.84 -23.56
CA SER C 107 18.66 4.02 -23.98
C SER C 107 17.81 3.01 -23.22
N SER C 108 16.49 3.24 -23.18
CA SER C 108 15.61 2.28 -22.49
C SER C 108 15.56 0.95 -23.23
N ALA C 109 15.73 0.97 -24.55
CA ALA C 109 15.76 -0.25 -25.34
C ALA C 109 16.41 0.09 -26.66
N GLY C 110 16.66 -0.95 -27.45
CA GLY C 110 17.17 -0.78 -28.80
C GLY C 110 16.04 -0.51 -29.77
N SER C 111 16.34 -0.75 -31.05
CA SER C 111 15.36 -0.54 -32.12
C SER C 111 14.22 -1.55 -32.02
N VAL C 112 12.98 -1.05 -31.99
CA VAL C 112 11.83 -1.93 -31.83
C VAL C 112 11.65 -2.84 -33.06
N ASP C 113 12.03 -2.36 -34.25
CA ASP C 113 11.98 -3.21 -35.43
C ASP C 113 12.86 -4.45 -35.24
N ALA C 114 14.10 -4.25 -34.78
CA ALA C 114 14.97 -5.39 -34.52
C ALA C 114 14.41 -6.28 -33.41
N VAL C 115 13.79 -5.67 -32.40
CA VAL C 115 13.12 -6.47 -31.39
C VAL C 115 12.02 -7.31 -32.02
N GLY C 116 11.31 -6.76 -33.00
CA GLY C 116 10.29 -7.52 -33.69
C GLY C 116 10.85 -8.70 -34.46
N GLU C 117 12.02 -8.51 -35.08
CA GLU C 117 12.69 -9.61 -35.76
C GLU C 117 13.08 -10.71 -34.77
N PHE C 118 13.68 -10.33 -33.65
CA PHE C 118 14.11 -11.30 -32.64
C PHE C 118 12.93 -12.05 -32.05
N ALA C 119 11.76 -11.42 -31.99
CA ALA C 119 10.56 -12.05 -31.49
C ALA C 119 9.80 -12.83 -32.55
N SER C 120 10.13 -12.64 -33.84
CA SER C 120 9.57 -13.49 -34.87
C SER C 120 9.73 -14.97 -34.52
N MET C 121 10.91 -15.36 -34.04
CA MET C 121 11.17 -16.76 -33.77
C MET C 121 10.40 -17.25 -32.55
N LEU C 122 10.25 -16.38 -31.55
CA LEU C 122 9.57 -16.74 -30.31
C LEU C 122 8.11 -17.11 -30.54
N LEU C 123 7.49 -16.52 -31.56
CA LEU C 123 6.06 -16.67 -31.81
C LEU C 123 5.75 -17.42 -33.08
N HIS C 124 6.49 -17.18 -34.16
CA HIS C 124 6.15 -17.78 -35.45
C HIS C 124 7.19 -18.82 -35.87
N LYS C 129 13.86 -14.07 -40.35
CA LYS C 129 13.61 -12.69 -39.90
C LYS C 129 14.81 -12.14 -39.14
N ILE C 130 15.46 -13.01 -38.36
CA ILE C 130 16.70 -12.64 -37.71
C ILE C 130 17.81 -12.63 -38.75
N ASN C 131 18.60 -11.56 -38.77
CA ASN C 131 19.75 -11.48 -39.68
C ASN C 131 20.99 -11.09 -38.88
N ALA C 132 22.11 -10.87 -39.58
CA ALA C 132 23.40 -10.66 -38.93
C ALA C 132 23.51 -9.32 -38.20
N THR C 133 22.54 -8.41 -38.34
CA THR C 133 22.55 -7.18 -37.55
C THR C 133 21.37 -7.09 -36.59
N THR C 134 20.60 -8.17 -36.42
CA THR C 134 19.42 -8.09 -35.57
C THR C 134 19.80 -7.76 -34.13
N TYR C 135 20.75 -8.50 -33.55
CA TYR C 135 21.11 -8.23 -32.16
C TYR C 135 21.75 -6.85 -32.01
N ILE C 136 22.59 -6.45 -32.97
CA ILE C 136 23.28 -5.16 -32.88
C ILE C 136 22.27 -4.02 -32.86
N ARG C 137 21.20 -4.14 -33.65
CA ARG C 137 20.17 -3.11 -33.69
C ARG C 137 19.22 -3.21 -32.50
N MET C 138 18.97 -4.40 -31.97
CA MET C 138 18.00 -4.54 -30.90
C MET C 138 18.58 -4.32 -29.49
N MET C 139 19.88 -4.51 -29.31
CA MET C 139 20.44 -4.53 -27.96
C MET C 139 20.38 -3.15 -27.32
N ALA C 140 20.27 -3.12 -26.00
CA ALA C 140 20.08 -1.84 -25.31
C ALA C 140 21.32 -0.95 -25.37
N HIS C 141 22.50 -1.51 -25.64
CA HIS C 141 23.68 -0.67 -25.82
C HIS C 141 24.04 -0.47 -27.28
N THR C 142 23.03 -0.51 -28.16
CA THR C 142 23.26 -0.33 -29.59
C THR C 142 23.89 1.03 -29.90
N SER C 143 23.51 2.08 -29.14
CA SER C 143 24.02 3.41 -29.43
C SER C 143 25.52 3.49 -29.15
N ALA C 144 25.94 3.02 -27.96
CA ALA C 144 27.34 3.10 -27.57
C ALA C 144 28.23 2.31 -28.52
N VAL C 145 27.81 1.08 -28.86
CA VAL C 145 28.61 0.23 -29.74
C VAL C 145 28.73 0.84 -31.13
N ASN C 146 27.61 1.29 -31.69
CA ASN C 146 27.70 1.92 -33.02
C ASN C 146 28.58 3.16 -33.00
N MET C 147 28.64 3.87 -31.88
CA MET C 147 29.50 5.04 -31.82
C MET C 147 30.98 4.67 -31.80
N THR C 148 31.37 3.67 -31.02
CA THR C 148 32.78 3.29 -31.00
C THR C 148 33.21 2.77 -32.36
N VAL C 149 32.32 2.07 -33.07
CA VAL C 149 32.69 1.57 -34.38
C VAL C 149 32.73 2.71 -35.39
N TYR C 150 31.73 3.58 -35.35
CA TYR C 150 31.68 4.65 -36.34
C TYR C 150 32.81 5.65 -36.17
N PHE C 151 33.10 6.03 -34.92
CA PHE C 151 34.14 7.02 -34.66
C PHE C 151 35.51 6.40 -34.42
N GLY C 152 35.59 5.08 -34.34
CA GLY C 152 36.87 4.40 -34.10
C GLY C 152 37.40 4.61 -32.70
N LEU C 153 36.52 4.63 -31.70
CA LEU C 153 36.92 4.91 -30.33
C LEU C 153 37.53 3.67 -29.70
N LYS C 154 38.68 3.85 -29.04
CA LYS C 154 39.42 2.73 -28.48
C LYS C 154 39.54 2.81 -26.95
N GLY C 155 38.84 3.74 -26.32
CA GLY C 155 38.87 3.84 -24.86
C GLY C 155 37.73 3.09 -24.23
N LEU C 156 37.14 3.68 -23.19
CA LEU C 156 36.09 3.03 -22.40
C LEU C 156 34.75 3.04 -23.14
N THR C 157 34.07 1.91 -23.17
CA THR C 157 32.64 1.85 -23.51
C THR C 157 31.88 1.64 -22.20
N LEU C 158 31.08 2.62 -21.81
CA LEU C 158 30.28 2.56 -20.59
C LEU C 158 28.81 2.51 -20.97
N PRO C 159 28.18 1.34 -20.98
CA PRO C 159 26.76 1.24 -21.31
C PRO C 159 25.91 1.62 -20.10
N THR C 160 25.21 2.75 -20.19
CA THR C 160 24.39 3.23 -19.07
C THR C 160 22.90 3.12 -19.36
N SER C 161 22.50 2.06 -20.07
CA SER C 161 21.08 1.83 -20.31
C SER C 161 20.39 1.52 -18.98
N SER C 162 19.63 2.50 -18.48
CA SER C 162 18.94 2.39 -17.20
C SER C 162 17.60 3.15 -17.30
N ALA C 163 16.89 2.92 -18.41
CA ALA C 163 15.58 3.54 -18.67
C ALA C 163 15.74 5.06 -18.57
N CYS C 164 14.94 5.75 -17.76
CA CYS C 164 14.90 7.22 -17.82
C CYS C 164 16.14 7.90 -17.27
N THR C 165 17.06 7.18 -16.61
CA THR C 165 18.30 7.80 -16.19
C THR C 165 19.46 7.49 -17.13
N SER C 166 19.19 6.85 -18.26
CA SER C 166 20.26 6.44 -19.19
C SER C 166 21.20 7.59 -19.51
N GLY C 167 20.63 8.75 -19.87
CA GLY C 167 21.44 9.84 -20.34
C GLY C 167 22.15 10.59 -19.24
N SER C 168 21.53 10.69 -18.06
CA SER C 168 22.20 11.38 -16.97
C SER C 168 23.25 10.48 -16.31
N MET C 169 22.95 9.17 -16.20
CA MET C 169 23.97 8.22 -15.76
C MET C 169 25.17 8.22 -16.69
N ALA C 170 24.94 8.39 -17.99
CA ALA C 170 26.05 8.47 -18.95
C ALA C 170 26.94 9.66 -18.65
N ILE C 171 26.33 10.83 -18.46
CA ILE C 171 27.10 12.03 -18.12
C ILE C 171 27.88 11.83 -16.82
N GLY C 172 27.21 11.29 -15.80
CA GLY C 172 27.89 11.12 -14.52
C GLY C 172 29.06 10.15 -14.59
N GLN C 173 28.88 9.02 -15.27
CA GLN C 173 29.94 8.02 -15.37
C GLN C 173 31.06 8.48 -16.29
N ALA C 174 30.72 9.22 -17.36
CA ALA C 174 31.75 9.83 -18.20
C ALA C 174 32.55 10.84 -17.40
N TYR C 175 31.85 11.65 -16.60
CA TYR C 175 32.52 12.62 -15.74
C TYR C 175 33.49 11.93 -14.78
N GLU C 176 33.04 10.86 -14.13
CA GLU C 176 33.90 10.15 -13.20
C GLU C 176 35.11 9.55 -13.93
N ALA C 177 34.90 9.03 -15.14
CA ALA C 177 36.02 8.45 -15.88
C ALA C 177 37.12 9.49 -16.13
N ILE C 178 36.75 10.73 -16.45
CA ILE C 178 37.77 11.75 -16.65
C ILE C 178 38.32 12.25 -15.31
N LYS C 179 37.43 12.47 -14.34
CA LYS C 179 37.83 12.94 -13.02
C LYS C 179 38.89 12.04 -12.40
N TYR C 180 38.75 10.72 -12.55
CA TYR C 180 39.69 9.78 -11.96
C TYR C 180 40.82 9.42 -12.91
N GLY C 181 40.99 10.15 -14.00
CA GLY C 181 42.15 9.99 -14.85
C GLY C 181 42.15 8.79 -15.77
N LYS C 182 41.00 8.16 -15.98
CA LYS C 182 40.92 7.02 -16.89
C LYS C 182 40.89 7.44 -18.35
N GLN C 183 40.25 8.58 -18.65
CA GLN C 183 40.10 9.06 -20.02
C GLN C 183 40.31 10.56 -20.03
N GLN C 184 40.68 11.07 -21.20
CA GLN C 184 40.75 12.51 -21.41
C GLN C 184 39.52 13.10 -22.11
N VAL C 185 38.79 12.29 -22.90
CA VAL C 185 37.62 12.76 -23.61
C VAL C 185 36.55 11.67 -23.54
N MET C 186 35.29 12.08 -23.35
CA MET C 186 34.17 11.15 -23.35
C MET C 186 33.01 11.75 -24.12
N ILE C 187 32.43 10.98 -25.02
CA ILE C 187 31.09 11.24 -25.53
C ILE C 187 30.08 10.70 -24.52
N ALA C 188 29.14 11.54 -24.09
CA ALA C 188 28.16 11.11 -23.08
C ALA C 188 26.76 11.59 -23.44
N GLY C 189 25.79 10.69 -23.35
CA GLY C 189 24.40 11.11 -23.55
C GLY C 189 23.46 9.94 -23.57
N GLY C 190 22.26 10.20 -24.10
CA GLY C 190 21.21 9.21 -24.13
C GLY C 190 20.31 9.45 -25.31
N ALA C 191 19.50 8.45 -25.62
CA ALA C 191 18.61 8.56 -26.78
C ALA C 191 17.47 7.58 -26.61
N GLU C 192 16.44 7.81 -27.42
CA GLU C 192 15.28 6.92 -27.44
C GLU C 192 14.55 7.14 -28.76
N GLU C 193 14.08 6.04 -29.35
CA GLU C 193 13.16 6.11 -30.48
C GLU C 193 11.74 5.90 -29.97
N LEU C 194 10.78 6.52 -30.65
CA LEU C 194 9.37 6.46 -30.24
C LEU C 194 8.72 5.19 -30.75
N SER C 195 7.96 4.52 -29.89
CA SER C 195 7.13 3.41 -30.33
C SER C 195 5.88 3.34 -29.47
N ALA C 196 4.80 2.82 -30.06
CA ALA C 196 3.55 2.67 -29.31
C ALA C 196 3.70 1.62 -28.21
N ALA C 197 4.58 0.64 -28.40
CA ALA C 197 4.86 -0.30 -27.33
C ALA C 197 5.50 0.40 -26.14
N GLY C 198 6.34 1.40 -26.41
CA GLY C 198 6.93 2.18 -25.32
C GLY C 198 5.90 3.00 -24.56
N ALA C 199 4.91 3.55 -25.27
CA ALA C 199 3.81 4.24 -24.59
C ALA C 199 2.97 3.27 -23.79
N ALA C 200 2.74 2.06 -24.32
CA ALA C 200 1.90 1.09 -23.63
C ALA C 200 2.50 0.65 -22.31
N VAL C 201 3.85 0.64 -22.22
CA VAL C 201 4.51 0.33 -20.96
C VAL C 201 4.01 1.24 -19.83
N PHE C 202 3.85 2.53 -20.12
CA PHE C 202 3.33 3.46 -19.13
C PHE C 202 1.81 3.50 -19.11
N ASP C 203 1.17 3.25 -20.26
CA ASP C 203 -0.28 3.20 -20.31
C ASP C 203 -0.84 2.14 -19.35
N VAL C 204 -0.21 0.96 -19.32
CA VAL C 204 -0.73 -0.11 -18.46
C VAL C 204 -0.54 0.17 -16.98
N LEU C 205 0.30 1.16 -16.63
CA LEU C 205 0.43 1.60 -15.25
C LEU C 205 -0.50 2.76 -14.92
N PHE C 206 -1.27 3.24 -15.90
CA PHE C 206 -2.16 4.41 -15.74
C PHE C 206 -1.36 5.68 -15.43
N ALA C 207 -0.19 5.79 -16.05
CA ALA C 207 0.70 6.93 -15.88
C ALA C 207 0.63 7.91 -17.04
N THR C 208 -0.18 7.64 -18.06
CA THR C 208 -0.22 8.43 -19.28
C THR C 208 -1.37 9.42 -19.26
N SER C 209 -1.14 10.58 -19.89
CA SER C 209 -2.18 11.58 -20.04
C SER C 209 -3.27 11.07 -20.99
N GLY C 210 -4.50 11.49 -20.73
CA GLY C 210 -5.62 11.17 -21.59
C GLY C 210 -6.19 12.32 -22.39
N MET C 211 -5.55 13.50 -22.35
CA MET C 211 -6.07 14.70 -23.01
C MET C 211 -5.72 14.69 -24.51
N ASN C 212 -6.16 13.63 -25.18
CA ASN C 212 -5.83 13.41 -26.59
C ASN C 212 -6.36 14.51 -27.49
N ASP C 213 -7.40 15.22 -27.06
CA ASP C 213 -8.00 16.29 -27.85
C ASP C 213 -7.32 17.64 -27.64
N GLN C 214 -6.39 17.76 -26.69
CA GLN C 214 -5.69 19.01 -26.41
C GLN C 214 -4.21 18.74 -26.27
N PRO C 215 -3.51 18.41 -27.37
CA PRO C 215 -2.07 18.19 -27.26
C PRO C 215 -1.29 19.42 -26.80
N GLU C 216 -1.72 20.63 -27.16
CA GLU C 216 -0.96 21.81 -26.75
C GLU C 216 -1.17 22.15 -25.28
N LYS C 217 -1.95 21.36 -24.54
CA LYS C 217 -2.23 21.63 -23.14
C LYS C 217 -1.71 20.54 -22.20
N THR C 218 -0.95 19.57 -22.71
CA THR C 218 -0.46 18.46 -21.92
C THR C 218 0.92 18.06 -22.43
N PRO C 219 1.82 17.54 -21.56
CA PRO C 219 1.67 17.31 -20.12
C PRO C 219 1.83 18.59 -19.30
N ARG C 220 1.55 18.49 -18.01
CA ARG C 220 1.46 19.65 -17.11
C ARG C 220 2.21 19.35 -15.82
N PRO C 221 3.54 19.33 -15.87
CA PRO C 221 4.32 18.97 -14.67
C PRO C 221 4.01 19.90 -13.50
N PHE C 222 3.76 19.30 -12.33
CA PHE C 222 3.45 19.96 -11.06
C PHE C 222 2.11 20.71 -11.07
N ASP C 223 1.30 20.55 -12.11
CA ASP C 223 0.03 21.28 -12.21
C ASP C 223 -1.08 20.54 -11.48
N ALA C 224 -1.99 21.32 -10.90
CA ALA C 224 -3.11 20.75 -10.17
C ALA C 224 -4.03 19.93 -11.06
N LYS C 225 -4.01 20.17 -12.37
CA LYS C 225 -4.87 19.47 -13.31
C LYS C 225 -4.08 18.53 -14.23
N ARG C 226 -2.87 18.14 -13.85
CA ARG C 226 -2.14 17.17 -14.65
C ARG C 226 -2.80 15.80 -14.55
N ASP C 227 -2.58 14.97 -15.57
CA ASP C 227 -3.21 13.66 -15.58
C ASP C 227 -2.29 12.57 -16.14
N GLY C 228 -0.99 12.79 -16.16
CA GLY C 228 -0.05 11.77 -16.59
C GLY C 228 0.97 12.34 -17.57
N LEU C 229 1.95 11.50 -17.88
CA LEU C 229 3.03 11.90 -18.78
C LEU C 229 2.63 11.69 -20.23
N VAL C 230 3.51 12.13 -21.12
CA VAL C 230 3.44 11.88 -22.55
C VAL C 230 4.86 11.54 -22.99
N ILE C 231 5.02 10.48 -23.80
CA ILE C 231 6.39 10.11 -24.14
C ILE C 231 6.80 10.79 -25.42
N GLY C 232 8.09 11.04 -25.55
CA GLY C 232 8.69 11.55 -26.75
C GLY C 232 9.95 10.77 -27.12
N GLU C 233 10.68 11.24 -28.13
CA GLU C 233 11.91 10.59 -28.54
C GLU C 233 12.94 11.68 -28.82
N GLY C 234 14.18 11.26 -29.03
CA GLY C 234 15.22 12.18 -29.38
C GLY C 234 16.56 11.69 -28.87
N ALA C 235 17.51 12.61 -28.84
CA ALA C 235 18.88 12.29 -28.47
C ALA C 235 19.53 13.54 -27.91
N GLY C 236 20.43 13.36 -26.95
CA GLY C 236 21.26 14.45 -26.47
C GLY C 236 22.66 13.95 -26.23
N CYS C 237 23.61 14.86 -26.37
CA CYS C 237 25.01 14.46 -26.25
C CYS C 237 25.87 15.61 -25.74
N LEU C 238 26.70 15.32 -24.73
CA LEU C 238 27.77 16.22 -24.32
C LEU C 238 29.13 15.59 -24.61
N ILE C 239 30.08 16.41 -25.02
CA ILE C 239 31.48 16.02 -25.10
C ILE C 239 32.14 16.53 -23.83
N LEU C 240 32.58 15.61 -22.97
CA LEU C 240 33.31 15.94 -21.76
C LEU C 240 34.80 15.81 -22.01
N GLU C 241 35.57 16.66 -21.34
CA GLU C 241 36.99 16.74 -21.61
C GLU C 241 37.70 17.15 -20.35
N GLU C 242 38.90 16.61 -20.14
CA GLU C 242 39.73 17.05 -19.02
C GLU C 242 40.09 18.52 -19.17
N TYR C 243 40.03 19.25 -18.05
CA TYR C 243 40.10 20.71 -18.09
C TYR C 243 41.41 21.21 -18.71
N GLU C 244 42.55 20.69 -18.27
CA GLU C 244 43.84 21.16 -18.80
C GLU C 244 44.00 20.84 -20.28
N HIS C 245 43.50 19.69 -20.71
CA HIS C 245 43.53 19.37 -22.13
C HIS C 245 42.68 20.36 -22.94
N ALA C 246 41.49 20.70 -22.44
CA ALA C 246 40.66 21.68 -23.14
C ALA C 246 41.33 23.05 -23.18
N LYS C 247 41.87 23.52 -22.05
CA LYS C 247 42.50 24.83 -22.02
C LYS C 247 43.73 24.89 -22.92
N ALA C 248 44.52 23.80 -22.93
CA ALA C 248 45.74 23.78 -23.72
C ALA C 248 45.46 23.97 -25.21
N ARG C 249 44.32 23.49 -25.71
CA ARG C 249 44.00 23.64 -27.12
C ARG C 249 43.08 24.82 -27.39
N GLY C 250 42.78 25.64 -26.39
CA GLY C 250 41.99 26.83 -26.60
C GLY C 250 40.51 26.58 -26.83
N ALA C 251 39.99 25.44 -26.37
CA ALA C 251 38.61 25.05 -26.62
C ALA C 251 37.62 25.96 -25.91
N HIS C 252 36.49 26.20 -26.58
CA HIS C 252 35.37 26.85 -25.90
C HIS C 252 34.80 25.89 -24.88
N ILE C 253 34.52 26.40 -23.68
CA ILE C 253 34.02 25.57 -22.57
C ILE C 253 32.62 26.05 -22.22
N TYR C 254 31.64 25.15 -22.35
CA TYR C 254 30.26 25.51 -22.07
C TYR C 254 29.91 25.44 -20.59
N ALA C 255 30.61 24.59 -19.82
CA ALA C 255 30.32 24.41 -18.40
C ALA C 255 31.41 23.52 -17.80
N GLU C 256 31.46 23.49 -16.48
CA GLU C 256 32.25 22.50 -15.75
C GLU C 256 31.30 21.56 -15.01
N VAL C 257 31.53 20.25 -15.13
CA VAL C 257 30.82 19.28 -14.33
C VAL C 257 31.53 19.20 -12.99
N ILE C 258 30.81 19.52 -11.91
CA ILE C 258 31.43 19.53 -10.58
C ILE C 258 30.79 18.54 -9.62
N GLY C 259 29.68 17.91 -9.97
CA GLY C 259 29.10 16.95 -9.03
C GLY C 259 28.21 15.91 -9.66
N TYR C 260 28.29 14.66 -9.17
CA TYR C 260 27.43 13.59 -9.62
C TYR C 260 27.04 12.77 -8.39
N GLY C 261 25.75 12.55 -8.22
CA GLY C 261 25.26 11.68 -7.16
C GLY C 261 24.29 10.67 -7.74
N SER C 262 24.36 9.44 -7.24
CA SER C 262 23.41 8.42 -7.66
C SER C 262 23.16 7.47 -6.51
N ASN C 263 21.91 7.09 -6.32
CA ASN C 263 21.55 6.07 -5.32
C ASN C 263 20.28 5.38 -5.82
N THR C 264 19.67 4.58 -4.95
CA THR C 264 18.59 3.71 -5.35
C THR C 264 17.53 3.71 -4.25
N ASP C 265 16.25 3.68 -4.64
CA ASP C 265 15.20 3.74 -3.63
C ASP C 265 15.17 2.48 -2.78
N GLY C 266 15.36 1.32 -3.40
CA GLY C 266 15.37 0.06 -2.68
C GLY C 266 14.03 -0.36 -2.13
N GLN C 267 12.94 0.05 -2.76
CA GLN C 267 11.64 -0.21 -2.16
C GLN C 267 10.62 -0.71 -3.18
N HIS C 268 10.48 0.01 -4.29
CA HIS C 268 9.47 -0.34 -5.27
C HIS C 268 10.03 -0.17 -6.66
N VAL C 269 9.50 -0.96 -7.59
CA VAL C 269 10.02 -0.94 -8.94
C VAL C 269 9.53 0.26 -9.75
N THR C 270 8.40 0.87 -9.36
CA THR C 270 7.84 1.97 -10.16
C THR C 270 7.49 3.21 -9.35
N ARG C 271 7.14 3.03 -8.07
CA ARG C 271 6.70 4.14 -7.23
C ARG C 271 7.92 4.75 -6.53
N PRO C 272 8.29 6.00 -6.80
CA PRO C 272 9.51 6.56 -6.21
C PRO C 272 9.35 6.90 -4.73
N GLU C 273 10.49 6.90 -4.03
CA GLU C 273 10.58 7.22 -2.61
C GLU C 273 11.24 8.59 -2.46
N SER C 274 10.48 9.58 -1.96
CA SER C 274 10.97 10.94 -1.84
C SER C 274 12.25 11.01 -1.01
N GLU C 275 12.35 10.20 0.05
CA GLU C 275 13.51 10.29 0.95
C GLU C 275 14.81 9.97 0.22
N MET C 276 14.82 8.93 -0.59
CA MET C 276 16.06 8.57 -1.28
C MET C 276 16.36 9.56 -2.41
N MET C 277 15.33 10.14 -3.02
CA MET C 277 15.55 11.19 -4.02
C MET C 277 16.32 12.35 -3.43
N GLY C 278 15.88 12.83 -2.26
CA GLY C 278 16.58 13.91 -1.58
C GLY C 278 18.01 13.53 -1.20
N ARG C 279 18.20 12.29 -0.74
CA ARG C 279 19.55 11.81 -0.43
C ARG C 279 20.45 11.89 -1.67
N CYS C 280 19.92 11.59 -2.85
CA CYS C 280 20.72 11.62 -4.06
C CYS C 280 21.21 13.03 -4.38
N MET C 281 20.36 14.03 -4.15
CA MET C 281 20.82 15.41 -4.34
C MET C 281 21.90 15.77 -3.32
N GLU C 282 21.78 15.25 -2.10
CA GLU C 282 22.80 15.51 -1.08
C GLU C 282 24.13 14.89 -1.48
N LEU C 283 24.09 13.71 -2.08
CA LEU C 283 25.31 13.08 -2.59
C LEU C 283 25.98 13.94 -3.66
N ALA C 284 25.18 14.54 -4.55
CA ALA C 284 25.76 15.40 -5.59
C ALA C 284 26.34 16.67 -4.99
N LEU C 285 25.62 17.28 -4.04
CA LEU C 285 26.13 18.48 -3.38
C LEU C 285 27.45 18.18 -2.66
N LYS C 286 27.53 17.04 -1.96
CA LYS C 286 28.76 16.68 -1.30
C LYS C 286 29.89 16.47 -2.30
N ASP C 287 29.59 15.80 -3.41
CA ASP C 287 30.60 15.54 -4.42
C ASP C 287 31.11 16.85 -5.03
N ALA C 288 30.23 17.85 -5.14
CA ALA C 288 30.61 19.17 -5.65
C ALA C 288 31.24 20.05 -4.58
N SER C 289 31.16 19.66 -3.32
CA SER C 289 31.58 20.49 -2.19
C SER C 289 30.90 21.85 -2.24
N VAL C 290 29.59 21.84 -2.49
CA VAL C 290 28.79 23.05 -2.45
C VAL C 290 27.58 22.80 -1.56
N GLU C 291 26.99 23.89 -1.07
CA GLU C 291 25.80 23.83 -0.24
C GLU C 291 24.57 24.12 -1.09
N ALA C 292 23.41 23.75 -0.54
CA ALA C 292 22.13 23.97 -1.22
C ALA C 292 21.95 25.43 -1.62
N LYS C 293 22.35 26.36 -0.74
CA LYS C 293 22.24 27.78 -1.04
C LYS C 293 23.01 28.17 -2.31
N ASP C 294 24.04 27.42 -2.69
CA ASP C 294 24.83 27.75 -3.87
C ASP C 294 24.17 27.35 -5.19
N ILE C 295 23.12 26.53 -5.14
CA ILE C 295 22.41 26.12 -6.35
C ILE C 295 21.46 27.24 -6.78
N ALA C 296 21.66 27.76 -7.98
CA ALA C 296 20.82 28.85 -8.46
C ALA C 296 19.49 28.37 -9.05
N TYR C 297 19.45 27.16 -9.61
CA TYR C 297 18.31 26.69 -10.38
C TYR C 297 18.38 25.18 -10.45
N VAL C 298 17.22 24.53 -10.42
CA VAL C 298 17.10 23.08 -10.55
C VAL C 298 16.27 22.76 -11.78
N ASN C 299 16.80 21.89 -12.64
CA ASN C 299 16.01 21.30 -13.72
C ASN C 299 15.42 20.00 -13.21
N ALA C 300 14.12 20.02 -12.95
CA ALA C 300 13.45 18.86 -12.39
C ALA C 300 13.38 17.73 -13.42
N HIS C 301 13.16 16.52 -12.90
CA HIS C 301 12.72 15.42 -13.75
C HIS C 301 11.32 15.71 -14.28
N GLY C 302 10.35 15.86 -13.37
CA GLY C 302 9.08 16.49 -13.68
C GLY C 302 8.33 15.85 -14.84
N THR C 303 7.94 14.60 -14.65
CA THR C 303 7.32 13.78 -15.69
C THR C 303 5.86 14.12 -15.92
N SER C 304 5.20 14.76 -14.94
CA SER C 304 3.77 15.11 -14.92
C SER C 304 2.90 13.92 -14.51
N THR C 305 3.48 12.86 -13.94
CA THR C 305 2.65 11.86 -13.27
C THR C 305 2.20 12.37 -11.90
N ASP C 306 1.26 11.64 -11.31
CA ASP C 306 0.68 12.06 -10.04
C ASP C 306 1.68 11.93 -8.90
N GLN C 307 2.09 10.69 -8.58
CA GLN C 307 2.99 10.46 -7.47
C GLN C 307 4.42 10.91 -7.76
N GLY C 308 4.84 10.88 -9.03
CA GLY C 308 6.21 11.28 -9.35
C GLY C 308 6.47 12.75 -9.06
N ASP C 309 5.57 13.64 -9.51
CA ASP C 309 5.78 15.07 -9.29
C ASP C 309 5.76 15.40 -7.79
N VAL C 310 4.93 14.71 -7.02
CA VAL C 310 4.84 14.98 -5.58
C VAL C 310 6.13 14.54 -4.88
N ALA C 311 6.56 13.30 -5.10
CA ALA C 311 7.75 12.80 -4.43
C ALA C 311 8.98 13.62 -4.81
N GLU C 312 9.13 13.95 -6.09
CA GLU C 312 10.29 14.73 -6.51
C GLU C 312 10.29 16.12 -5.88
N SER C 313 9.17 16.83 -6.00
CA SER C 313 9.14 18.22 -5.53
C SER C 313 9.21 18.31 -4.01
N GLN C 314 8.70 17.31 -3.30
CA GLN C 314 8.83 17.30 -1.85
C GLN C 314 10.29 17.10 -1.43
N ALA C 315 11.02 16.21 -2.11
CA ALA C 315 12.42 16.01 -1.77
C ALA C 315 13.26 17.24 -2.13
N THR C 316 13.00 17.83 -3.31
CA THR C 316 13.75 19.01 -3.74
C THR C 316 13.59 20.14 -2.74
N ALA C 317 12.37 20.36 -2.25
CA ALA C 317 12.14 21.43 -1.30
C ALA C 317 12.77 21.10 0.07
N LYS C 318 12.74 19.84 0.47
CA LYS C 318 13.40 19.45 1.72
C LYS C 318 14.90 19.76 1.66
N VAL C 319 15.56 19.46 0.54
CA VAL C 319 17.01 19.58 0.46
C VAL C 319 17.44 20.97 0.02
N LEU C 320 16.69 21.61 -0.89
CA LEU C 320 17.14 22.87 -1.48
C LEU C 320 16.32 24.07 -1.09
N GLY C 321 15.15 23.89 -0.45
CA GLY C 321 14.34 25.03 -0.08
C GLY C 321 13.59 25.62 -1.28
N TYR C 322 13.37 26.93 -1.23
CA TYR C 322 12.52 27.64 -2.21
C TYR C 322 13.36 28.02 -3.45
N LYS C 323 13.64 27.00 -4.27
CA LYS C 323 14.55 27.06 -5.41
C LYS C 323 13.81 27.25 -6.72
N PRO C 324 14.32 28.10 -7.61
CA PRO C 324 13.76 28.17 -8.96
C PRO C 324 13.92 26.81 -9.65
N ILE C 325 12.85 26.35 -10.27
CA ILE C 325 12.78 24.99 -10.82
C ILE C 325 11.78 24.98 -11.97
N SER C 326 12.09 24.17 -12.98
CA SER C 326 11.13 23.91 -14.05
C SER C 326 11.44 22.56 -14.66
N SER C 327 10.44 22.00 -15.34
CA SER C 327 10.58 20.76 -16.07
C SER C 327 10.48 21.02 -17.57
N LEU C 328 11.47 20.52 -18.33
CA LEU C 328 11.42 20.62 -19.78
C LEU C 328 10.55 19.55 -20.43
N LYS C 329 10.10 18.56 -19.68
CA LYS C 329 9.19 17.57 -20.24
C LYS C 329 7.84 18.16 -20.60
N SER C 330 7.54 19.37 -20.12
CA SER C 330 6.37 20.10 -20.60
C SER C 330 6.49 20.47 -22.08
N TYR C 331 7.70 20.56 -22.62
CA TYR C 331 7.91 20.85 -24.03
C TYR C 331 8.16 19.60 -24.87
N PHE C 332 8.90 18.64 -24.34
CA PHE C 332 9.32 17.48 -25.11
C PHE C 332 8.53 16.22 -24.77
N GLY C 333 7.73 16.25 -23.73
CA GLY C 333 7.27 15.01 -23.18
C GLY C 333 8.45 14.32 -22.49
N HIS C 334 8.18 13.10 -22.04
CA HIS C 334 9.20 12.26 -21.39
C HIS C 334 9.94 11.50 -22.48
N THR C 335 11.16 11.93 -22.79
CA THR C 335 11.97 11.30 -23.84
C THR C 335 12.80 10.13 -23.31
N LEU C 336 12.52 9.66 -22.10
CA LEU C 336 12.99 8.36 -21.60
C LEU C 336 14.51 8.35 -21.61
N GLY C 337 15.18 7.46 -22.35
CA GLY C 337 16.63 7.40 -22.31
C GLY C 337 17.32 8.71 -22.67
N ALA C 338 16.67 9.53 -23.51
CA ALA C 338 17.28 10.78 -23.94
C ALA C 338 17.20 11.88 -22.90
N CYS C 339 16.26 11.79 -21.95
CA CYS C 339 15.82 13.00 -21.24
C CYS C 339 16.94 13.61 -20.41
N GLY C 340 17.75 12.79 -19.74
CA GLY C 340 18.79 13.36 -18.89
C GLY C 340 19.83 14.13 -19.67
N ALA C 341 20.13 13.68 -20.89
CA ALA C 341 21.11 14.35 -21.72
C ALA C 341 20.52 15.60 -22.34
N ILE C 342 19.30 15.53 -22.86
CA ILE C 342 18.64 16.71 -23.43
C ILE C 342 18.50 17.79 -22.36
N GLU C 343 18.13 17.40 -21.14
CA GLU C 343 17.88 18.36 -20.08
C GLU C 343 19.18 18.97 -19.56
N ALA C 344 20.26 18.18 -19.50
CA ALA C 344 21.54 18.78 -19.12
C ALA C 344 22.00 19.79 -20.18
N TRP C 345 21.90 19.40 -21.45
CA TRP C 345 22.28 20.28 -22.55
C TRP C 345 21.55 21.61 -22.47
N LEU C 346 20.22 21.55 -22.44
CA LEU C 346 19.47 22.80 -22.49
C LEU C 346 19.50 23.57 -21.18
N SER C 347 19.78 22.91 -20.04
CA SER C 347 19.98 23.65 -18.79
C SER C 347 21.30 24.40 -18.80
N ILE C 348 22.34 23.82 -19.41
CA ILE C 348 23.60 24.53 -19.58
C ILE C 348 23.38 25.74 -20.49
N GLU C 349 22.58 25.57 -21.54
CA GLU C 349 22.26 26.70 -22.42
C GLU C 349 21.53 27.79 -21.64
N MET C 350 20.58 27.43 -20.78
CA MET C 350 19.90 28.43 -19.96
C MET C 350 20.90 29.20 -19.10
N MET C 351 21.83 28.48 -18.48
CA MET C 351 22.84 29.11 -17.65
C MET C 351 23.69 30.09 -18.46
N ASN C 352 24.11 29.70 -19.66
CA ASN C 352 24.92 30.61 -20.46
C ASN C 352 24.10 31.73 -21.08
N ARG C 353 22.80 31.56 -21.24
CA ARG C 353 21.94 32.65 -21.70
C ARG C 353 21.45 33.51 -20.55
N GLY C 354 21.64 33.07 -19.31
CA GLY C 354 21.05 33.74 -18.17
C GLY C 354 19.53 33.74 -18.19
N ARG C 355 18.93 32.78 -18.89
CA ARG C 355 17.49 32.81 -19.17
C ARG C 355 16.92 31.41 -18.94
N PHE C 356 16.07 31.26 -17.93
CA PHE C 356 15.59 29.96 -17.51
C PHE C 356 14.11 29.79 -17.86
N ILE C 357 13.80 28.68 -18.51
CA ILE C 357 12.53 28.43 -19.20
C ILE C 357 11.45 27.98 -18.22
N PRO C 358 10.22 28.46 -18.34
CA PRO C 358 9.15 28.01 -17.44
C PRO C 358 8.64 26.63 -17.81
N THR C 359 7.98 25.99 -16.85
CA THR C 359 7.24 24.76 -17.14
C THR C 359 6.01 25.14 -17.97
N LEU C 360 5.99 24.73 -19.23
CA LEU C 360 4.82 24.94 -20.07
C LEU C 360 3.59 24.29 -19.46
N ASN C 361 2.46 25.01 -19.49
CA ASN C 361 1.16 24.50 -19.05
C ASN C 361 1.10 24.22 -17.55
N LEU C 362 2.03 24.77 -16.78
CA LEU C 362 1.89 24.85 -15.33
C LEU C 362 1.14 26.14 -15.04
N ASP C 363 -0.16 26.02 -14.78
CA ASP C 363 -1.04 27.16 -14.56
C ASP C 363 -1.48 27.29 -13.11
N GLU C 364 -1.77 26.17 -12.46
CA GLU C 364 -2.17 26.12 -11.07
C GLU C 364 -1.28 25.11 -10.36
N ILE C 365 -0.43 25.60 -9.47
CA ILE C 365 0.51 24.72 -8.77
C ILE C 365 -0.25 23.84 -7.80
N ASP C 366 -0.02 22.52 -7.91
CA ASP C 366 -0.60 21.55 -6.99
C ASP C 366 -0.15 21.85 -5.58
N SER C 367 -1.11 22.01 -4.66
CA SER C 367 -0.78 22.26 -3.26
C SER C 367 -0.14 21.05 -2.59
N LEU C 368 -0.21 19.87 -3.20
CA LEU C 368 0.45 18.69 -2.66
C LEU C 368 1.92 18.59 -3.09
N CYS C 369 2.37 19.45 -3.99
CA CYS C 369 3.76 19.45 -4.42
C CYS C 369 4.58 20.36 -3.50
N GLY C 370 5.90 20.18 -3.56
CA GLY C 370 6.78 20.89 -2.64
C GLY C 370 6.77 22.38 -2.84
N GLU C 371 7.11 23.11 -1.78
CA GLU C 371 7.14 24.58 -1.80
C GLU C 371 8.41 25.07 -2.49
N LEU C 372 8.35 25.15 -3.81
CA LEU C 372 9.48 25.56 -4.64
C LEU C 372 9.14 26.83 -5.39
N ASP C 373 10.16 27.46 -5.97
CA ASP C 373 9.95 28.67 -6.78
C ASP C 373 9.79 28.27 -8.25
N TYR C 374 8.62 27.70 -8.55
CA TYR C 374 8.33 27.23 -9.90
C TYR C 374 8.35 28.38 -10.89
N ILE C 375 9.18 28.28 -11.93
CA ILE C 375 9.13 29.25 -13.01
C ILE C 375 7.89 28.97 -13.85
N VAL C 376 7.05 29.99 -14.02
CA VAL C 376 5.77 29.83 -14.71
C VAL C 376 5.55 30.98 -15.69
N GLN C 377 4.77 30.69 -16.73
CA GLN C 377 4.33 31.66 -17.74
C GLN C 377 5.45 32.22 -18.61
N GLN C 378 6.46 32.86 -18.00
CA GLN C 378 7.51 33.49 -18.78
C GLN C 378 8.90 33.08 -18.30
N PRO C 379 9.89 33.09 -19.18
CA PRO C 379 11.27 32.84 -18.74
C PRO C 379 11.72 33.80 -17.66
N ARG C 380 12.55 33.29 -16.76
CA ARG C 380 13.09 34.03 -15.62
C ARG C 380 14.55 34.35 -15.90
N ASN C 381 14.90 35.64 -15.80
CA ASN C 381 16.30 36.05 -15.94
C ASN C 381 17.01 35.82 -14.62
N LEU C 382 18.07 35.00 -14.64
CA LEU C 382 18.83 34.66 -13.45
C LEU C 382 20.31 34.72 -13.77
N ASP C 383 21.08 35.32 -12.87
CA ASP C 383 22.54 35.30 -12.92
C ASP C 383 22.96 34.03 -12.19
N ALA C 384 22.97 32.92 -12.90
CA ALA C 384 23.18 31.60 -12.29
C ALA C 384 24.61 31.14 -12.49
N ASP C 385 25.29 30.81 -11.40
CA ASP C 385 26.64 30.29 -11.49
C ASP C 385 26.71 28.77 -11.39
N ILE C 386 25.74 28.14 -10.74
CA ILE C 386 25.74 26.70 -10.50
C ILE C 386 24.31 26.22 -10.65
N ILE C 387 24.10 25.14 -11.40
CA ILE C 387 22.78 24.57 -11.62
C ILE C 387 22.83 23.09 -11.30
N MET C 388 21.65 22.53 -11.03
CA MET C 388 21.50 21.11 -10.74
C MET C 388 20.44 20.54 -11.68
N SER C 389 20.64 19.31 -12.15
CA SER C 389 19.68 18.62 -13.01
C SER C 389 19.45 17.21 -12.47
N ASN C 390 18.19 16.86 -12.20
CA ASN C 390 17.86 15.61 -11.51
C ASN C 390 17.05 14.68 -12.41
N ASN C 391 17.26 13.38 -12.25
CA ASN C 391 16.48 12.39 -12.99
C ASN C 391 16.24 11.17 -12.12
N PHE C 392 15.12 10.48 -12.36
CA PHE C 392 14.73 9.32 -11.58
C PHE C 392 14.06 8.31 -12.49
N ALA C 393 14.28 7.02 -12.24
CA ALA C 393 13.88 6.03 -13.23
C ALA C 393 13.27 4.82 -12.54
N PHE C 394 12.79 3.88 -13.36
CA PHE C 394 12.29 2.60 -12.86
C PHE C 394 13.36 1.91 -12.02
N GLY C 395 12.90 1.16 -11.03
CA GLY C 395 13.78 0.55 -10.07
C GLY C 395 14.32 1.50 -9.04
N GLY C 396 13.77 2.71 -8.96
CA GLY C 396 14.23 3.66 -7.98
C GLY C 396 15.63 4.19 -8.21
N ILE C 397 16.09 4.20 -9.46
CA ILE C 397 17.44 4.69 -9.78
C ILE C 397 17.38 6.21 -9.87
N ASN C 398 18.23 6.88 -9.09
CA ASN C 398 18.25 8.33 -8.99
C ASN C 398 19.59 8.86 -9.47
N THR C 399 19.58 9.99 -10.16
CA THR C 399 20.80 10.69 -10.53
C THR C 399 20.63 12.18 -10.26
N SER C 400 21.73 12.83 -9.89
CA SER C 400 21.72 14.27 -9.71
C SER C 400 23.04 14.81 -10.23
N LEU C 401 22.98 15.79 -11.12
CA LEU C 401 24.18 16.36 -11.73
C LEU C 401 24.25 17.84 -11.37
N ILE C 402 25.48 18.33 -11.15
CA ILE C 402 25.70 19.72 -10.82
C ILE C 402 26.70 20.29 -11.81
N PHE C 403 26.35 21.42 -12.42
CA PHE C 403 27.16 22.10 -13.43
C PHE C 403 27.47 23.52 -12.98
N LYS C 404 28.64 24.01 -13.39
CA LYS C 404 29.14 25.30 -12.96
C LYS C 404 29.53 26.12 -14.19
N ARG C 405 29.15 27.40 -14.18
CA ARG C 405 29.52 28.31 -15.25
C ARG C 405 31.03 28.49 -15.32
N VAL C 406 31.54 28.65 -16.54
CA VAL C 406 32.96 28.87 -16.81
C VAL C 406 33.09 30.20 -17.57
N LYS C 407 33.89 31.12 -17.05
CA LYS C 407 34.18 32.37 -17.74
C LYS C 407 35.57 32.27 -18.37
N GLN C 408 35.65 32.57 -19.66
CA GLN C 408 36.87 32.34 -20.44
C GLN C 408 37.54 33.63 -20.90
N MET D 1 43.07 5.33 -1.89
CA MET D 1 42.36 4.25 -2.57
C MET D 1 42.14 3.10 -1.61
N LYS D 2 40.96 2.50 -1.63
CA LYS D 2 40.67 1.36 -0.76
C LYS D 2 41.04 0.04 -1.44
N ARG D 3 41.34 -0.97 -0.62
CA ARG D 3 41.51 -2.33 -1.12
C ARG D 3 40.16 -3.04 -1.09
N VAL D 4 39.99 -4.00 -2.00
CA VAL D 4 38.70 -4.62 -2.27
C VAL D 4 38.86 -6.14 -2.24
N VAL D 5 38.03 -6.82 -1.44
CA VAL D 5 38.13 -8.27 -1.33
C VAL D 5 36.79 -8.91 -1.66
N VAL D 6 36.86 -10.22 -1.92
CA VAL D 6 35.72 -11.04 -2.28
C VAL D 6 35.37 -11.85 -1.04
N THR D 7 34.19 -11.63 -0.47
CA THR D 7 33.79 -12.33 0.75
C THR D 7 32.64 -13.31 0.55
N GLY D 8 32.03 -13.34 -0.64
CA GLY D 8 30.95 -14.24 -0.97
C GLY D 8 30.97 -14.59 -2.44
N MET D 9 30.63 -15.83 -2.78
CA MET D 9 30.65 -16.27 -4.18
C MET D 9 29.58 -17.32 -4.38
N ALA D 10 28.92 -17.27 -5.54
CA ALA D 10 27.90 -18.28 -5.86
C ALA D 10 27.66 -18.30 -7.36
N GLY D 11 27.15 -19.43 -7.84
CA GLY D 11 26.73 -19.52 -9.23
C GLY D 11 25.71 -20.61 -9.45
N ILE D 12 25.06 -20.53 -10.60
CA ILE D 12 24.10 -21.53 -11.06
C ILE D 12 24.54 -21.93 -12.47
N THR D 13 24.96 -23.18 -12.64
CA THR D 13 25.53 -23.62 -13.90
C THR D 13 24.96 -24.97 -14.32
N SER D 14 25.23 -25.35 -15.57
CA SER D 14 24.86 -26.67 -16.03
C SER D 14 25.66 -27.79 -15.38
N LEU D 15 26.69 -27.47 -14.61
CA LEU D 15 27.44 -28.46 -13.85
C LEU D 15 27.09 -28.46 -12.36
N GLY D 16 26.16 -27.61 -11.92
CA GLY D 16 25.75 -27.56 -10.53
C GLY D 16 25.72 -26.15 -10.00
N GLU D 17 25.34 -26.04 -8.72
CA GLU D 17 25.22 -24.73 -8.07
C GLU D 17 26.13 -24.56 -6.86
N THR D 18 27.09 -25.46 -6.67
CA THR D 18 28.14 -25.28 -5.66
C THR D 18 29.46 -25.56 -6.34
N ALA D 19 30.52 -24.93 -5.83
CA ALA D 19 31.84 -25.18 -6.40
C ALA D 19 32.24 -26.64 -6.27
N ASP D 20 31.95 -27.25 -5.12
CA ASP D 20 32.32 -28.66 -4.93
C ASP D 20 31.70 -29.54 -6.00
N ASP D 21 30.41 -29.34 -6.29
CA ASP D 21 29.75 -30.15 -7.32
C ASP D 21 30.31 -29.87 -8.70
N ILE D 22 30.57 -28.59 -9.01
CA ILE D 22 31.09 -28.26 -10.34
C ILE D 22 32.49 -28.84 -10.53
N PHE D 23 33.34 -28.73 -9.50
CA PHE D 23 34.68 -29.28 -9.60
C PHE D 23 34.69 -30.80 -9.68
N ALA D 24 33.73 -31.49 -9.07
CA ALA D 24 33.63 -32.93 -9.28
C ALA D 24 33.33 -33.24 -10.74
N ARG D 25 32.51 -32.41 -11.40
CA ARG D 25 32.27 -32.61 -12.82
C ARG D 25 33.49 -32.25 -13.64
N PHE D 26 34.22 -31.19 -13.24
CA PHE D 26 35.50 -30.91 -13.90
C PHE D 26 36.38 -32.15 -13.87
N GLU D 27 36.59 -32.72 -12.67
CA GLU D 27 37.51 -33.85 -12.54
C GLU D 27 37.07 -35.05 -13.37
N ALA D 28 35.75 -35.23 -13.55
CA ALA D 28 35.24 -36.33 -14.37
C ALA D 28 35.28 -36.03 -15.86
N GLY D 29 35.64 -34.82 -16.27
CA GLY D 29 35.74 -34.51 -17.68
C GLY D 29 34.42 -34.42 -18.41
N LYS D 30 33.36 -34.02 -17.73
CA LYS D 30 32.03 -33.99 -18.31
C LYS D 30 31.57 -32.55 -18.50
N SER D 31 31.04 -32.25 -19.66
CA SER D 31 30.50 -30.92 -19.94
C SER D 31 29.00 -30.87 -19.66
N GLY D 32 28.44 -29.68 -19.75
CA GLY D 32 27.00 -29.49 -19.67
C GLY D 32 26.31 -29.43 -21.01
N ILE D 33 27.03 -29.69 -22.10
CA ILE D 33 26.50 -29.55 -23.45
C ILE D 33 25.60 -30.74 -23.77
N ARG D 34 24.47 -30.48 -24.42
CA ARG D 34 23.61 -31.57 -24.86
C ARG D 34 22.93 -31.18 -26.15
N TYR D 35 22.48 -32.21 -26.86
CA TYR D 35 21.67 -31.99 -28.05
C TYR D 35 20.28 -31.49 -27.66
N MET D 36 19.72 -30.62 -28.48
CA MET D 36 18.47 -29.92 -28.17
C MET D 36 17.35 -30.38 -29.10
N PRO D 37 16.60 -31.44 -28.76
CA PRO D 37 15.42 -31.81 -29.57
C PRO D 37 14.40 -30.69 -29.70
N GLU D 38 14.19 -29.93 -28.62
CA GLU D 38 13.23 -28.82 -28.61
C GLU D 38 13.59 -27.72 -29.60
N TRP D 39 14.74 -27.79 -30.25
CA TRP D 39 15.13 -26.77 -31.20
C TRP D 39 14.99 -27.24 -32.65
N GLU D 40 14.61 -28.49 -32.87
CA GLU D 40 14.45 -28.97 -34.23
C GLU D 40 13.30 -28.26 -34.95
N GLN D 41 12.30 -27.80 -34.20
CA GLN D 41 11.22 -27.01 -34.79
C GLN D 41 11.72 -25.78 -35.53
N TYR D 42 12.90 -25.28 -35.20
CA TYR D 42 13.37 -24.02 -35.77
C TYR D 42 14.03 -24.29 -37.12
N VAL D 43 13.51 -23.62 -38.15
CA VAL D 43 13.78 -23.88 -39.57
C VAL D 43 15.26 -23.92 -39.88
N ASP D 44 15.85 -22.74 -40.12
CA ASP D 44 17.23 -22.62 -40.60
C ASP D 44 18.23 -22.51 -39.45
N LEU D 45 17.85 -22.86 -38.23
CA LEU D 45 18.81 -22.89 -37.14
C LEU D 45 19.71 -24.09 -37.33
N ARG D 46 20.98 -23.84 -37.67
CA ARG D 46 21.89 -24.94 -37.92
C ARG D 46 22.25 -25.66 -36.61
N THR D 47 22.69 -24.91 -35.61
CA THR D 47 23.12 -25.53 -34.36
C THR D 47 21.92 -26.07 -33.59
N LYS D 48 22.10 -27.27 -33.03
CA LYS D 48 21.13 -27.89 -32.12
C LYS D 48 21.78 -28.27 -30.81
N LEU D 49 22.76 -27.47 -30.37
CA LEU D 49 23.53 -27.74 -29.16
C LEU D 49 23.36 -26.59 -28.18
N ALA D 50 23.36 -26.92 -26.90
CA ALA D 50 23.28 -25.89 -25.87
C ALA D 50 23.72 -26.49 -24.53
N GLY D 51 23.95 -25.59 -23.58
CA GLY D 51 24.24 -25.97 -22.22
C GLY D 51 23.22 -25.39 -21.26
N PRO D 52 22.02 -25.95 -21.26
CA PRO D 52 20.96 -25.45 -20.36
C PRO D 52 21.23 -25.82 -18.92
N VAL D 53 20.64 -25.03 -18.03
CA VAL D 53 20.51 -25.41 -16.63
C VAL D 53 19.21 -26.17 -16.49
N GLU D 54 19.30 -27.47 -16.17
CA GLU D 54 18.11 -28.30 -16.10
C GLU D 54 17.25 -27.96 -14.89
N THR D 55 17.89 -27.71 -13.75
CA THR D 55 17.15 -27.41 -12.54
C THR D 55 18.06 -26.61 -11.63
N PHE D 56 17.46 -25.72 -10.84
CA PHE D 56 18.17 -25.14 -9.72
C PHE D 56 17.22 -24.93 -8.57
N HIS D 57 17.77 -24.94 -7.36
CA HIS D 57 16.95 -24.82 -6.16
C HIS D 57 16.40 -23.41 -6.04
N ILE D 58 15.09 -23.29 -5.89
CA ILE D 58 14.42 -22.02 -5.65
C ILE D 58 13.83 -22.08 -4.24
N PRO D 59 14.38 -21.33 -3.28
CA PRO D 59 13.77 -21.31 -1.95
C PRO D 59 12.29 -20.91 -2.02
N LYS D 60 11.54 -21.38 -1.02
CA LYS D 60 10.10 -21.23 -1.05
C LYS D 60 9.66 -19.78 -0.86
N HIS D 61 10.52 -18.93 -0.27
CA HIS D 61 10.10 -17.54 -0.12
C HIS D 61 10.12 -16.76 -1.43
N PHE D 62 10.58 -17.37 -2.53
CA PHE D 62 10.45 -16.77 -3.86
C PHE D 62 9.09 -17.18 -4.47
N ASN D 63 8.05 -16.57 -3.93
CA ASN D 63 6.68 -16.96 -4.24
C ASN D 63 6.13 -16.10 -5.39
N ARG D 64 4.81 -16.18 -5.57
CA ARG D 64 4.00 -15.36 -6.47
C ARG D 64 4.40 -13.90 -6.56
N LYS D 65 4.13 -13.15 -5.49
CA LYS D 65 4.31 -11.70 -5.48
C LYS D 65 5.77 -11.31 -5.55
N VAL D 66 6.64 -12.12 -4.95
CA VAL D 66 8.06 -11.79 -4.91
C VAL D 66 8.66 -11.79 -6.31
N THR D 67 8.21 -12.73 -7.16
CA THR D 67 8.82 -12.97 -8.45
C THR D 67 8.00 -12.47 -9.63
N ARG D 68 6.97 -11.65 -9.40
CA ARG D 68 6.12 -11.23 -10.52
C ARG D 68 6.88 -10.37 -11.51
N GLY D 69 7.93 -9.69 -11.06
CA GLY D 69 8.76 -8.86 -11.91
C GLY D 69 10.01 -9.54 -12.44
N MET D 70 10.12 -10.86 -12.26
CA MET D 70 11.31 -11.61 -12.64
C MET D 70 10.96 -12.62 -13.72
N GLY D 71 11.63 -12.52 -14.87
CA GLY D 71 11.75 -13.64 -15.77
C GLY D 71 12.82 -14.62 -15.26
N ARG D 72 13.09 -15.64 -16.07
CA ARG D 72 14.04 -16.67 -15.66
C ARG D 72 15.42 -16.08 -15.37
N VAL D 73 15.93 -15.22 -16.27
CA VAL D 73 17.26 -14.67 -16.07
C VAL D 73 17.34 -13.89 -14.76
N ALA D 74 16.27 -13.15 -14.42
CA ALA D 74 16.29 -12.37 -13.19
C ALA D 74 16.16 -13.26 -11.96
N LEU D 75 15.35 -14.32 -12.03
CA LEU D 75 15.17 -15.20 -10.88
C LEU D 75 16.47 -15.94 -10.54
N MET D 76 17.11 -16.50 -11.56
CA MET D 76 18.43 -17.11 -11.41
C MET D 76 19.40 -16.12 -10.76
N SER D 77 19.37 -14.87 -11.22
CA SER D 77 20.23 -13.82 -10.69
C SER D 77 20.00 -13.60 -9.20
N VAL D 78 18.74 -13.38 -8.82
CA VAL D 78 18.43 -13.04 -7.43
C VAL D 78 18.70 -14.23 -6.52
N VAL D 79 18.38 -15.44 -6.98
CA VAL D 79 18.62 -16.61 -6.14
C VAL D 79 20.11 -16.80 -5.94
N CYS D 80 20.88 -16.68 -7.02
CA CYS D 80 22.34 -16.75 -6.94
C CYS D 80 22.89 -15.69 -5.99
N ALA D 81 22.42 -14.45 -6.14
CA ALA D 81 22.91 -13.37 -5.28
C ALA D 81 22.61 -13.63 -3.81
N GLU D 82 21.41 -14.15 -3.51
CA GLU D 82 21.08 -14.45 -2.12
C GLU D 82 22.03 -15.51 -1.54
N THR D 83 22.35 -16.53 -2.32
CA THR D 83 23.31 -17.55 -1.90
C THR D 83 24.68 -16.94 -1.64
N ALA D 84 25.12 -16.01 -2.50
CA ALA D 84 26.40 -15.35 -2.29
C ALA D 84 26.37 -14.46 -1.06
N LEU D 85 25.28 -13.72 -0.83
CA LEU D 85 25.18 -12.92 0.38
C LEU D 85 25.20 -13.81 1.62
N GLN D 86 24.47 -14.93 1.56
CA GLN D 86 24.47 -15.85 2.70
C GLN D 86 25.88 -16.36 2.97
N ASN D 87 26.59 -16.74 1.91
CA ASN D 87 27.99 -17.16 2.01
C ASN D 87 28.84 -16.11 2.72
N ALA D 88 28.63 -14.83 2.40
CA ALA D 88 29.43 -13.77 2.99
C ALA D 88 29.01 -13.40 4.41
N GLY D 89 27.90 -13.94 4.91
CA GLY D 89 27.41 -13.55 6.21
C GLY D 89 26.65 -12.24 6.21
N LEU D 90 26.21 -11.78 5.04
CA LEU D 90 25.60 -10.48 4.91
C LEU D 90 24.11 -10.52 4.60
N LEU D 91 23.50 -11.71 4.46
CA LEU D 91 22.09 -11.79 4.15
C LEU D 91 21.27 -11.22 5.31
N GLY D 92 20.41 -10.24 5.01
CA GLY D 92 19.65 -9.57 6.04
C GLY D 92 20.42 -8.60 6.89
N HIS D 93 21.68 -8.32 6.55
CA HIS D 93 22.53 -7.46 7.35
C HIS D 93 22.11 -5.99 7.19
N GLU D 94 22.30 -5.22 8.28
CA GLU D 94 21.94 -3.80 8.29
C GLU D 94 22.63 -3.01 7.18
N ILE D 95 23.82 -3.42 6.76
CA ILE D 95 24.55 -2.64 5.76
C ILE D 95 23.81 -2.64 4.42
N LEU D 96 23.02 -3.69 4.15
CA LEU D 96 22.39 -3.82 2.84
C LEU D 96 21.47 -2.63 2.55
N SER D 97 20.79 -2.11 3.58
CA SER D 97 19.85 -1.00 3.38
C SER D 97 20.40 0.34 3.87
N SER D 98 21.70 0.42 4.14
CA SER D 98 22.34 1.61 4.68
C SER D 98 22.64 2.69 3.64
N GLY D 99 22.59 2.35 2.36
CA GLY D 99 23.11 3.24 1.33
C GLY D 99 24.58 3.00 0.99
N GLU D 100 25.28 2.18 1.78
CA GLU D 100 26.67 1.83 1.51
C GLU D 100 26.80 0.52 0.73
N ALA D 101 25.69 -0.12 0.37
CA ALA D 101 25.72 -1.36 -0.37
C ALA D 101 24.95 -1.18 -1.68
N GLY D 102 25.52 -1.68 -2.78
CA GLY D 102 24.82 -1.57 -4.04
C GLY D 102 25.00 -2.79 -4.92
N VAL D 103 24.75 -2.64 -6.22
CA VAL D 103 24.75 -3.78 -7.13
C VAL D 103 25.29 -3.36 -8.48
N ALA D 104 26.09 -4.23 -9.07
CA ALA D 104 26.48 -4.11 -10.47
C ALA D 104 26.13 -5.46 -11.10
N PHE D 105 25.34 -5.42 -12.17
CA PHE D 105 24.85 -6.65 -12.77
C PHE D 105 24.43 -6.40 -14.20
N GLY D 106 24.50 -7.43 -15.03
CA GLY D 106 24.13 -7.30 -16.42
C GLY D 106 23.81 -8.64 -17.06
N SER D 107 23.13 -8.56 -18.20
CA SER D 107 22.84 -9.69 -19.06
C SER D 107 22.75 -9.18 -20.49
N SER D 108 22.81 -10.09 -21.46
CA SER D 108 22.71 -9.66 -22.86
C SER D 108 21.30 -9.17 -23.18
N ALA D 109 20.31 -9.63 -22.42
CA ALA D 109 18.92 -9.28 -22.67
C ALA D 109 18.12 -9.69 -21.44
N GLY D 110 16.95 -9.08 -21.30
CA GLY D 110 15.99 -9.48 -20.29
C GLY D 110 15.35 -10.81 -20.67
N SER D 111 14.18 -11.06 -20.08
CA SER D 111 13.54 -12.34 -20.27
C SER D 111 12.83 -12.39 -21.63
N VAL D 112 13.03 -13.50 -22.33
CA VAL D 112 12.56 -13.63 -23.70
C VAL D 112 11.03 -13.63 -23.78
N ASP D 113 10.36 -14.19 -22.77
CA ASP D 113 8.90 -14.16 -22.76
C ASP D 113 8.36 -12.74 -22.74
N ALA D 114 8.92 -11.91 -21.86
CA ALA D 114 8.53 -10.50 -21.80
C ALA D 114 8.82 -9.78 -23.11
N VAL D 115 9.93 -10.12 -23.78
CA VAL D 115 10.23 -9.53 -25.08
C VAL D 115 9.12 -9.86 -26.07
N GLY D 116 8.58 -11.08 -25.98
CA GLY D 116 7.48 -11.45 -26.87
C GLY D 116 6.20 -10.69 -26.58
N GLU D 117 5.93 -10.41 -25.30
CA GLU D 117 4.77 -9.59 -24.93
C GLU D 117 4.89 -8.19 -25.53
N PHE D 118 6.04 -7.55 -25.30
CA PHE D 118 6.31 -6.22 -25.85
C PHE D 118 6.17 -6.21 -27.35
N ALA D 119 6.52 -7.32 -28.02
CA ALA D 119 6.52 -7.38 -29.47
C ALA D 119 5.15 -7.72 -30.06
N SER D 120 4.28 -8.38 -29.28
CA SER D 120 2.94 -8.69 -29.76
C SER D 120 2.22 -7.45 -30.27
N MET D 121 2.45 -6.30 -29.62
CA MET D 121 1.82 -5.06 -30.07
C MET D 121 2.37 -4.62 -31.42
N LEU D 122 3.68 -4.78 -31.63
CA LEU D 122 4.29 -4.41 -32.91
C LEU D 122 3.71 -5.24 -34.06
N LEU D 123 3.23 -6.45 -33.77
CA LEU D 123 2.76 -7.35 -34.81
C LEU D 123 1.24 -7.39 -34.87
N HIS D 124 0.60 -7.93 -33.84
CA HIS D 124 -0.83 -8.17 -33.85
C HIS D 124 -1.64 -7.03 -33.26
N GLN D 125 -1.04 -5.85 -33.11
CA GLN D 125 -1.81 -4.62 -32.89
C GLN D 125 -2.66 -4.70 -31.63
N SER D 126 -2.27 -5.54 -30.68
CA SER D 126 -3.05 -5.79 -29.48
C SER D 126 -2.18 -5.53 -28.25
N MET D 127 -2.66 -4.66 -27.38
CA MET D 127 -2.00 -4.37 -26.11
C MET D 127 -2.30 -5.43 -25.04
N SER D 128 -3.05 -6.48 -25.38
CA SER D 128 -3.60 -7.37 -24.36
C SER D 128 -2.54 -8.19 -23.65
N LYS D 129 -1.34 -8.34 -24.23
CA LYS D 129 -0.29 -9.12 -23.59
C LYS D 129 0.70 -8.27 -22.78
N ILE D 130 0.86 -7.00 -23.14
CA ILE D 130 1.65 -6.10 -22.30
C ILE D 130 0.94 -5.90 -20.97
N ASN D 131 1.64 -6.16 -19.87
CA ASN D 131 1.10 -5.92 -18.54
C ASN D 131 2.03 -5.05 -17.72
N ALA D 132 1.71 -4.87 -16.44
CA ALA D 132 2.43 -3.95 -15.58
C ALA D 132 3.86 -4.36 -15.28
N THR D 133 4.24 -5.61 -15.57
CA THR D 133 5.61 -6.05 -15.38
C THR D 133 6.31 -6.41 -16.68
N THR D 134 5.73 -6.08 -17.84
CA THR D 134 6.35 -6.44 -19.10
C THR D 134 7.72 -5.80 -19.25
N TYR D 135 7.83 -4.49 -18.99
CA TYR D 135 9.12 -3.84 -19.18
C TYR D 135 10.11 -4.26 -18.11
N ILE D 136 9.67 -4.38 -16.86
CA ILE D 136 10.59 -4.79 -15.79
C ILE D 136 11.19 -6.15 -16.10
N ARG D 137 10.41 -7.04 -16.70
CA ARG D 137 10.92 -8.37 -16.99
C ARG D 137 11.73 -8.43 -18.28
N MET D 138 11.46 -7.54 -19.24
CA MET D 138 12.16 -7.59 -20.52
C MET D 138 13.45 -6.78 -20.55
N MET D 139 13.57 -5.75 -19.71
CA MET D 139 14.68 -4.82 -19.82
C MET D 139 15.99 -5.50 -19.48
N ALA D 140 17.06 -5.04 -20.14
CA ALA D 140 18.36 -5.68 -20.00
C ALA D 140 18.97 -5.47 -18.62
N HIS D 141 18.48 -4.51 -17.83
CA HIS D 141 18.89 -4.40 -16.43
C HIS D 141 17.85 -4.99 -15.48
N THR D 142 17.13 -6.02 -15.92
CA THR D 142 16.12 -6.63 -15.06
C THR D 142 16.73 -7.26 -13.80
N SER D 143 17.92 -7.86 -13.92
CA SER D 143 18.51 -8.50 -12.75
C SER D 143 18.85 -7.49 -11.68
N ALA D 144 19.49 -6.38 -12.06
CA ALA D 144 19.96 -5.39 -11.10
C ALA D 144 18.81 -4.72 -10.35
N VAL D 145 17.74 -4.37 -11.07
CA VAL D 145 16.61 -3.71 -10.44
C VAL D 145 15.89 -4.68 -9.51
N ASN D 146 15.69 -5.91 -9.96
CA ASN D 146 15.05 -6.89 -9.09
C ASN D 146 15.87 -7.13 -7.82
N MET D 147 17.19 -6.97 -7.91
CA MET D 147 18.03 -7.18 -6.74
C MET D 147 17.92 -6.03 -5.74
N THR D 148 17.92 -4.78 -6.22
CA THR D 148 17.79 -3.68 -5.27
C THR D 148 16.44 -3.73 -4.57
N VAL D 149 15.38 -4.09 -5.30
CA VAL D 149 14.06 -4.13 -4.69
C VAL D 149 13.97 -5.31 -3.72
N TYR D 150 14.47 -6.48 -4.12
CA TYR D 150 14.32 -7.66 -3.28
C TYR D 150 15.16 -7.54 -2.00
N PHE D 151 16.41 -7.08 -2.11
CA PHE D 151 17.29 -6.96 -0.95
C PHE D 151 17.20 -5.60 -0.27
N GLY D 152 16.43 -4.66 -0.82
CA GLY D 152 16.35 -3.34 -0.22
C GLY D 152 17.60 -2.50 -0.33
N LEU D 153 18.37 -2.64 -1.41
CA LEU D 153 19.62 -1.91 -1.56
C LEU D 153 19.35 -0.44 -1.86
N LYS D 154 20.08 0.44 -1.17
CA LYS D 154 19.89 1.87 -1.33
C LYS D 154 21.14 2.58 -1.82
N GLY D 155 22.17 1.85 -2.22
CA GLY D 155 23.35 2.48 -2.80
C GLY D 155 23.29 2.54 -4.31
N LEU D 156 24.43 2.25 -4.94
CA LEU D 156 24.58 2.38 -6.39
C LEU D 156 23.92 1.23 -7.12
N THR D 157 23.15 1.54 -8.16
CA THR D 157 22.75 0.56 -9.17
C THR D 157 23.61 0.80 -10.41
N LEU D 158 24.47 -0.18 -10.75
CA LEU D 158 25.36 -0.06 -11.90
C LEU D 158 24.95 -1.11 -12.93
N PRO D 159 24.12 -0.74 -13.92
CA PRO D 159 23.73 -1.71 -14.96
C PRO D 159 24.88 -1.90 -15.95
N THR D 160 25.38 -3.12 -16.04
CA THR D 160 26.53 -3.39 -16.92
C THR D 160 26.16 -4.35 -18.02
N SER D 161 24.95 -4.22 -18.57
CA SER D 161 24.53 -5.07 -19.68
C SER D 161 25.32 -4.71 -20.92
N SER D 162 26.23 -5.62 -21.31
CA SER D 162 27.16 -5.39 -22.40
C SER D 162 27.44 -6.71 -23.12
N ALA D 163 26.39 -7.51 -23.31
CA ALA D 163 26.48 -8.83 -23.94
C ALA D 163 27.52 -9.65 -23.17
N CYS D 164 28.55 -10.22 -23.83
CA CYS D 164 29.45 -11.20 -23.22
C CYS D 164 30.32 -10.64 -22.10
N THR D 165 30.45 -9.32 -21.98
CA THR D 165 31.23 -8.74 -20.89
C THR D 165 30.38 -8.28 -19.72
N SER D 166 29.09 -8.63 -19.71
CA SER D 166 28.19 -8.13 -18.67
C SER D 166 28.71 -8.43 -17.28
N GLY D 167 29.11 -9.68 -17.05
CA GLY D 167 29.47 -10.13 -15.72
C GLY D 167 30.83 -9.63 -15.26
N SER D 168 31.79 -9.57 -16.19
CA SER D 168 33.12 -9.08 -15.83
C SER D 168 33.11 -7.57 -15.68
N MET D 169 32.37 -6.87 -16.56
CA MET D 169 32.20 -5.42 -16.39
C MET D 169 31.52 -5.09 -15.07
N ALA D 170 30.58 -5.94 -14.62
CA ALA D 170 29.96 -5.73 -13.31
C ALA D 170 30.97 -5.82 -12.18
N ILE D 171 31.80 -6.87 -12.18
CA ILE D 171 32.83 -7.03 -11.16
C ILE D 171 33.81 -5.86 -11.19
N GLY D 172 34.26 -5.46 -12.39
CA GLY D 172 35.16 -4.33 -12.49
C GLY D 172 34.58 -3.04 -11.97
N GLN D 173 33.33 -2.73 -12.35
CA GLN D 173 32.74 -1.47 -11.89
C GLN D 173 32.40 -1.50 -10.41
N ALA D 174 32.01 -2.66 -9.88
CA ALA D 174 31.80 -2.80 -8.45
C ALA D 174 33.10 -2.61 -7.67
N TYR D 175 34.18 -3.22 -8.18
CA TYR D 175 35.50 -3.01 -7.62
C TYR D 175 35.86 -1.52 -7.57
N GLU D 176 35.66 -0.82 -8.68
CA GLU D 176 36.00 0.60 -8.70
C GLU D 176 35.15 1.39 -7.72
N ALA D 177 33.86 1.08 -7.62
CA ALA D 177 32.99 1.77 -6.67
C ALA D 177 33.51 1.67 -5.24
N ILE D 178 34.05 0.49 -4.87
CA ILE D 178 34.61 0.32 -3.54
C ILE D 178 35.99 0.92 -3.45
N LYS D 179 36.82 0.72 -4.48
CA LYS D 179 38.18 1.27 -4.46
C LYS D 179 38.17 2.79 -4.29
N TYR D 180 37.23 3.47 -4.96
CA TYR D 180 37.17 4.92 -4.87
C TYR D 180 36.28 5.42 -3.74
N GLY D 181 35.89 4.54 -2.82
CA GLY D 181 35.23 5.01 -1.61
C GLY D 181 33.75 5.31 -1.72
N LYS D 182 33.11 4.95 -2.83
CA LYS D 182 31.69 5.27 -2.99
C LYS D 182 30.78 4.29 -2.25
N GLN D 183 31.21 3.02 -2.14
CA GLN D 183 30.42 1.96 -1.54
C GLN D 183 31.34 1.09 -0.70
N GLN D 184 30.73 0.40 0.27
CA GLN D 184 31.47 -0.53 1.11
C GLN D 184 31.25 -1.99 0.72
N VAL D 185 30.08 -2.30 0.16
CA VAL D 185 29.72 -3.64 -0.27
C VAL D 185 29.03 -3.54 -1.62
N MET D 186 29.30 -4.50 -2.50
CA MET D 186 28.64 -4.55 -3.79
C MET D 186 28.34 -6.00 -4.15
N ILE D 187 27.11 -6.24 -4.59
CA ILE D 187 26.78 -7.48 -5.30
C ILE D 187 27.16 -7.31 -6.76
N ALA D 188 27.95 -8.24 -7.30
CA ALA D 188 28.44 -8.08 -8.66
C ALA D 188 28.34 -9.38 -9.44
N GLY D 189 27.79 -9.32 -10.64
CA GLY D 189 27.86 -10.50 -11.50
C GLY D 189 27.03 -10.34 -12.76
N GLY D 190 26.71 -11.49 -13.35
CA GLY D 190 26.02 -11.52 -14.62
C GLY D 190 25.17 -12.77 -14.72
N ALA D 191 24.24 -12.76 -15.67
CA ALA D 191 23.38 -13.91 -15.86
C ALA D 191 22.82 -13.90 -17.27
N GLU D 192 22.31 -15.04 -17.69
CA GLU D 192 21.66 -15.17 -18.99
C GLU D 192 20.72 -16.36 -18.92
N GLU D 193 19.54 -16.19 -19.52
CA GLU D 193 18.65 -17.32 -19.74
C GLU D 193 18.83 -17.83 -21.16
N LEU D 194 18.63 -19.14 -21.34
CA LEU D 194 18.81 -19.77 -22.65
C LEU D 194 17.56 -19.61 -23.50
N SER D 195 17.76 -19.34 -24.79
CA SER D 195 16.67 -19.38 -25.76
C SER D 195 17.24 -19.69 -27.14
N ALA D 196 16.41 -20.30 -27.99
CA ALA D 196 16.84 -20.56 -29.36
C ALA D 196 17.07 -19.26 -30.12
N ALA D 197 16.33 -18.20 -29.80
CA ALA D 197 16.57 -16.92 -30.45
C ALA D 197 17.96 -16.40 -30.12
N GLY D 198 18.45 -16.69 -28.91
CA GLY D 198 19.82 -16.32 -28.57
C GLY D 198 20.84 -17.07 -29.40
N ALA D 199 20.65 -18.38 -29.53
CA ALA D 199 21.52 -19.17 -30.39
C ALA D 199 21.47 -18.67 -31.83
N ALA D 200 20.26 -18.32 -32.30
CA ALA D 200 20.11 -17.88 -33.68
C ALA D 200 20.95 -16.65 -33.99
N VAL D 201 21.16 -15.78 -32.99
CA VAL D 201 21.95 -14.56 -33.20
C VAL D 201 23.38 -14.92 -33.61
N PHE D 202 23.97 -15.91 -32.96
CA PHE D 202 25.30 -16.36 -33.36
C PHE D 202 25.24 -17.27 -34.59
N ASP D 203 24.14 -18.02 -34.73
CA ASP D 203 24.02 -18.94 -35.85
C ASP D 203 24.03 -18.21 -37.19
N VAL D 204 23.38 -17.04 -37.25
CA VAL D 204 23.35 -16.28 -38.50
C VAL D 204 24.71 -15.67 -38.82
N LEU D 205 25.59 -15.55 -37.82
CA LEU D 205 26.96 -15.11 -38.07
C LEU D 205 27.90 -16.25 -38.43
N PHE D 206 27.38 -17.49 -38.51
CA PHE D 206 28.18 -18.68 -38.76
C PHE D 206 29.25 -18.90 -37.68
N ALA D 207 28.90 -18.56 -36.44
CA ALA D 207 29.81 -18.68 -35.32
C ALA D 207 29.53 -19.90 -34.45
N THR D 208 28.51 -20.71 -34.78
CA THR D 208 28.06 -21.81 -33.94
C THR D 208 28.59 -23.15 -34.44
N SER D 209 28.81 -24.06 -33.48
CA SER D 209 29.24 -25.41 -33.80
C SER D 209 28.14 -26.18 -34.53
N GLY D 210 28.55 -27.07 -35.43
CA GLY D 210 27.62 -27.91 -36.15
C GLY D 210 27.67 -29.36 -35.73
N MET D 211 28.52 -29.68 -34.75
CA MET D 211 28.69 -31.06 -34.31
C MET D 211 27.50 -31.58 -33.50
N ASN D 212 26.30 -31.53 -34.09
CA ASN D 212 25.08 -31.83 -33.33
C ASN D 212 25.03 -33.28 -32.86
N ASP D 213 25.71 -34.20 -33.55
CA ASP D 213 25.71 -35.60 -33.15
C ASP D 213 26.80 -35.95 -32.13
N GLN D 214 27.67 -35.00 -31.78
CA GLN D 214 28.71 -35.22 -30.76
C GLN D 214 28.71 -34.10 -29.73
N PRO D 215 27.63 -33.97 -28.95
CA PRO D 215 27.62 -32.92 -27.90
C PRO D 215 28.76 -33.06 -26.90
N GLU D 216 29.27 -34.27 -26.68
CA GLU D 216 30.35 -34.50 -25.73
C GLU D 216 31.71 -34.07 -26.25
N LYS D 217 31.82 -33.65 -27.52
CA LYS D 217 33.10 -33.30 -28.12
C LYS D 217 33.17 -31.83 -28.56
N THR D 218 32.20 -31.00 -28.17
CA THR D 218 32.15 -29.62 -28.62
C THR D 218 31.57 -28.79 -27.49
N PRO D 219 32.00 -27.52 -27.32
CA PRO D 219 32.97 -26.78 -28.13
C PRO D 219 34.42 -27.14 -27.78
N ARG D 220 35.39 -26.66 -28.57
CA ARG D 220 36.79 -27.10 -28.45
C ARG D 220 37.70 -25.89 -28.57
N PRO D 221 37.75 -25.06 -27.52
CA PRO D 221 38.51 -23.80 -27.60
C PRO D 221 40.00 -24.06 -27.87
N PHE D 222 40.53 -23.30 -28.83
CA PHE D 222 41.92 -23.34 -29.27
C PHE D 222 42.29 -24.61 -30.03
N ASP D 223 41.33 -25.49 -30.28
CA ASP D 223 41.59 -26.78 -30.93
C ASP D 223 41.61 -26.63 -32.45
N ALA D 224 42.48 -27.41 -33.09
CA ALA D 224 42.66 -27.32 -34.53
C ALA D 224 41.40 -27.74 -35.30
N LYS D 225 40.49 -28.47 -34.67
CA LYS D 225 39.27 -28.95 -35.32
C LYS D 225 38.02 -28.27 -34.78
N ARG D 226 38.18 -27.15 -34.07
CA ARG D 226 37.00 -26.48 -33.54
C ARG D 226 36.15 -25.93 -34.68
N ASP D 227 34.86 -25.80 -34.43
CA ASP D 227 33.99 -25.28 -35.49
C ASP D 227 32.95 -24.29 -34.96
N GLY D 228 33.24 -23.60 -33.86
CA GLY D 228 32.38 -22.55 -33.38
C GLY D 228 31.91 -22.79 -31.95
N LEU D 229 31.19 -21.81 -31.43
CA LEU D 229 30.77 -21.81 -30.04
C LEU D 229 29.47 -22.58 -29.86
N VAL D 230 29.14 -22.84 -28.60
CA VAL D 230 27.87 -23.39 -28.16
C VAL D 230 27.39 -22.53 -27.01
N ILE D 231 26.12 -22.10 -27.02
CA ILE D 231 25.69 -21.18 -25.96
C ILE D 231 25.09 -21.95 -24.78
N GLY D 232 25.20 -21.32 -23.62
CA GLY D 232 24.66 -21.88 -22.40
C GLY D 232 23.94 -20.79 -21.62
N GLU D 233 23.52 -21.11 -20.39
CA GLU D 233 22.87 -20.14 -19.54
C GLU D 233 23.39 -20.33 -18.13
N GLY D 234 23.04 -19.41 -17.26
CA GLY D 234 23.36 -19.54 -15.85
C GLY D 234 23.51 -18.17 -15.22
N ALA D 235 24.13 -18.15 -14.04
CA ALA D 235 24.40 -16.90 -13.35
C ALA D 235 25.65 -17.07 -12.51
N GLY D 236 26.37 -15.98 -12.29
CA GLY D 236 27.44 -15.95 -11.31
C GLY D 236 27.41 -14.66 -10.52
N CYS D 237 27.88 -14.75 -9.28
CA CYS D 237 27.81 -13.58 -8.41
C CYS D 237 28.98 -13.58 -7.42
N LEU D 238 29.66 -12.43 -7.31
CA LEU D 238 30.64 -12.20 -6.26
C LEU D 238 30.12 -11.11 -5.31
N ILE D 239 30.40 -11.27 -4.03
CA ILE D 239 30.17 -10.20 -3.05
C ILE D 239 31.51 -9.52 -2.81
N LEU D 240 31.63 -8.27 -3.26
CA LEU D 240 32.83 -7.50 -3.03
C LEU D 240 32.64 -6.60 -1.81
N GLU D 241 33.74 -6.36 -1.10
CA GLU D 241 33.66 -5.67 0.19
C GLU D 241 34.96 -4.91 0.42
N GLU D 242 34.85 -3.73 1.03
CA GLU D 242 36.03 -2.98 1.40
C GLU D 242 36.85 -3.75 2.43
N TYR D 243 38.18 -3.70 2.29
CA TYR D 243 39.06 -4.63 2.99
C TYR D 243 38.98 -4.45 4.52
N GLU D 244 39.08 -3.20 5.00
CA GLU D 244 39.04 -2.99 6.46
C GLU D 244 37.70 -3.42 7.05
N HIS D 245 36.60 -3.18 6.32
CA HIS D 245 35.29 -3.65 6.75
C HIS D 245 35.25 -5.17 6.87
N ALA D 246 35.82 -5.88 5.88
CA ALA D 246 35.85 -7.34 5.92
C ALA D 246 36.71 -7.85 7.07
N LYS D 247 37.89 -7.25 7.24
CA LYS D 247 38.78 -7.65 8.33
C LYS D 247 38.16 -7.35 9.69
N ALA D 248 37.47 -6.21 9.83
CA ALA D 248 36.92 -5.84 11.13
C ALA D 248 35.89 -6.84 11.62
N ARG D 249 35.19 -7.54 10.72
CA ARG D 249 34.18 -8.50 11.12
C ARG D 249 34.67 -9.95 11.01
N GLY D 250 35.96 -10.16 10.72
CA GLY D 250 36.52 -11.50 10.67
C GLY D 250 36.06 -12.35 9.51
N ALA D 251 35.66 -11.71 8.42
CA ALA D 251 35.08 -12.44 7.30
C ALA D 251 36.12 -13.31 6.59
N HIS D 252 35.67 -14.43 6.04
CA HIS D 252 36.54 -15.19 5.14
C HIS D 252 36.72 -14.43 3.83
N ILE D 253 37.95 -14.41 3.34
CA ILE D 253 38.27 -13.66 2.12
C ILE D 253 38.76 -14.64 1.07
N TYR D 254 38.04 -14.71 -0.04
CA TYR D 254 38.36 -15.67 -1.09
C TYR D 254 39.43 -15.13 -2.05
N ALA D 255 39.52 -13.80 -2.16
CA ALA D 255 40.49 -13.16 -3.05
C ALA D 255 40.41 -11.66 -2.83
N GLU D 256 41.47 -10.97 -3.27
CA GLU D 256 41.49 -9.53 -3.38
C GLU D 256 41.40 -9.18 -4.86
N VAL D 257 40.53 -8.22 -5.21
CA VAL D 257 40.52 -7.70 -6.57
C VAL D 257 41.56 -6.60 -6.62
N ILE D 258 42.57 -6.75 -7.48
CA ILE D 258 43.67 -5.79 -7.54
C ILE D 258 43.77 -5.05 -8.86
N GLY D 259 43.13 -5.50 -9.94
CA GLY D 259 43.21 -4.78 -11.20
C GLY D 259 41.99 -4.99 -12.07
N TYR D 260 41.61 -3.92 -12.79
CA TYR D 260 40.54 -3.97 -13.77
C TYR D 260 40.95 -3.11 -14.95
N GLY D 261 40.91 -3.68 -16.13
CA GLY D 261 41.12 -2.92 -17.36
C GLY D 261 39.97 -3.11 -18.31
N SER D 262 39.60 -2.04 -19.01
CA SER D 262 38.57 -2.16 -20.02
C SER D 262 38.90 -1.19 -21.14
N ASN D 263 38.72 -1.64 -22.38
CA ASN D 263 38.87 -0.74 -23.53
C ASN D 263 38.02 -1.27 -24.67
N THR D 264 38.20 -0.72 -25.87
CA THR D 264 37.30 -1.00 -26.98
C THR D 264 38.11 -1.13 -28.26
N ASP D 265 37.74 -2.09 -29.11
CA ASP D 265 38.48 -2.30 -30.35
C ASP D 265 38.33 -1.11 -31.29
N GLY D 266 37.13 -0.55 -31.39
CA GLY D 266 36.91 0.59 -32.27
C GLY D 266 37.02 0.28 -33.76
N GLN D 267 36.75 -0.96 -34.16
CA GLN D 267 36.97 -1.34 -35.55
C GLN D 267 35.75 -2.05 -36.13
N HIS D 268 35.31 -3.10 -35.47
CA HIS D 268 34.27 -3.94 -36.04
C HIS D 268 33.33 -4.37 -34.93
N VAL D 269 32.08 -4.63 -35.31
CA VAL D 269 31.06 -4.96 -34.35
C VAL D 269 31.20 -6.41 -33.83
N THR D 270 31.75 -7.32 -34.65
CA THR D 270 31.82 -8.74 -34.29
C THR D 270 33.21 -9.38 -34.37
N ARG D 271 34.16 -8.83 -35.14
CA ARG D 271 35.47 -9.48 -35.30
C ARG D 271 36.49 -8.81 -34.38
N PRO D 272 37.04 -9.52 -33.39
CA PRO D 272 37.92 -8.86 -32.42
C PRO D 272 39.26 -8.47 -33.03
N GLU D 273 39.85 -7.45 -32.44
CA GLU D 273 41.16 -6.93 -32.83
C GLU D 273 42.16 -7.35 -31.75
N SER D 274 43.13 -8.21 -32.13
CA SER D 274 44.11 -8.73 -31.18
C SER D 274 44.88 -7.60 -30.48
N GLU D 275 45.23 -6.55 -31.22
CA GLU D 275 46.05 -5.50 -30.61
C GLU D 275 45.32 -4.84 -29.43
N MET D 276 44.03 -4.53 -29.59
CA MET D 276 43.31 -3.88 -28.51
C MET D 276 43.02 -4.84 -27.36
N MET D 277 42.83 -6.12 -27.64
CA MET D 277 42.68 -7.09 -26.56
C MET D 277 43.91 -7.10 -25.67
N GLY D 278 45.10 -7.06 -26.29
CA GLY D 278 46.33 -7.01 -25.51
C GLY D 278 46.47 -5.74 -24.70
N ARG D 279 46.10 -4.60 -25.28
CA ARG D 279 46.17 -3.36 -24.51
C ARG D 279 45.27 -3.39 -23.29
N CYS D 280 44.10 -4.06 -23.40
CA CYS D 280 43.23 -4.19 -22.25
C CYS D 280 43.89 -4.97 -21.12
N MET D 281 44.61 -6.03 -21.46
CA MET D 281 45.36 -6.74 -20.42
C MET D 281 46.44 -5.86 -19.82
N GLU D 282 47.07 -5.01 -20.65
CA GLU D 282 48.06 -4.08 -20.14
C GLU D 282 47.45 -3.06 -19.20
N LEU D 283 46.22 -2.61 -19.50
CA LEU D 283 45.55 -1.67 -18.60
C LEU D 283 45.30 -2.29 -17.23
N ALA D 284 44.93 -3.57 -17.21
CA ALA D 284 44.71 -4.27 -15.94
C ALA D 284 46.01 -4.41 -15.15
N LEU D 285 47.10 -4.82 -15.81
CA LEU D 285 48.41 -4.91 -15.15
C LEU D 285 48.83 -3.57 -14.53
N LYS D 286 48.64 -2.48 -15.27
CA LYS D 286 48.99 -1.15 -14.76
C LYS D 286 48.13 -0.80 -13.55
N ASP D 287 46.82 -1.05 -13.64
CA ASP D 287 45.93 -0.78 -12.52
C ASP D 287 46.35 -1.56 -11.28
N ALA D 288 46.81 -2.79 -11.47
CA ALA D 288 47.22 -3.66 -10.37
C ALA D 288 48.66 -3.42 -9.94
N SER D 289 49.41 -2.58 -10.66
CA SER D 289 50.86 -2.40 -10.44
C SER D 289 51.59 -3.74 -10.32
N VAL D 290 51.29 -4.67 -11.23
CA VAL D 290 52.04 -5.92 -11.31
C VAL D 290 52.52 -6.05 -12.75
N GLU D 291 53.47 -6.97 -12.95
CA GLU D 291 54.03 -7.24 -14.26
C GLU D 291 53.51 -8.55 -14.82
N ALA D 292 53.67 -8.71 -16.13
CA ALA D 292 53.25 -9.94 -16.81
C ALA D 292 53.84 -11.17 -16.13
N LYS D 293 55.10 -11.07 -15.68
CA LYS D 293 55.76 -12.16 -14.98
C LYS D 293 54.98 -12.61 -13.73
N ASP D 294 54.25 -11.70 -13.09
CA ASP D 294 53.54 -12.03 -11.85
C ASP D 294 52.22 -12.75 -12.06
N ILE D 295 51.72 -12.83 -13.30
CA ILE D 295 50.48 -13.56 -13.58
C ILE D 295 50.77 -15.05 -13.62
N ALA D 296 50.12 -15.83 -12.74
CA ALA D 296 50.38 -17.25 -12.69
C ALA D 296 49.50 -18.06 -13.63
N TYR D 297 48.33 -17.54 -14.00
CA TYR D 297 47.35 -18.30 -14.77
C TYR D 297 46.37 -17.31 -15.38
N VAL D 298 45.92 -17.60 -16.60
CA VAL D 298 44.96 -16.80 -17.33
C VAL D 298 43.72 -17.64 -17.58
N ASN D 299 42.57 -17.15 -17.16
CA ASN D 299 41.33 -17.77 -17.59
C ASN D 299 40.88 -17.08 -18.88
N ALA D 300 41.00 -17.80 -19.99
CA ALA D 300 40.68 -17.25 -21.31
C ALA D 300 39.19 -16.97 -21.44
N HIS D 301 38.85 -16.02 -22.30
CA HIS D 301 37.51 -15.97 -22.85
C HIS D 301 37.21 -17.27 -23.61
N GLY D 302 38.01 -17.55 -24.64
CA GLY D 302 38.03 -18.88 -25.23
C GLY D 302 36.69 -19.47 -25.67
N THR D 303 36.04 -18.80 -26.62
CA THR D 303 34.69 -19.15 -27.08
C THR D 303 34.64 -20.34 -28.01
N SER D 304 35.77 -20.70 -28.63
CA SER D 304 35.87 -21.76 -29.64
C SER D 304 35.44 -21.30 -31.02
N THR D 305 35.35 -20.00 -31.29
CA THR D 305 35.22 -19.58 -32.68
C THR D 305 36.60 -19.51 -33.33
N ASP D 306 36.61 -19.45 -34.66
CA ASP D 306 37.86 -19.51 -35.40
C ASP D 306 38.73 -18.29 -35.11
N GLN D 307 38.24 -17.10 -35.50
CA GLN D 307 39.02 -15.88 -35.35
C GLN D 307 39.07 -15.40 -33.90
N GLY D 308 38.05 -15.70 -33.09
CA GLY D 308 38.10 -15.31 -31.70
C GLY D 308 39.29 -15.91 -30.96
N ASP D 309 39.45 -17.23 -31.04
CA ASP D 309 40.52 -17.89 -30.27
C ASP D 309 41.90 -17.46 -30.75
N VAL D 310 42.07 -17.25 -32.06
CA VAL D 310 43.37 -16.82 -32.58
C VAL D 310 43.70 -15.42 -32.06
N ALA D 311 42.76 -14.47 -32.20
CA ALA D 311 43.00 -13.10 -31.76
C ALA D 311 43.31 -13.04 -30.26
N GLU D 312 42.53 -13.75 -29.45
CA GLU D 312 42.75 -13.71 -28.00
C GLU D 312 44.09 -14.34 -27.62
N SER D 313 44.37 -15.54 -28.14
CA SER D 313 45.58 -16.23 -27.74
C SER D 313 46.82 -15.49 -28.23
N GLN D 314 46.74 -14.90 -29.42
CA GLN D 314 47.88 -14.12 -29.89
C GLN D 314 48.11 -12.89 -29.02
N ALA D 315 47.03 -12.21 -28.63
CA ALA D 315 47.19 -11.05 -27.74
C ALA D 315 47.75 -11.46 -26.39
N THR D 316 47.23 -12.57 -25.84
CA THR D 316 47.71 -13.02 -24.54
C THR D 316 49.20 -13.31 -24.59
N ALA D 317 49.65 -14.02 -25.64
CA ALA D 317 51.08 -14.35 -25.73
C ALA D 317 51.94 -13.10 -25.91
N LYS D 318 51.47 -12.14 -26.69
CA LYS D 318 52.28 -10.94 -26.92
C LYS D 318 52.46 -10.13 -25.65
N VAL D 319 51.40 -9.98 -24.86
CA VAL D 319 51.46 -9.10 -23.68
C VAL D 319 51.95 -9.84 -22.44
N LEU D 320 51.56 -11.09 -22.26
CA LEU D 320 51.90 -11.82 -21.04
C LEU D 320 53.02 -12.84 -21.22
N GLY D 321 53.33 -13.21 -22.45
CA GLY D 321 54.29 -14.26 -22.67
C GLY D 321 53.65 -15.63 -22.47
N TYR D 322 54.52 -16.60 -22.18
CA TYR D 322 54.13 -18.00 -22.03
C TYR D 322 53.52 -18.21 -20.64
N LYS D 323 52.20 -18.35 -20.58
CA LYS D 323 51.43 -18.44 -19.34
C LYS D 323 50.48 -19.63 -19.42
N PRO D 324 50.22 -20.29 -18.29
CA PRO D 324 49.14 -21.28 -18.25
C PRO D 324 47.80 -20.63 -18.57
N ILE D 325 46.99 -21.33 -19.37
CA ILE D 325 45.72 -20.79 -19.82
C ILE D 325 44.75 -21.93 -20.06
N SER D 326 43.48 -21.70 -19.74
CA SER D 326 42.43 -22.63 -20.13
C SER D 326 41.13 -21.86 -20.27
N SER D 327 40.16 -22.51 -20.92
CA SER D 327 38.83 -21.92 -21.13
C SER D 327 37.75 -22.82 -20.52
N LEU D 328 36.92 -22.22 -19.66
CA LEU D 328 35.82 -22.98 -19.06
C LEU D 328 34.62 -23.05 -19.98
N LYS D 329 34.60 -22.30 -21.08
CA LYS D 329 33.52 -22.47 -22.04
C LYS D 329 33.54 -23.86 -22.68
N SER D 330 34.62 -24.62 -22.49
CA SER D 330 34.64 -26.00 -22.92
C SER D 330 33.74 -26.89 -22.06
N TYR D 331 33.34 -26.42 -20.88
CA TYR D 331 32.42 -27.15 -20.01
C TYR D 331 31.00 -26.60 -20.03
N PHE D 332 30.85 -25.26 -20.05
CA PHE D 332 29.55 -24.61 -19.94
C PHE D 332 29.01 -24.13 -21.28
N GLY D 333 29.81 -24.17 -22.34
CA GLY D 333 29.51 -23.35 -23.49
C GLY D 333 29.70 -21.88 -23.12
N HIS D 334 29.30 -21.03 -24.07
CA HIS D 334 29.37 -19.58 -23.89
C HIS D 334 28.09 -19.14 -23.19
N THR D 335 28.20 -18.79 -21.91
CA THR D 335 27.02 -18.40 -21.13
C THR D 335 26.73 -16.90 -21.23
N LEU D 336 27.35 -16.20 -22.18
CA LEU D 336 26.95 -14.86 -22.59
C LEU D 336 27.06 -13.90 -21.40
N GLY D 337 25.97 -13.28 -20.95
CA GLY D 337 26.07 -12.31 -19.87
C GLY D 337 26.61 -12.89 -18.58
N ALA D 338 26.44 -14.20 -18.39
CA ALA D 338 26.91 -14.85 -17.16
C ALA D 338 28.40 -15.18 -17.18
N CYS D 339 29.04 -15.21 -18.35
CA CYS D 339 30.30 -15.94 -18.43
C CYS D 339 31.40 -15.27 -17.60
N GLY D 340 31.48 -13.94 -17.63
CA GLY D 340 32.52 -13.26 -16.88
C GLY D 340 32.43 -13.50 -15.38
N ALA D 341 31.20 -13.61 -14.86
CA ALA D 341 31.06 -13.84 -13.42
C ALA D 341 31.30 -15.30 -13.06
N ILE D 342 30.75 -16.22 -13.83
CA ILE D 342 31.01 -17.65 -13.60
C ILE D 342 32.51 -17.94 -13.68
N GLU D 343 33.18 -17.37 -14.67
CA GLU D 343 34.61 -17.64 -14.85
C GLU D 343 35.44 -17.00 -13.76
N ALA D 344 35.06 -15.80 -13.30
CA ALA D 344 35.78 -15.20 -12.19
C ALA D 344 35.63 -16.05 -10.93
N TRP D 345 34.39 -16.43 -10.61
CA TRP D 345 34.11 -17.28 -9.47
C TRP D 345 34.96 -18.55 -9.47
N LEU D 346 34.89 -19.31 -10.55
CA LEU D 346 35.55 -20.60 -10.53
C LEU D 346 37.06 -20.48 -10.68
N SER D 347 37.56 -19.39 -11.29
CA SER D 347 39.01 -19.14 -11.32
C SER D 347 39.53 -18.84 -9.93
N ILE D 348 38.77 -18.09 -9.12
CA ILE D 348 39.16 -17.88 -7.74
C ILE D 348 39.16 -19.22 -7.00
N GLU D 349 38.17 -20.08 -7.27
CA GLU D 349 38.16 -21.42 -6.67
C GLU D 349 39.41 -22.21 -7.07
N MET D 350 39.80 -22.13 -8.34
CA MET D 350 41.03 -22.79 -8.77
C MET D 350 42.22 -22.31 -7.95
N MET D 351 42.34 -20.97 -7.79
CA MET D 351 43.44 -20.39 -7.02
C MET D 351 43.43 -20.88 -5.58
N ASN D 352 42.26 -20.92 -4.96
CA ASN D 352 42.21 -21.38 -3.56
C ASN D 352 42.46 -22.88 -3.44
N ARG D 353 42.12 -23.66 -4.47
CA ARG D 353 42.43 -25.08 -4.49
C ARG D 353 43.84 -25.37 -4.97
N GLY D 354 44.52 -24.39 -5.56
CA GLY D 354 45.81 -24.64 -6.19
C GLY D 354 45.72 -25.61 -7.34
N ARG D 355 44.58 -25.66 -8.03
CA ARG D 355 44.31 -26.69 -9.03
C ARG D 355 43.55 -26.07 -10.20
N PHE D 356 44.17 -26.06 -11.37
CA PHE D 356 43.67 -25.29 -12.50
C PHE D 356 43.18 -26.23 -13.60
N ILE D 357 41.94 -26.01 -14.02
CA ILE D 357 41.19 -26.93 -14.86
C ILE D 357 41.67 -26.89 -16.31
N PRO D 358 41.82 -28.04 -16.98
CA PRO D 358 42.19 -28.01 -18.39
C PRO D 358 41.02 -27.60 -19.27
N THR D 359 41.33 -27.17 -20.50
CA THR D 359 40.30 -26.97 -21.51
C THR D 359 39.82 -28.33 -22.00
N LEU D 360 38.53 -28.62 -21.78
CA LEU D 360 37.99 -29.89 -22.23
C LEU D 360 37.97 -29.94 -23.74
N ASN D 361 38.29 -31.12 -24.29
CA ASN D 361 38.23 -31.39 -25.72
C ASN D 361 39.27 -30.60 -26.51
N LEU D 362 40.28 -30.07 -25.83
CA LEU D 362 41.44 -29.46 -26.50
C LEU D 362 42.43 -30.57 -26.75
N ASP D 363 42.36 -31.16 -27.94
CA ASP D 363 43.12 -32.37 -28.27
C ASP D 363 44.32 -32.10 -29.17
N GLU D 364 44.23 -31.12 -30.06
CA GLU D 364 45.36 -30.72 -30.89
C GLU D 364 45.36 -29.20 -30.94
N ILE D 365 46.38 -28.59 -30.35
CA ILE D 365 46.41 -27.14 -30.24
C ILE D 365 46.61 -26.54 -31.63
N ASP D 366 45.74 -25.60 -31.99
CA ASP D 366 45.84 -24.91 -33.26
C ASP D 366 47.19 -24.20 -33.38
N SER D 367 47.93 -24.51 -34.44
CA SER D 367 49.23 -23.87 -34.66
C SER D 367 49.09 -22.39 -34.97
N LEU D 368 47.89 -21.91 -35.31
CA LEU D 368 47.68 -20.48 -35.51
C LEU D 368 47.45 -19.72 -34.21
N CYS D 369 47.17 -20.43 -33.11
CA CYS D 369 46.96 -19.77 -31.83
C CYS D 369 48.31 -19.43 -31.20
N GLY D 370 48.28 -18.55 -30.20
CA GLY D 370 49.50 -18.05 -29.61
C GLY D 370 50.26 -19.12 -28.84
N GLU D 371 51.54 -18.81 -28.57
CA GLU D 371 52.44 -19.73 -27.88
C GLU D 371 52.21 -19.61 -26.38
N LEU D 372 51.29 -20.40 -25.87
CA LEU D 372 50.95 -20.37 -24.45
C LEU D 372 51.10 -21.77 -23.87
N ASP D 373 50.99 -21.83 -22.55
CA ASP D 373 50.99 -23.10 -21.83
C ASP D 373 49.54 -23.55 -21.66
N TYR D 374 49.01 -24.22 -22.69
CA TYR D 374 47.62 -24.66 -22.65
C TYR D 374 47.47 -25.84 -21.70
N ILE D 375 46.67 -25.68 -20.65
CA ILE D 375 46.40 -26.80 -19.75
C ILE D 375 45.44 -27.76 -20.46
N VAL D 376 45.82 -29.03 -20.58
CA VAL D 376 45.09 -30.05 -21.32
C VAL D 376 45.14 -31.36 -20.54
N GLN D 377 44.14 -32.22 -20.78
CA GLN D 377 44.02 -33.60 -20.29
C GLN D 377 43.74 -33.72 -18.79
N GLN D 378 44.54 -33.10 -17.94
CA GLN D 378 44.33 -33.16 -16.51
C GLN D 378 44.56 -31.79 -15.90
N PRO D 379 44.00 -31.53 -14.73
CA PRO D 379 44.27 -30.26 -14.06
C PRO D 379 45.75 -30.11 -13.73
N ARG D 380 46.19 -28.86 -13.64
CA ARG D 380 47.55 -28.50 -13.28
C ARG D 380 47.56 -27.92 -11.87
N ASN D 381 48.36 -28.50 -10.99
CA ASN D 381 48.57 -27.90 -9.68
C ASN D 381 49.55 -26.74 -9.78
N LEU D 382 49.15 -25.59 -9.26
CA LEU D 382 49.94 -24.36 -9.31
C LEU D 382 49.88 -23.68 -7.97
N ASP D 383 51.02 -23.20 -7.49
CA ASP D 383 51.08 -22.30 -6.33
C ASP D 383 50.90 -20.87 -6.82
N ALA D 384 49.69 -20.61 -7.30
CA ALA D 384 49.37 -19.35 -7.99
C ALA D 384 48.94 -18.30 -6.98
N ASP D 385 49.62 -17.15 -7.01
CA ASP D 385 49.29 -16.06 -6.13
C ASP D 385 48.43 -14.98 -6.78
N ILE D 386 48.54 -14.83 -8.10
CA ILE D 386 47.82 -13.81 -8.87
C ILE D 386 47.32 -14.46 -10.15
N ILE D 387 46.05 -14.22 -10.49
CA ILE D 387 45.44 -14.78 -11.69
C ILE D 387 44.76 -13.66 -12.48
N MET D 388 44.55 -13.92 -13.77
CA MET D 388 43.89 -12.97 -14.66
C MET D 388 42.70 -13.65 -15.34
N SER D 389 41.60 -12.94 -15.50
CA SER D 389 40.45 -13.46 -16.23
C SER D 389 39.98 -12.45 -17.27
N ASN D 390 39.87 -12.89 -18.53
CA ASN D 390 39.64 -11.98 -19.64
C ASN D 390 38.32 -12.29 -20.32
N ASN D 391 37.65 -11.26 -20.84
CA ASN D 391 36.42 -11.44 -21.59
C ASN D 391 36.33 -10.38 -22.68
N PHE D 392 35.73 -10.76 -23.81
CA PHE D 392 35.61 -9.89 -24.97
C PHE D 392 34.21 -10.05 -25.55
N ALA D 393 33.62 -8.95 -26.02
CA ALA D 393 32.20 -8.96 -26.34
C ALA D 393 31.96 -8.27 -27.67
N PHE D 394 30.71 -8.31 -28.13
CA PHE D 394 30.29 -7.54 -29.29
C PHE D 394 30.57 -6.07 -29.06
N GLY D 395 30.77 -5.34 -30.16
CA GLY D 395 31.24 -3.98 -30.07
C GLY D 395 32.70 -3.85 -29.75
N GLY D 396 33.43 -4.96 -29.75
CA GLY D 396 34.83 -4.91 -29.39
C GLY D 396 35.07 -4.46 -27.96
N ILE D 397 34.15 -4.78 -27.03
CA ILE D 397 34.32 -4.39 -25.64
C ILE D 397 35.15 -5.46 -24.94
N ASN D 398 36.21 -5.01 -24.28
CA ASN D 398 37.21 -5.88 -23.67
C ASN D 398 37.26 -5.62 -22.18
N THR D 399 37.37 -6.69 -21.38
CA THR D 399 37.62 -6.56 -19.96
C THR D 399 38.72 -7.54 -19.54
N SER D 400 39.45 -7.14 -18.52
CA SER D 400 40.51 -7.95 -17.94
C SER D 400 40.51 -7.70 -16.45
N LEU D 401 40.42 -8.78 -15.66
CA LEU D 401 40.33 -8.70 -14.20
C LEU D 401 41.51 -9.43 -13.58
N ILE D 402 42.10 -8.85 -12.54
CA ILE D 402 43.21 -9.46 -11.83
C ILE D 402 42.84 -9.66 -10.37
N PHE D 403 42.98 -10.89 -9.91
CA PHE D 403 42.68 -11.29 -8.55
C PHE D 403 43.95 -11.80 -7.88
N LYS D 404 44.07 -11.55 -6.58
CA LYS D 404 45.24 -11.92 -5.79
C LYS D 404 44.81 -12.78 -4.61
N ARG D 405 45.57 -13.85 -4.36
CA ARG D 405 45.34 -14.71 -3.21
C ARG D 405 45.47 -13.94 -1.90
N VAL D 406 44.66 -14.32 -0.92
CA VAL D 406 44.68 -13.70 0.40
C VAL D 406 44.92 -14.81 1.41
N LYS D 407 46.00 -14.68 2.19
CA LYS D 407 46.33 -15.61 3.25
C LYS D 407 45.86 -15.01 4.56
N GLN D 408 45.04 -15.75 5.30
CA GLN D 408 44.42 -15.23 6.51
C GLN D 408 44.92 -15.89 7.79
#